data_1YW5
# 
_entry.id   1YW5 
# 
_audit_conform.dict_name       mmcif_pdbx.dic 
_audit_conform.dict_version    5.387 
_audit_conform.dict_location   http://mmcif.pdb.org/dictionaries/ascii/mmcif_pdbx.dic 
# 
loop_
_database_2.database_id 
_database_2.database_code 
_database_2.pdbx_database_accession 
_database_2.pdbx_DOI 
PDB   1YW5         pdb_00001yw5 10.2210/pdb1yw5/pdb 
RCSB  RCSB031987   ?            ?                   
WWPDB D_1000031987 ?            ?                   
# 
loop_
_pdbx_audit_revision_history.ordinal 
_pdbx_audit_revision_history.data_content_type 
_pdbx_audit_revision_history.major_revision 
_pdbx_audit_revision_history.minor_revision 
_pdbx_audit_revision_history.revision_date 
1 'Structure model' 1 0 2005-04-26 
2 'Structure model' 1 1 2008-04-30 
3 'Structure model' 1 2 2011-07-13 
4 'Structure model' 1 3 2024-02-14 
# 
_pdbx_audit_revision_details.ordinal             1 
_pdbx_audit_revision_details.revision_ordinal    1 
_pdbx_audit_revision_details.data_content_type   'Structure model' 
_pdbx_audit_revision_details.provider            repository 
_pdbx_audit_revision_details.type                'Initial release' 
_pdbx_audit_revision_details.description         ? 
_pdbx_audit_revision_details.details             ? 
# 
loop_
_pdbx_audit_revision_group.ordinal 
_pdbx_audit_revision_group.revision_ordinal 
_pdbx_audit_revision_group.data_content_type 
_pdbx_audit_revision_group.group 
1 2 'Structure model' 'Version format compliance' 
2 3 'Structure model' 'Version format compliance' 
3 4 'Structure model' 'Data collection'           
4 4 'Structure model' 'Database references'       
# 
loop_
_pdbx_audit_revision_category.ordinal 
_pdbx_audit_revision_category.revision_ordinal 
_pdbx_audit_revision_category.data_content_type 
_pdbx_audit_revision_category.category 
1 4 'Structure model' chem_comp_atom 
2 4 'Structure model' chem_comp_bond 
3 4 'Structure model' database_2     
# 
loop_
_pdbx_audit_revision_item.ordinal 
_pdbx_audit_revision_item.revision_ordinal 
_pdbx_audit_revision_item.data_content_type 
_pdbx_audit_revision_item.item 
1 4 'Structure model' '_database_2.pdbx_DOI'                
2 4 'Structure model' '_database_2.pdbx_database_accession' 
# 
_pdbx_database_status.status_code                     REL 
_pdbx_database_status.entry_id                        1YW5 
_pdbx_database_status.recvd_initial_deposition_date   2005-02-17 
_pdbx_database_status.deposit_site                    RCSB 
_pdbx_database_status.process_site                    RCSB 
_pdbx_database_status.status_code_sf                  REL 
_pdbx_database_status.status_code_mr                  ? 
_pdbx_database_status.SG_entry                        ? 
_pdbx_database_status.pdb_format_compatible           Y 
_pdbx_database_status.status_code_cs                  ? 
_pdbx_database_status.status_code_nmr_data            ? 
_pdbx_database_status.methods_development_category    ? 
# 
loop_
_audit_author.name 
_audit_author.pdbx_ordinal 
'Li, Z.'          1 
'Li, H.'          2 
'Devasahayam, G.' 3 
'Gemmill, T.'     4 
'Chaturvedi, V.'  5 
'Hanes, S.D.'     6 
'Van Roey, P.'    7 
# 
_citation.id                        primary 
_citation.title                     
'The Structure of the Candida albicans Ess1 Prolyl Isomerase Reveals a Well-Ordered Linker that Restricts Domain Mobility' 
_citation.journal_abbrev            Biochemistry 
_citation.journal_volume            44 
_citation.page_first                6180 
_citation.page_last                 6189 
_citation.year                      2005 
_citation.journal_id_ASTM           BICHAW 
_citation.country                   US 
_citation.journal_id_ISSN           0006-2960 
_citation.journal_id_CSD            0033 
_citation.book_publisher            ? 
_citation.pdbx_database_id_PubMed   15835905 
_citation.pdbx_database_id_DOI      10.1021/bi050115l 
# 
loop_
_citation_author.citation_id 
_citation_author.name 
_citation_author.ordinal 
_citation_author.identifier_ORCID 
primary 'Li, Z.'          1 ? 
primary 'Li, H.'          2 ? 
primary 'Devasahayam, G.' 3 ? 
primary 'Gemmill, T.'     4 ? 
primary 'Chaturvedi, V.'  5 ? 
primary 'Hanes, S.D.'     6 ? 
primary 'Van Roey, P.'    7 ? 
# 
loop_
_entity.id 
_entity.type 
_entity.src_method 
_entity.pdbx_description 
_entity.formula_weight 
_entity.pdbx_number_of_molecules 
_entity.pdbx_ec 
_entity.pdbx_mutation 
_entity.pdbx_fragment 
_entity.details 
1 polymer man 'peptidyl prolyl cis/trans isomerase' 19883.117 1   5.2.1.8 ? ? ? 
2 water   nat water                                 18.015    369 ?       ? ? ? 
# 
_entity_poly.entity_id                      1 
_entity_poly.type                           'polypeptide(L)' 
_entity_poly.nstd_linkage                   no 
_entity_poly.nstd_monomer                   no 
_entity_poly.pdbx_seq_one_letter_code       
;MASTSTGLPPNWTIRVSRSHNKEYFLNQSTNESSWDPPYGTDKEVLNAYIAKFKNNGYKPLVNEDGQVRVSHLLIKNNQS
RKPKSWKSPDGISRTRDESIQILKKHLERILSGEVKLSELANTESDCSSHDRGGDLGFFSKGQMQPPFEEAAFNLHVGEV
SNIIETNSGVHILQRTG
;
_entity_poly.pdbx_seq_one_letter_code_can   
;MASTSTGLPPNWTIRVSRSHNKEYFLNQSTNESSWDPPYGTDKEVLNAYIAKFKNNGYKPLVNEDGQVRVSHLLIKNNQS
RKPKSWKSPDGISRTRDESIQILKKHLERILSGEVKLSELANTESDCSSHDRGGDLGFFSKGQMQPPFEEAAFNLHVGEV
SNIIETNSGVHILQRTG
;
_entity_poly.pdbx_strand_id                 A 
_entity_poly.pdbx_target_identifier         ? 
# 
_pdbx_entity_nonpoly.entity_id   2 
_pdbx_entity_nonpoly.name        water 
_pdbx_entity_nonpoly.comp_id     HOH 
# 
loop_
_entity_poly_seq.entity_id 
_entity_poly_seq.num 
_entity_poly_seq.mon_id 
_entity_poly_seq.hetero 
1 1   MET n 
1 2   ALA n 
1 3   SER n 
1 4   THR n 
1 5   SER n 
1 6   THR n 
1 7   GLY n 
1 8   LEU n 
1 9   PRO n 
1 10  PRO n 
1 11  ASN n 
1 12  TRP n 
1 13  THR n 
1 14  ILE n 
1 15  ARG n 
1 16  VAL n 
1 17  SER n 
1 18  ARG n 
1 19  SER n 
1 20  HIS n 
1 21  ASN n 
1 22  LYS n 
1 23  GLU n 
1 24  TYR n 
1 25  PHE n 
1 26  LEU n 
1 27  ASN n 
1 28  GLN n 
1 29  SER n 
1 30  THR n 
1 31  ASN n 
1 32  GLU n 
1 33  SER n 
1 34  SER n 
1 35  TRP n 
1 36  ASP n 
1 37  PRO n 
1 38  PRO n 
1 39  TYR n 
1 40  GLY n 
1 41  THR n 
1 42  ASP n 
1 43  LYS n 
1 44  GLU n 
1 45  VAL n 
1 46  LEU n 
1 47  ASN n 
1 48  ALA n 
1 49  TYR n 
1 50  ILE n 
1 51  ALA n 
1 52  LYS n 
1 53  PHE n 
1 54  LYS n 
1 55  ASN n 
1 56  ASN n 
1 57  GLY n 
1 58  TYR n 
1 59  LYS n 
1 60  PRO n 
1 61  LEU n 
1 62  VAL n 
1 63  ASN n 
1 64  GLU n 
1 65  ASP n 
1 66  GLY n 
1 67  GLN n 
1 68  VAL n 
1 69  ARG n 
1 70  VAL n 
1 71  SER n 
1 72  HIS n 
1 73  LEU n 
1 74  LEU n 
1 75  ILE n 
1 76  LYS n 
1 77  ASN n 
1 78  ASN n 
1 79  GLN n 
1 80  SER n 
1 81  ARG n 
1 82  LYS n 
1 83  PRO n 
1 84  LYS n 
1 85  SER n 
1 86  TRP n 
1 87  LYS n 
1 88  SER n 
1 89  PRO n 
1 90  ASP n 
1 91  GLY n 
1 92  ILE n 
1 93  SER n 
1 94  ARG n 
1 95  THR n 
1 96  ARG n 
1 97  ASP n 
1 98  GLU n 
1 99  SER n 
1 100 ILE n 
1 101 GLN n 
1 102 ILE n 
1 103 LEU n 
1 104 LYS n 
1 105 LYS n 
1 106 HIS n 
1 107 LEU n 
1 108 GLU n 
1 109 ARG n 
1 110 ILE n 
1 111 LEU n 
1 112 SER n 
1 113 GLY n 
1 114 GLU n 
1 115 VAL n 
1 116 LYS n 
1 117 LEU n 
1 118 SER n 
1 119 GLU n 
1 120 LEU n 
1 121 ALA n 
1 122 ASN n 
1 123 THR n 
1 124 GLU n 
1 125 SER n 
1 126 ASP n 
1 127 CYS n 
1 128 SER n 
1 129 SER n 
1 130 HIS n 
1 131 ASP n 
1 132 ARG n 
1 133 GLY n 
1 134 GLY n 
1 135 ASP n 
1 136 LEU n 
1 137 GLY n 
1 138 PHE n 
1 139 PHE n 
1 140 SER n 
1 141 LYS n 
1 142 GLY n 
1 143 GLN n 
1 144 MET n 
1 145 GLN n 
1 146 PRO n 
1 147 PRO n 
1 148 PHE n 
1 149 GLU n 
1 150 GLU n 
1 151 ALA n 
1 152 ALA n 
1 153 PHE n 
1 154 ASN n 
1 155 LEU n 
1 156 HIS n 
1 157 VAL n 
1 158 GLY n 
1 159 GLU n 
1 160 VAL n 
1 161 SER n 
1 162 ASN n 
1 163 ILE n 
1 164 ILE n 
1 165 GLU n 
1 166 THR n 
1 167 ASN n 
1 168 SER n 
1 169 GLY n 
1 170 VAL n 
1 171 HIS n 
1 172 ILE n 
1 173 LEU n 
1 174 GLN n 
1 175 ARG n 
1 176 THR n 
1 177 GLY n 
# 
_entity_src_gen.entity_id                          1 
_entity_src_gen.pdbx_src_id                        1 
_entity_src_gen.pdbx_alt_source_flag               sample 
_entity_src_gen.pdbx_seq_type                      ? 
_entity_src_gen.pdbx_beg_seq_num                   ? 
_entity_src_gen.pdbx_end_seq_num                   ? 
_entity_src_gen.gene_src_common_name               ? 
_entity_src_gen.gene_src_genus                     Candida 
_entity_src_gen.pdbx_gene_src_gene                 ? 
_entity_src_gen.gene_src_species                   ? 
_entity_src_gen.gene_src_strain                    ? 
_entity_src_gen.gene_src_tissue                    ? 
_entity_src_gen.gene_src_tissue_fraction           ? 
_entity_src_gen.gene_src_details                   ? 
_entity_src_gen.pdbx_gene_src_fragment             ? 
_entity_src_gen.pdbx_gene_src_scientific_name      'Candida albicans' 
_entity_src_gen.pdbx_gene_src_ncbi_taxonomy_id     5476 
_entity_src_gen.pdbx_gene_src_variant              ? 
_entity_src_gen.pdbx_gene_src_cell_line            ? 
_entity_src_gen.pdbx_gene_src_atcc                 ? 
_entity_src_gen.pdbx_gene_src_organ                ? 
_entity_src_gen.pdbx_gene_src_organelle            ? 
_entity_src_gen.pdbx_gene_src_cell                 ? 
_entity_src_gen.pdbx_gene_src_cellular_location    ? 
_entity_src_gen.host_org_common_name               ? 
_entity_src_gen.pdbx_host_org_scientific_name      'Escherichia coli' 
_entity_src_gen.pdbx_host_org_ncbi_taxonomy_id     562 
_entity_src_gen.host_org_genus                     Escherichia 
_entity_src_gen.pdbx_host_org_gene                 ? 
_entity_src_gen.pdbx_host_org_organ                ? 
_entity_src_gen.host_org_species                   ? 
_entity_src_gen.pdbx_host_org_tissue               ? 
_entity_src_gen.pdbx_host_org_tissue_fraction      ? 
_entity_src_gen.pdbx_host_org_strain               'BL21(31)' 
_entity_src_gen.pdbx_host_org_variant              ? 
_entity_src_gen.pdbx_host_org_cell_line            ? 
_entity_src_gen.pdbx_host_org_atcc                 ? 
_entity_src_gen.pdbx_host_org_culture_collection   ? 
_entity_src_gen.pdbx_host_org_cell                 ? 
_entity_src_gen.pdbx_host_org_organelle            ? 
_entity_src_gen.pdbx_host_org_cellular_location    ? 
_entity_src_gen.pdbx_host_org_vector_type          plasmid 
_entity_src_gen.pdbx_host_org_vector               ? 
_entity_src_gen.host_org_details                   ? 
_entity_src_gen.expression_system_id               ? 
_entity_src_gen.plasmid_name                       pET28a 
_entity_src_gen.plasmid_details                    ? 
_entity_src_gen.pdbx_description                   ? 
# 
loop_
_chem_comp.id 
_chem_comp.type 
_chem_comp.mon_nstd_flag 
_chem_comp.name 
_chem_comp.pdbx_synonyms 
_chem_comp.formula 
_chem_comp.formula_weight 
ALA 'L-peptide linking' y ALANINE         ? 'C3 H7 N O2'     89.093  
ARG 'L-peptide linking' y ARGININE        ? 'C6 H15 N4 O2 1' 175.209 
ASN 'L-peptide linking' y ASPARAGINE      ? 'C4 H8 N2 O3'    132.118 
ASP 'L-peptide linking' y 'ASPARTIC ACID' ? 'C4 H7 N O4'     133.103 
CYS 'L-peptide linking' y CYSTEINE        ? 'C3 H7 N O2 S'   121.158 
GLN 'L-peptide linking' y GLUTAMINE       ? 'C5 H10 N2 O3'   146.144 
GLU 'L-peptide linking' y 'GLUTAMIC ACID' ? 'C5 H9 N O4'     147.129 
GLY 'peptide linking'   y GLYCINE         ? 'C2 H5 N O2'     75.067  
HIS 'L-peptide linking' y HISTIDINE       ? 'C6 H10 N3 O2 1' 156.162 
HOH non-polymer         . WATER           ? 'H2 O'           18.015  
ILE 'L-peptide linking' y ISOLEUCINE      ? 'C6 H13 N O2'    131.173 
LEU 'L-peptide linking' y LEUCINE         ? 'C6 H13 N O2'    131.173 
LYS 'L-peptide linking' y LYSINE          ? 'C6 H15 N2 O2 1' 147.195 
MET 'L-peptide linking' y METHIONINE      ? 'C5 H11 N O2 S'  149.211 
PHE 'L-peptide linking' y PHENYLALANINE   ? 'C9 H11 N O2'    165.189 
PRO 'L-peptide linking' y PROLINE         ? 'C5 H9 N O2'     115.130 
SER 'L-peptide linking' y SERINE          ? 'C3 H7 N O3'     105.093 
THR 'L-peptide linking' y THREONINE       ? 'C4 H9 N O3'     119.119 
TRP 'L-peptide linking' y TRYPTOPHAN      ? 'C11 H12 N2 O2'  204.225 
TYR 'L-peptide linking' y TYROSINE        ? 'C9 H11 N O3'    181.189 
VAL 'L-peptide linking' y VALINE          ? 'C5 H11 N O2'    117.146 
# 
loop_
_pdbx_poly_seq_scheme.asym_id 
_pdbx_poly_seq_scheme.entity_id 
_pdbx_poly_seq_scheme.seq_id 
_pdbx_poly_seq_scheme.mon_id 
_pdbx_poly_seq_scheme.ndb_seq_num 
_pdbx_poly_seq_scheme.pdb_seq_num 
_pdbx_poly_seq_scheme.auth_seq_num 
_pdbx_poly_seq_scheme.pdb_mon_id 
_pdbx_poly_seq_scheme.auth_mon_id 
_pdbx_poly_seq_scheme.pdb_strand_id 
_pdbx_poly_seq_scheme.pdb_ins_code 
_pdbx_poly_seq_scheme.hetero 
A 1 1   MET 1   1   1   MET MET A . n 
A 1 2   ALA 2   2   2   ALA ALA A . n 
A 1 3   SER 3   3   3   SER SER A . n 
A 1 4   THR 4   4   4   THR THR A . n 
A 1 5   SER 5   5   5   SER SER A . n 
A 1 6   THR 6   6   6   THR THR A . n 
A 1 7   GLY 7   7   7   GLY GLY A . n 
A 1 8   LEU 8   8   8   LEU LEU A . n 
A 1 9   PRO 9   9   9   PRO PRO A . n 
A 1 10  PRO 10  10  10  PRO PRO A . n 
A 1 11  ASN 11  11  11  ASN ASN A . n 
A 1 12  TRP 12  12  12  TRP TRP A . n 
A 1 13  THR 13  13  13  THR THR A . n 
A 1 14  ILE 14  14  14  ILE ILE A . n 
A 1 15  ARG 15  15  15  ARG ARG A . n 
A 1 16  VAL 16  16  16  VAL VAL A . n 
A 1 17  SER 17  17  17  SER SER A . n 
A 1 18  ARG 18  18  18  ARG ARG A . n 
A 1 19  SER 19  19  19  SER SER A . n 
A 1 20  HIS 20  20  20  HIS HIS A . n 
A 1 21  ASN 21  21  21  ASN ASN A . n 
A 1 22  LYS 22  22  22  LYS LYS A . n 
A 1 23  GLU 23  23  23  GLU GLU A . n 
A 1 24  TYR 24  24  24  TYR TYR A . n 
A 1 25  PHE 25  25  25  PHE PHE A . n 
A 1 26  LEU 26  26  26  LEU LEU A . n 
A 1 27  ASN 27  27  27  ASN ASN A . n 
A 1 28  GLN 28  28  28  GLN GLN A . n 
A 1 29  SER 29  29  29  SER SER A . n 
A 1 30  THR 30  30  30  THR THR A . n 
A 1 31  ASN 31  31  31  ASN ASN A . n 
A 1 32  GLU 32  32  32  GLU GLU A . n 
A 1 33  SER 33  33  33  SER SER A . n 
A 1 34  SER 34  34  34  SER SER A . n 
A 1 35  TRP 35  35  35  TRP TRP A . n 
A 1 36  ASP 36  36  36  ASP ASP A . n 
A 1 37  PRO 37  37  37  PRO PRO A . n 
A 1 38  PRO 38  38  38  PRO PRO A . n 
A 1 39  TYR 39  39  39  TYR TYR A . n 
A 1 40  GLY 40  40  40  GLY GLY A . n 
A 1 41  THR 41  41  41  THR THR A . n 
A 1 42  ASP 42  42  42  ASP ASP A . n 
A 1 43  LYS 43  43  43  LYS LYS A . n 
A 1 44  GLU 44  44  44  GLU GLU A . n 
A 1 45  VAL 45  45  45  VAL VAL A . n 
A 1 46  LEU 46  46  46  LEU LEU A . n 
A 1 47  ASN 47  47  47  ASN ASN A . n 
A 1 48  ALA 48  48  48  ALA ALA A . n 
A 1 49  TYR 49  49  49  TYR TYR A . n 
A 1 50  ILE 50  50  50  ILE ILE A . n 
A 1 51  ALA 51  51  51  ALA ALA A . n 
A 1 52  LYS 52  52  52  LYS LYS A . n 
A 1 53  PHE 53  53  53  PHE PHE A . n 
A 1 54  LYS 54  54  54  LYS LYS A . n 
A 1 55  ASN 55  55  55  ASN ASN A . n 
A 1 56  ASN 56  56  56  ASN ASN A . n 
A 1 57  GLY 57  57  57  GLY GLY A . n 
A 1 58  TYR 58  58  58  TYR TYR A . n 
A 1 59  LYS 59  59  59  LYS LYS A . n 
A 1 60  PRO 60  60  60  PRO PRO A . n 
A 1 61  LEU 61  61  61  LEU LEU A . n 
A 1 62  VAL 62  62  62  VAL VAL A . n 
A 1 63  ASN 63  63  63  ASN ASN A . n 
A 1 64  GLU 64  64  64  GLU GLU A . n 
A 1 65  ASP 65  65  65  ASP ASP A . n 
A 1 66  GLY 66  66  66  GLY GLY A . n 
A 1 67  GLN 67  67  67  GLN GLN A . n 
A 1 68  VAL 68  68  68  VAL VAL A . n 
A 1 69  ARG 69  69  69  ARG ARG A . n 
A 1 70  VAL 70  70  70  VAL VAL A . n 
A 1 71  SER 71  71  71  SER SER A . n 
A 1 72  HIS 72  72  72  HIS HIS A . n 
A 1 73  LEU 73  73  73  LEU LEU A . n 
A 1 74  LEU 74  74  74  LEU LEU A . n 
A 1 75  ILE 75  75  75  ILE ILE A . n 
A 1 76  LYS 76  76  76  LYS LYS A . n 
A 1 77  ASN 77  77  77  ASN ASN A . n 
A 1 78  ASN 78  78  78  ASN ASN A . n 
A 1 79  GLN 79  79  79  GLN GLN A . n 
A 1 80  SER 80  80  80  SER SER A . n 
A 1 81  ARG 81  81  81  ARG ARG A . n 
A 1 82  LYS 82  82  82  LYS LYS A . n 
A 1 83  PRO 83  83  83  PRO PRO A . n 
A 1 84  LYS 84  84  84  LYS LYS A . n 
A 1 85  SER 85  85  85  SER SER A . n 
A 1 86  TRP 86  86  86  TRP TRP A . n 
A 1 87  LYS 87  87  87  LYS LYS A . n 
A 1 88  SER 88  88  88  SER SER A . n 
A 1 89  PRO 89  89  89  PRO PRO A . n 
A 1 90  ASP 90  90  90  ASP ASP A . n 
A 1 91  GLY 91  91  91  GLY GLY A . n 
A 1 92  ILE 92  92  92  ILE ILE A . n 
A 1 93  SER 93  93  93  SER SER A . n 
A 1 94  ARG 94  94  94  ARG ARG A . n 
A 1 95  THR 95  95  95  THR THR A . n 
A 1 96  ARG 96  96  96  ARG ARG A . n 
A 1 97  ASP 97  97  97  ASP ASP A . n 
A 1 98  GLU 98  98  98  GLU GLU A . n 
A 1 99  SER 99  99  99  SER SER A . n 
A 1 100 ILE 100 100 100 ILE ILE A . n 
A 1 101 GLN 101 101 101 GLN GLN A . n 
A 1 102 ILE 102 102 102 ILE ILE A . n 
A 1 103 LEU 103 103 103 LEU LEU A . n 
A 1 104 LYS 104 104 104 LYS LYS A . n 
A 1 105 LYS 105 105 105 LYS LYS A . n 
A 1 106 HIS 106 106 106 HIS HIS A . n 
A 1 107 LEU 107 107 107 LEU LEU A . n 
A 1 108 GLU 108 108 108 GLU GLU A . n 
A 1 109 ARG 109 109 109 ARG ARG A . n 
A 1 110 ILE 110 110 110 ILE ILE A . n 
A 1 111 LEU 111 111 111 LEU LEU A . n 
A 1 112 SER 112 112 112 SER SER A . n 
A 1 113 GLY 113 113 113 GLY GLY A . n 
A 1 114 GLU 114 114 114 GLU GLU A . n 
A 1 115 VAL 115 115 115 VAL VAL A . n 
A 1 116 LYS 116 116 116 LYS LYS A . n 
A 1 117 LEU 117 117 117 LEU LEU A . n 
A 1 118 SER 118 118 118 SER SER A . n 
A 1 119 GLU 119 119 119 GLU GLU A . n 
A 1 120 LEU 120 120 120 LEU LEU A . n 
A 1 121 ALA 121 121 121 ALA ALA A . n 
A 1 122 ASN 122 122 122 ASN ASN A . n 
A 1 123 THR 123 123 123 THR THR A . n 
A 1 124 GLU 124 124 124 GLU GLU A . n 
A 1 125 SER 125 125 125 SER SER A . n 
A 1 126 ASP 126 126 126 ASP ASP A . n 
A 1 127 CYS 127 127 127 CYS CYS A . n 
A 1 128 SER 128 128 128 SER SER A . n 
A 1 129 SER 129 129 129 SER SER A . n 
A 1 130 HIS 130 130 130 HIS HIS A . n 
A 1 131 ASP 131 131 131 ASP ASP A . n 
A 1 132 ARG 132 132 132 ARG ARG A . n 
A 1 133 GLY 133 133 133 GLY GLY A . n 
A 1 134 GLY 134 134 134 GLY GLY A . n 
A 1 135 ASP 135 135 135 ASP ASP A . n 
A 1 136 LEU 136 136 136 LEU LEU A . n 
A 1 137 GLY 137 137 137 GLY GLY A . n 
A 1 138 PHE 138 138 138 PHE PHE A . n 
A 1 139 PHE 139 139 139 PHE PHE A . n 
A 1 140 SER 140 140 140 SER SER A . n 
A 1 141 LYS 141 141 141 LYS LYS A . n 
A 1 142 GLY 142 142 142 GLY GLY A . n 
A 1 143 GLN 143 143 143 GLN GLN A . n 
A 1 144 MET 144 144 144 MET MET A . n 
A 1 145 GLN 145 145 145 GLN GLN A . n 
A 1 146 PRO 146 146 146 PRO PRO A . n 
A 1 147 PRO 147 147 147 PRO PRO A . n 
A 1 148 PHE 148 148 148 PHE PHE A . n 
A 1 149 GLU 149 149 149 GLU GLU A . n 
A 1 150 GLU 150 150 150 GLU GLU A . n 
A 1 151 ALA 151 151 151 ALA ALA A . n 
A 1 152 ALA 152 152 152 ALA ALA A . n 
A 1 153 PHE 153 153 153 PHE PHE A . n 
A 1 154 ASN 154 154 154 ASN ASN A . n 
A 1 155 LEU 155 155 155 LEU LEU A . n 
A 1 156 HIS 156 156 156 HIS HIS A . n 
A 1 157 VAL 157 157 157 VAL VAL A . n 
A 1 158 GLY 158 158 158 GLY GLY A . n 
A 1 159 GLU 159 159 159 GLU GLU A . n 
A 1 160 VAL 160 160 160 VAL VAL A . n 
A 1 161 SER 161 161 161 SER SER A . n 
A 1 162 ASN 162 162 162 ASN ASN A . n 
A 1 163 ILE 163 163 163 ILE ILE A . n 
A 1 164 ILE 164 164 164 ILE ILE A . n 
A 1 165 GLU 165 165 165 GLU GLU A . n 
A 1 166 THR 166 166 166 THR THR A . n 
A 1 167 ASN 167 167 167 ASN ASN A . n 
A 1 168 SER 168 168 168 SER SER A . n 
A 1 169 GLY 169 169 169 GLY GLY A . n 
A 1 170 VAL 170 170 170 VAL VAL A . n 
A 1 171 HIS 171 171 171 HIS HIS A . n 
A 1 172 ILE 172 172 172 ILE ILE A . n 
A 1 173 LEU 173 173 173 LEU LEU A . n 
A 1 174 GLN 174 174 174 GLN GLN A . n 
A 1 175 ARG 175 175 175 ARG ARG A . n 
A 1 176 THR 176 176 176 THR THR A . n 
A 1 177 GLY 177 177 177 GLY GLY A . n 
# 
loop_
_pdbx_nonpoly_scheme.asym_id 
_pdbx_nonpoly_scheme.entity_id 
_pdbx_nonpoly_scheme.mon_id 
_pdbx_nonpoly_scheme.ndb_seq_num 
_pdbx_nonpoly_scheme.pdb_seq_num 
_pdbx_nonpoly_scheme.auth_seq_num 
_pdbx_nonpoly_scheme.pdb_mon_id 
_pdbx_nonpoly_scheme.auth_mon_id 
_pdbx_nonpoly_scheme.pdb_strand_id 
_pdbx_nonpoly_scheme.pdb_ins_code 
B 2 HOH 1   178 1    HOH TIP A . 
B 2 HOH 2   179 2    HOH TIP A . 
B 2 HOH 3   180 3    HOH TIP A . 
B 2 HOH 4   181 4    HOH TIP A . 
B 2 HOH 5   182 5    HOH TIP A . 
B 2 HOH 6   183 6    HOH TIP A . 
B 2 HOH 7   184 7    HOH TIP A . 
B 2 HOH 8   185 8    HOH TIP A . 
B 2 HOH 9   186 9    HOH TIP A . 
B 2 HOH 10  187 10   HOH TIP A . 
B 2 HOH 11  188 11   HOH TIP A . 
B 2 HOH 12  189 12   HOH TIP A . 
B 2 HOH 13  190 13   HOH TIP A . 
B 2 HOH 14  191 14   HOH TIP A . 
B 2 HOH 15  192 15   HOH TIP A . 
B 2 HOH 16  193 16   HOH TIP A . 
B 2 HOH 17  194 17   HOH TIP A . 
B 2 HOH 18  195 18   HOH TIP A . 
B 2 HOH 19  196 19   HOH TIP A . 
B 2 HOH 20  197 20   HOH TIP A . 
B 2 HOH 21  198 21   HOH TIP A . 
B 2 HOH 22  199 22   HOH TIP A . 
B 2 HOH 23  200 23   HOH TIP A . 
B 2 HOH 24  201 24   HOH TIP A . 
B 2 HOH 25  202 25   HOH TIP A . 
B 2 HOH 26  203 26   HOH TIP A . 
B 2 HOH 27  204 27   HOH TIP A . 
B 2 HOH 28  205 28   HOH TIP A . 
B 2 HOH 29  206 29   HOH TIP A . 
B 2 HOH 30  207 30   HOH TIP A . 
B 2 HOH 31  208 31   HOH TIP A . 
B 2 HOH 32  209 32   HOH TIP A . 
B 2 HOH 33  210 33   HOH TIP A . 
B 2 HOH 34  211 34   HOH TIP A . 
B 2 HOH 35  212 35   HOH TIP A . 
B 2 HOH 36  213 36   HOH TIP A . 
B 2 HOH 37  214 37   HOH TIP A . 
B 2 HOH 38  215 38   HOH TIP A . 
B 2 HOH 39  216 39   HOH TIP A . 
B 2 HOH 40  217 40   HOH TIP A . 
B 2 HOH 41  218 41   HOH TIP A . 
B 2 HOH 42  219 42   HOH TIP A . 
B 2 HOH 43  220 43   HOH TIP A . 
B 2 HOH 44  221 44   HOH TIP A . 
B 2 HOH 45  222 45   HOH TIP A . 
B 2 HOH 46  223 46   HOH TIP A . 
B 2 HOH 47  224 47   HOH TIP A . 
B 2 HOH 48  225 48   HOH TIP A . 
B 2 HOH 49  226 49   HOH TIP A . 
B 2 HOH 50  227 50   HOH TIP A . 
B 2 HOH 51  228 51   HOH TIP A . 
B 2 HOH 52  229 52   HOH TIP A . 
B 2 HOH 53  230 53   HOH TIP A . 
B 2 HOH 54  231 54   HOH TIP A . 
B 2 HOH 55  232 55   HOH TIP A . 
B 2 HOH 56  233 56   HOH TIP A . 
B 2 HOH 57  234 57   HOH TIP A . 
B 2 HOH 58  235 58   HOH TIP A . 
B 2 HOH 59  236 59   HOH TIP A . 
B 2 HOH 60  237 60   HOH TIP A . 
B 2 HOH 61  238 61   HOH TIP A . 
B 2 HOH 62  239 62   HOH TIP A . 
B 2 HOH 63  240 63   HOH TIP A . 
B 2 HOH 64  241 64   HOH TIP A . 
B 2 HOH 65  242 65   HOH TIP A . 
B 2 HOH 66  243 66   HOH TIP A . 
B 2 HOH 67  244 67   HOH TIP A . 
B 2 HOH 68  245 68   HOH TIP A . 
B 2 HOH 69  246 69   HOH TIP A . 
B 2 HOH 70  247 70   HOH TIP A . 
B 2 HOH 71  248 71   HOH TIP A . 
B 2 HOH 72  249 72   HOH TIP A . 
B 2 HOH 73  250 73   HOH TIP A . 
B 2 HOH 74  251 74   HOH TIP A . 
B 2 HOH 75  252 75   HOH TIP A . 
B 2 HOH 76  253 76   HOH TIP A . 
B 2 HOH 77  254 77   HOH TIP A . 
B 2 HOH 78  255 78   HOH TIP A . 
B 2 HOH 79  256 79   HOH TIP A . 
B 2 HOH 80  257 80   HOH TIP A . 
B 2 HOH 81  258 81   HOH TIP A . 
B 2 HOH 82  259 82   HOH TIP A . 
B 2 HOH 83  260 83   HOH TIP A . 
B 2 HOH 84  261 84   HOH TIP A . 
B 2 HOH 85  262 85   HOH TIP A . 
B 2 HOH 86  263 86   HOH TIP A . 
B 2 HOH 87  264 87   HOH TIP A . 
B 2 HOH 88  265 88   HOH TIP A . 
B 2 HOH 89  266 89   HOH TIP A . 
B 2 HOH 90  267 90   HOH TIP A . 
B 2 HOH 91  268 91   HOH TIP A . 
B 2 HOH 92  269 92   HOH TIP A . 
B 2 HOH 93  270 93   HOH TIP A . 
B 2 HOH 94  271 94   HOH TIP A . 
B 2 HOH 95  272 95   HOH TIP A . 
B 2 HOH 96  273 96   HOH TIP A . 
B 2 HOH 97  274 97   HOH TIP A . 
B 2 HOH 98  275 98   HOH TIP A . 
B 2 HOH 99  276 99   HOH TIP A . 
B 2 HOH 100 277 100  HOH TIP A . 
B 2 HOH 101 278 101  HOH TIP A . 
B 2 HOH 102 279 102  HOH TIP A . 
B 2 HOH 103 280 103  HOH TIP A . 
B 2 HOH 104 281 105  HOH TIP A . 
B 2 HOH 105 282 106  HOH TIP A . 
B 2 HOH 106 283 109  HOH TIP A . 
B 2 HOH 107 284 110  HOH TIP A . 
B 2 HOH 108 285 111  HOH TIP A . 
B 2 HOH 109 286 112  HOH TIP A . 
B 2 HOH 110 287 113  HOH TIP A . 
B 2 HOH 111 288 114  HOH TIP A . 
B 2 HOH 112 289 115  HOH TIP A . 
B 2 HOH 113 290 117  HOH TIP A . 
B 2 HOH 114 291 119  HOH TIP A . 
B 2 HOH 115 292 120  HOH TIP A . 
B 2 HOH 116 293 122  HOH TIP A . 
B 2 HOH 117 294 124  HOH TIP A . 
B 2 HOH 118 295 125  HOH TIP A . 
B 2 HOH 119 296 126  HOH TIP A . 
B 2 HOH 120 297 127  HOH TIP A . 
B 2 HOH 121 298 128  HOH TIP A . 
B 2 HOH 122 299 129  HOH TIP A . 
B 2 HOH 123 300 130  HOH TIP A . 
B 2 HOH 124 301 131  HOH TIP A . 
B 2 HOH 125 302 132  HOH TIP A . 
B 2 HOH 126 303 133  HOH TIP A . 
B 2 HOH 127 304 135  HOH TIP A . 
B 2 HOH 128 305 136  HOH TIP A . 
B 2 HOH 129 306 137  HOH TIP A . 
B 2 HOH 130 307 139  HOH TIP A . 
B 2 HOH 131 308 142  HOH TIP A . 
B 2 HOH 132 309 145  HOH TIP A . 
B 2 HOH 133 310 146  HOH TIP A . 
B 2 HOH 134 311 148  HOH TIP A . 
B 2 HOH 135 312 151  HOH TIP A . 
B 2 HOH 136 313 152  HOH TIP A . 
B 2 HOH 137 314 153  HOH TIP A . 
B 2 HOH 138 315 154  HOH TIP A . 
B 2 HOH 139 316 155  HOH TIP A . 
B 2 HOH 140 317 156  HOH TIP A . 
B 2 HOH 141 318 157  HOH TIP A . 
B 2 HOH 142 319 158  HOH TIP A . 
B 2 HOH 143 320 159  HOH TIP A . 
B 2 HOH 144 321 160  HOH TIP A . 
B 2 HOH 145 322 161  HOH TIP A . 
B 2 HOH 146 323 162  HOH TIP A . 
B 2 HOH 147 324 164  HOH TIP A . 
B 2 HOH 148 325 165  HOH TIP A . 
B 2 HOH 149 326 166  HOH TIP A . 
B 2 HOH 150 327 167  HOH TIP A . 
B 2 HOH 151 328 170  HOH TIP A . 
B 2 HOH 152 329 171  HOH TIP A . 
B 2 HOH 153 330 172  HOH TIP A . 
B 2 HOH 154 331 173  HOH TIP A . 
B 2 HOH 155 332 176  HOH TIP A . 
B 2 HOH 156 333 177  HOH TIP A . 
B 2 HOH 157 334 178  HOH TIP A . 
B 2 HOH 158 335 179  HOH TIP A . 
B 2 HOH 159 336 181  HOH TIP A . 
B 2 HOH 160 337 182  HOH TIP A . 
B 2 HOH 161 338 184  HOH TIP A . 
B 2 HOH 162 339 185  HOH TIP A . 
B 2 HOH 163 340 186  HOH TIP A . 
B 2 HOH 164 341 187  HOH TIP A . 
B 2 HOH 165 342 191  HOH TIP A . 
B 2 HOH 166 343 192  HOH TIP A . 
B 2 HOH 167 344 195  HOH TIP A . 
B 2 HOH 168 345 200  HOH TIP A . 
B 2 HOH 169 346 201  HOH TIP A . 
B 2 HOH 170 347 202  HOH TIP A . 
B 2 HOH 171 348 203  HOH TIP A . 
B 2 HOH 172 349 205  HOH TIP A . 
B 2 HOH 173 350 206  HOH TIP A . 
B 2 HOH 174 351 207  HOH TIP A . 
B 2 HOH 175 352 210  HOH TIP A . 
B 2 HOH 176 353 211  HOH TIP A . 
B 2 HOH 177 354 215  HOH TIP A . 
B 2 HOH 178 355 217  HOH TIP A . 
B 2 HOH 179 356 218  HOH TIP A . 
B 2 HOH 180 357 220  HOH TIP A . 
B 2 HOH 181 358 222  HOH TIP A . 
B 2 HOH 182 359 223  HOH TIP A . 
B 2 HOH 183 360 224  HOH TIP A . 
B 2 HOH 184 361 226  HOH TIP A . 
B 2 HOH 185 362 228  HOH TIP A . 
B 2 HOH 186 363 231  HOH TIP A . 
B 2 HOH 187 364 232  HOH TIP A . 
B 2 HOH 188 365 234  HOH TIP A . 
B 2 HOH 189 366 235  HOH TIP A . 
B 2 HOH 190 367 237  HOH TIP A . 
B 2 HOH 191 368 238  HOH TIP A . 
B 2 HOH 192 369 239  HOH TIP A . 
B 2 HOH 193 370 241  HOH TIP A . 
B 2 HOH 194 371 245  HOH TIP A . 
B 2 HOH 195 372 247  HOH TIP A . 
B 2 HOH 196 373 248  HOH TIP A . 
B 2 HOH 197 374 249  HOH TIP A . 
B 2 HOH 198 375 254  HOH TIP A . 
B 2 HOH 199 376 258  HOH TIP A . 
B 2 HOH 200 377 263  HOH TIP A . 
B 2 HOH 201 378 264  HOH TIP A . 
B 2 HOH 202 379 265  HOH TIP A . 
B 2 HOH 203 380 267  HOH TIP A . 
B 2 HOH 204 381 268  HOH TIP A . 
B 2 HOH 205 382 503  HOH TIP A . 
B 2 HOH 206 383 1002 HOH TIP A . 
B 2 HOH 207 384 1008 HOH TIP A . 
B 2 HOH 208 385 1023 HOH TIP A . 
B 2 HOH 209 386 2001 HOH TIP A . 
B 2 HOH 210 387 2003 HOH TIP A . 
B 2 HOH 211 388 2004 HOH TIP A . 
B 2 HOH 212 389 2007 HOH TIP A . 
B 2 HOH 213 390 2009 HOH TIP A . 
B 2 HOH 214 391 2011 HOH TIP A . 
B 2 HOH 215 392 2022 HOH TIP A . 
B 2 HOH 216 393 2041 HOH TIP A . 
B 2 HOH 217 394 2045 HOH TIP A . 
B 2 HOH 218 395 2052 HOH TIP A . 
B 2 HOH 219 396 2053 HOH TIP A . 
B 2 HOH 220 397 2054 HOH TIP A . 
B 2 HOH 221 398 2055 HOH TIP A . 
B 2 HOH 222 399 2056 HOH TIP A . 
B 2 HOH 223 400 2057 HOH TIP A . 
B 2 HOH 224 401 2058 HOH TIP A . 
B 2 HOH 225 402 2059 HOH TIP A . 
B 2 HOH 226 403 2060 HOH TIP A . 
B 2 HOH 227 404 2061 HOH TIP A . 
B 2 HOH 228 405 2062 HOH TIP A . 
B 2 HOH 229 406 2063 HOH TIP A . 
B 2 HOH 230 407 2064 HOH TIP A . 
B 2 HOH 231 408 2065 HOH TIP A . 
B 2 HOH 232 409 2066 HOH TIP A . 
B 2 HOH 233 410 2067 HOH TIP A . 
B 2 HOH 234 411 2068 HOH TIP A . 
B 2 HOH 235 412 2069 HOH TIP A . 
B 2 HOH 236 413 2070 HOH TIP A . 
B 2 HOH 237 414 2071 HOH TIP A . 
B 2 HOH 238 415 2072 HOH TIP A . 
B 2 HOH 239 416 2073 HOH TIP A . 
B 2 HOH 240 417 2074 HOH TIP A . 
B 2 HOH 241 418 2075 HOH TIP A . 
B 2 HOH 242 419 2076 HOH TIP A . 
B 2 HOH 243 420 2077 HOH TIP A . 
B 2 HOH 244 421 2078 HOH TIP A . 
B 2 HOH 245 422 2079 HOH TIP A . 
B 2 HOH 246 423 2080 HOH TIP A . 
B 2 HOH 247 424 2081 HOH TIP A . 
B 2 HOH 248 425 2082 HOH TIP A . 
B 2 HOH 249 426 2083 HOH TIP A . 
B 2 HOH 250 427 2084 HOH TIP A . 
B 2 HOH 251 428 2085 HOH TIP A . 
B 2 HOH 252 429 2086 HOH TIP A . 
B 2 HOH 253 430 2087 HOH TIP A . 
B 2 HOH 254 431 2088 HOH TIP A . 
B 2 HOH 255 432 2089 HOH TIP A . 
B 2 HOH 256 433 2090 HOH TIP A . 
B 2 HOH 257 434 2091 HOH TIP A . 
B 2 HOH 258 435 2092 HOH TIP A . 
B 2 HOH 259 436 2093 HOH TIP A . 
B 2 HOH 260 437 2094 HOH TIP A . 
B 2 HOH 261 438 2095 HOH TIP A . 
B 2 HOH 262 439 2096 HOH TIP A . 
B 2 HOH 263 440 2097 HOH TIP A . 
B 2 HOH 264 441 2098 HOH TIP A . 
B 2 HOH 265 442 2099 HOH TIP A . 
B 2 HOH 266 443 2100 HOH TIP A . 
B 2 HOH 267 444 2101 HOH TIP A . 
B 2 HOH 268 445 2102 HOH TIP A . 
B 2 HOH 269 446 2103 HOH TIP A . 
B 2 HOH 270 447 2104 HOH TIP A . 
B 2 HOH 271 448 2105 HOH TIP A . 
B 2 HOH 272 449 2106 HOH TIP A . 
B 2 HOH 273 450 2107 HOH TIP A . 
B 2 HOH 274 451 2108 HOH TIP A . 
B 2 HOH 275 452 2109 HOH TIP A . 
B 2 HOH 276 453 2110 HOH TIP A . 
B 2 HOH 277 454 2111 HOH TIP A . 
B 2 HOH 278 455 2112 HOH TIP A . 
B 2 HOH 279 456 2113 HOH TIP A . 
B 2 HOH 280 457 2114 HOH TIP A . 
B 2 HOH 281 458 2115 HOH TIP A . 
B 2 HOH 282 459 2116 HOH TIP A . 
B 2 HOH 283 460 2117 HOH TIP A . 
B 2 HOH 284 461 2118 HOH TIP A . 
B 2 HOH 285 462 2119 HOH TIP A . 
B 2 HOH 286 463 2120 HOH TIP A . 
B 2 HOH 287 464 2121 HOH TIP A . 
B 2 HOH 288 465 2122 HOH TIP A . 
B 2 HOH 289 466 2123 HOH TIP A . 
B 2 HOH 290 467 2124 HOH TIP A . 
B 2 HOH 291 468 2125 HOH TIP A . 
B 2 HOH 292 469 2126 HOH TIP A . 
B 2 HOH 293 470 2127 HOH TIP A . 
B 2 HOH 294 471 2128 HOH TIP A . 
B 2 HOH 295 472 2129 HOH TIP A . 
B 2 HOH 296 473 2130 HOH TIP A . 
B 2 HOH 297 474 2131 HOH TIP A . 
B 2 HOH 298 475 2132 HOH TIP A . 
B 2 HOH 299 476 2133 HOH TIP A . 
B 2 HOH 300 477 2134 HOH TIP A . 
B 2 HOH 301 478 2135 HOH TIP A . 
B 2 HOH 302 479 2136 HOH TIP A . 
B 2 HOH 303 480 2137 HOH TIP A . 
B 2 HOH 304 481 2138 HOH TIP A . 
B 2 HOH 305 482 2139 HOH TIP A . 
B 2 HOH 306 483 2140 HOH TIP A . 
B 2 HOH 307 484 2141 HOH TIP A . 
B 2 HOH 308 485 2142 HOH TIP A . 
B 2 HOH 309 486 2143 HOH TIP A . 
B 2 HOH 310 487 2144 HOH TIP A . 
B 2 HOH 311 488 2145 HOH TIP A . 
B 2 HOH 312 489 2146 HOH TIP A . 
B 2 HOH 313 490 2147 HOH TIP A . 
B 2 HOH 314 491 2148 HOH TIP A . 
B 2 HOH 315 492 2149 HOH TIP A . 
B 2 HOH 316 493 2150 HOH TIP A . 
B 2 HOH 317 494 2151 HOH TIP A . 
B 2 HOH 318 495 2152 HOH TIP A . 
B 2 HOH 319 496 2153 HOH TIP A . 
B 2 HOH 320 497 2154 HOH TIP A . 
B 2 HOH 321 498 2155 HOH TIP A . 
B 2 HOH 322 499 2156 HOH TIP A . 
B 2 HOH 323 500 2157 HOH TIP A . 
B 2 HOH 324 501 2158 HOH TIP A . 
B 2 HOH 325 502 2159 HOH TIP A . 
B 2 HOH 326 503 2160 HOH TIP A . 
B 2 HOH 327 504 2161 HOH TIP A . 
B 2 HOH 328 505 2162 HOH TIP A . 
B 2 HOH 329 506 2163 HOH TIP A . 
B 2 HOH 330 507 2164 HOH TIP A . 
B 2 HOH 331 508 2165 HOH TIP A . 
B 2 HOH 332 509 2166 HOH TIP A . 
B 2 HOH 333 510 2167 HOH TIP A . 
B 2 HOH 334 511 2168 HOH TIP A . 
B 2 HOH 335 512 2169 HOH TIP A . 
B 2 HOH 336 513 2170 HOH TIP A . 
B 2 HOH 337 514 2171 HOH TIP A . 
B 2 HOH 338 515 2172 HOH TIP A . 
B 2 HOH 339 516 2173 HOH TIP A . 
B 2 HOH 340 517 2174 HOH TIP A . 
B 2 HOH 341 518 2175 HOH TIP A . 
B 2 HOH 342 519 2176 HOH TIP A . 
B 2 HOH 343 520 2177 HOH TIP A . 
B 2 HOH 344 521 2178 HOH TIP A . 
B 2 HOH 345 522 2179 HOH TIP A . 
B 2 HOH 346 523 2180 HOH TIP A . 
B 2 HOH 347 524 2181 HOH TIP A . 
B 2 HOH 348 525 2182 HOH TIP A . 
B 2 HOH 349 526 2183 HOH TIP A . 
B 2 HOH 350 527 2184 HOH TIP A . 
B 2 HOH 351 528 2185 HOH TIP A . 
B 2 HOH 352 529 2186 HOH TIP A . 
B 2 HOH 353 530 2187 HOH TIP A . 
B 2 HOH 354 531 2188 HOH TIP A . 
B 2 HOH 355 532 2189 HOH TIP A . 
B 2 HOH 356 533 2190 HOH TIP A . 
B 2 HOH 357 534 2191 HOH TIP A . 
B 2 HOH 358 535 2192 HOH TIP A . 
B 2 HOH 359 536 2193 HOH TIP A . 
B 2 HOH 360 537 2194 HOH TIP A . 
B 2 HOH 361 538 2195 HOH TIP A . 
B 2 HOH 362 539 2196 HOH TIP A . 
B 2 HOH 363 540 2197 HOH TIP A . 
B 2 HOH 364 541 2198 HOH TIP A . 
B 2 HOH 365 542 2199 HOH TIP A . 
B 2 HOH 366 543 2200 HOH TIP A . 
B 2 HOH 367 544 2201 HOH TIP A . 
B 2 HOH 368 545 2202 HOH TIP A . 
B 2 HOH 369 546 2203 HOH TIP A . 
# 
loop_
_software.name 
_software.classification 
_software.version 
_software.citation_id 
_software.pdbx_ordinal 
CNS       refinement       1.0 ? 1 
DENZO     'data reduction' .   ? 2 
SCALEPACK 'data scaling'   .   ? 3 
SOLVE     phasing          .   ? 4 
# 
_cell.entry_id           1YW5 
_cell.length_a           29.840 
_cell.length_b           59.520 
_cell.length_c           44.860 
_cell.angle_alpha        90.00 
_cell.angle_beta         91.04 
_cell.angle_gamma        90.00 
_cell.Z_PDB              2 
_cell.pdbx_unique_axis   ? 
# 
_symmetry.entry_id                         1YW5 
_symmetry.space_group_name_H-M             'P 1 21 1' 
_symmetry.pdbx_full_space_group_name_H-M   ? 
_symmetry.cell_setting                     ? 
_symmetry.Int_Tables_number                4 
_symmetry.space_group_name_Hall            ? 
# 
_exptl.entry_id          1YW5 
_exptl.method            'X-RAY DIFFRACTION' 
_exptl.crystals_number   1 
# 
_exptl_crystal.id                    1 
_exptl_crystal.density_meas          ? 
_exptl_crystal.density_Matthews      2.00 
_exptl_crystal.density_percent_sol   38.60 
_exptl_crystal.description           ? 
_exptl_crystal.F_000                 ? 
_exptl_crystal.preparation           ? 
# 
_exptl_crystal_grow.crystal_id      1 
_exptl_crystal_grow.method          'VAPOR DIFFUSION, HANGING DROP' 
_exptl_crystal_grow.temp            283 
_exptl_crystal_grow.temp_details    ? 
_exptl_crystal_grow.pH              7.5 
_exptl_crystal_grow.pdbx_details    
'PEG8000, MONOBASIC PHOSPHATE, AMMONIUM ACETATE, pH 7.5, VAPOR DIFFUSION, HANGING DROP, temperature 283K' 
_exptl_crystal_grow.pdbx_pH_range   . 
# 
_diffrn.id                     1 
_diffrn.ambient_temp           100 
_diffrn.ambient_temp_details   ? 
_diffrn.crystal_id             1 
# 
_diffrn_detector.diffrn_id              1 
_diffrn_detector.detector               'IMAGE PLATE' 
_diffrn_detector.type                   'RIGAKU RAXIS IV' 
_diffrn_detector.pdbx_collection_date   2002-06-05 
_diffrn_detector.details                'Yale mirrors' 
# 
_diffrn_radiation.diffrn_id                        1 
_diffrn_radiation.wavelength_id                    1 
_diffrn_radiation.pdbx_monochromatic_or_laue_m_l   M 
_diffrn_radiation.monochromator                    ? 
_diffrn_radiation.pdbx_diffrn_protocol             'SINGLE WAVELENGTH' 
_diffrn_radiation.pdbx_scattering_type             x-ray 
# 
_diffrn_radiation_wavelength.id           1 
_diffrn_radiation_wavelength.wavelength   1.5418 
_diffrn_radiation_wavelength.wt           1.0 
# 
_diffrn_source.diffrn_id                   1 
_diffrn_source.source                      'ROTATING ANODE' 
_diffrn_source.type                        'RIGAKU RU200' 
_diffrn_source.pdbx_synchrotron_site       ? 
_diffrn_source.pdbx_synchrotron_beamline   ? 
_diffrn_source.pdbx_wavelength             1.5418 
_diffrn_source.pdbx_wavelength_list        ? 
# 
_reflns.entry_id                     1YW5 
_reflns.observed_criterion_sigma_I   0 
_reflns.observed_criterion_sigma_F   0 
_reflns.d_resolution_low             50 
_reflns.d_resolution_high            1.6 
_reflns.number_obs                   20577 
_reflns.number_all                   20643 
_reflns.percent_possible_obs         99 
_reflns.pdbx_Rmerge_I_obs            0.048 
_reflns.pdbx_Rsym_value              ? 
_reflns.pdbx_netI_over_sigmaI        28.4 
_reflns.B_iso_Wilson_estimate        24.6 
_reflns.pdbx_redundancy              5.3 
_reflns.R_free_details               ? 
_reflns.limit_h_max                  ? 
_reflns.limit_h_min                  ? 
_reflns.limit_k_max                  ? 
_reflns.limit_k_min                  ? 
_reflns.limit_l_max                  ? 
_reflns.limit_l_min                  ? 
_reflns.observed_criterion_F_max     ? 
_reflns.observed_criterion_F_min     ? 
_reflns.pdbx_chi_squared             ? 
_reflns.pdbx_scaling_rejects         ? 
_reflns.pdbx_diffrn_id               1 
_reflns.pdbx_ordinal                 1 
# 
_reflns_shell.d_res_high             1.6 
_reflns_shell.d_res_low              1.65 
_reflns_shell.percent_possible_all   91. 
_reflns_shell.Rmerge_I_obs           0.211 
_reflns_shell.pdbx_Rsym_value        ? 
_reflns_shell.meanI_over_sigI_obs    2.5 
_reflns_shell.pdbx_redundancy        4.5 
_reflns_shell.percent_possible_obs   ? 
_reflns_shell.number_unique_all      ? 
_reflns_shell.number_measured_all    ? 
_reflns_shell.number_measured_obs    ? 
_reflns_shell.number_unique_obs      ? 
_reflns_shell.pdbx_chi_squared       ? 
_reflns_shell.pdbx_diffrn_id         ? 
_reflns_shell.pdbx_ordinal           1 
# 
_refine.entry_id                                 1YW5 
_refine.ls_number_reflns_obs                     20204 
_refine.ls_number_reflns_all                     20561 
_refine.pdbx_ls_sigma_I                          ? 
_refine.pdbx_ls_sigma_F                          0.0 
_refine.pdbx_data_cutoff_high_absF               504444.09 
_refine.pdbx_data_cutoff_low_absF                0.000000 
_refine.pdbx_data_cutoff_high_rms_absF           ? 
_refine.ls_d_res_low                             26.67 
_refine.ls_d_res_high                            1.60 
_refine.ls_percent_reflns_obs                    97.1 
_refine.ls_R_factor_obs                          0.2 
_refine.ls_R_factor_all                          ? 
_refine.ls_R_factor_R_work                       0.2 
_refine.ls_R_factor_R_free                       0.242 
_refine.ls_R_factor_R_free_error                 0.005 
_refine.ls_R_factor_R_free_error_details         ? 
_refine.ls_percent_reflns_R_free                 9.9 
_refine.ls_number_reflns_R_free                  1991 
_refine.ls_number_parameters                     ? 
_refine.ls_number_restraints                     ? 
_refine.occupancy_min                            ? 
_refine.occupancy_max                            ? 
_refine.correlation_coeff_Fo_to_Fc               ? 
_refine.correlation_coeff_Fo_to_Fc_free          ? 
_refine.B_iso_mean                               20.7 
_refine.aniso_B[1][1]                            1.02 
_refine.aniso_B[2][2]                            -1.67 
_refine.aniso_B[3][3]                            0.65 
_refine.aniso_B[1][2]                            0.00 
_refine.aniso_B[1][3]                            -2.74 
_refine.aniso_B[2][3]                            0.00 
_refine.solvent_model_details                    'FLAT MODEL' 
_refine.solvent_model_param_ksol                 0.334435 
_refine.solvent_model_param_bsol                 40.1179 
_refine.pdbx_solvent_vdw_probe_radii             ? 
_refine.pdbx_solvent_ion_probe_radii             ? 
_refine.pdbx_solvent_shrinkage_radii             ? 
_refine.pdbx_ls_cross_valid_method               THROUGHOUT 
_refine.details                                  ? 
_refine.pdbx_starting_model                      ? 
_refine.pdbx_method_to_determine_struct          MIR 
_refine.pdbx_isotropic_thermal_model             RESTRAINED 
_refine.pdbx_stereochemistry_target_values       'Engh & Huber' 
_refine.pdbx_stereochem_target_val_spec_case     ? 
_refine.pdbx_R_Free_selection_details            RANDOM 
_refine.pdbx_overall_ESU_R                       ? 
_refine.pdbx_overall_ESU_R_Free                  ? 
_refine.overall_SU_ML                            ? 
_refine.overall_SU_B                             ? 
_refine.ls_redundancy_reflns_obs                 ? 
_refine.B_iso_min                                ? 
_refine.B_iso_max                                ? 
_refine.overall_SU_R_Cruickshank_DPI             ? 
_refine.overall_SU_R_free                        ? 
_refine.ls_wR_factor_R_free                      ? 
_refine.ls_wR_factor_R_work                      ? 
_refine.overall_FOM_free_R_set                   ? 
_refine.overall_FOM_work_R_set                   ? 
_refine.pdbx_refine_id                           'X-RAY DIFFRACTION' 
_refine.pdbx_diffrn_id                           1 
_refine.pdbx_TLS_residual_ADP_flag               ? 
_refine.pdbx_overall_phase_error                 ? 
_refine.pdbx_overall_SU_R_free_Cruickshank_DPI   ? 
_refine.pdbx_overall_SU_R_Blow_DPI               ? 
_refine.pdbx_overall_SU_R_free_Blow_DPI          ? 
# 
_refine_analyze.entry_id                        1YW5 
_refine_analyze.Luzzati_coordinate_error_obs    0.22 
_refine_analyze.Luzzati_sigma_a_obs             0.14 
_refine_analyze.Luzzati_d_res_low_obs           5.00 
_refine_analyze.Luzzati_coordinate_error_free   0.26 
_refine_analyze.Luzzati_sigma_a_free            0.16 
_refine_analyze.Luzzati_d_res_low_free          ? 
_refine_analyze.number_disordered_residues      ? 
_refine_analyze.occupancy_sum_hydrogen          ? 
_refine_analyze.occupancy_sum_non_hydrogen      ? 
_refine_analyze.pdbx_Luzzati_d_res_high_obs     ? 
_refine_analyze.pdbx_refine_id                  'X-RAY DIFFRACTION' 
# 
_refine_hist.pdbx_refine_id                   'X-RAY DIFFRACTION' 
_refine_hist.cycle_id                         LAST 
_refine_hist.pdbx_number_atoms_protein        1400 
_refine_hist.pdbx_number_atoms_nucleic_acid   0 
_refine_hist.pdbx_number_atoms_ligand         0 
_refine_hist.number_atoms_solvent             369 
_refine_hist.number_atoms_total               1769 
_refine_hist.d_res_high                       1.60 
_refine_hist.d_res_low                        26.67 
# 
loop_
_refine_ls_restr.type 
_refine_ls_restr.dev_ideal 
_refine_ls_restr.dev_ideal_target 
_refine_ls_restr.weight 
_refine_ls_restr.number 
_refine_ls_restr.pdbx_refine_id 
_refine_ls_restr.pdbx_restraint_function 
c_bond_d           0.004 ?    ? ? 'X-RAY DIFFRACTION' ? 
c_angle_deg        1.3   ?    ? ? 'X-RAY DIFFRACTION' ? 
c_dihedral_angle_d 22.9  ?    ? ? 'X-RAY DIFFRACTION' ? 
c_improper_angle_d 0.74  ?    ? ? 'X-RAY DIFFRACTION' ? 
c_mcbond_it        1.25  1.50 ? ? 'X-RAY DIFFRACTION' ? 
c_mcangle_it       1.83  2.00 ? ? 'X-RAY DIFFRACTION' ? 
c_scbond_it        1.97  2.00 ? ? 'X-RAY DIFFRACTION' ? 
c_scangle_it       2.86  2.50 ? ? 'X-RAY DIFFRACTION' ? 
# 
_refine_ls_shell.pdbx_total_number_of_bins_used   6 
_refine_ls_shell.d_res_high                       1.60 
_refine_ls_shell.d_res_low                        1.70 
_refine_ls_shell.number_reflns_R_work             2730 
_refine_ls_shell.R_factor_R_work                  0.421 
_refine_ls_shell.percent_reflns_obs               87.7 
_refine_ls_shell.R_factor_R_free                  0.436 
_refine_ls_shell.R_factor_R_free_error            0.026 
_refine_ls_shell.percent_reflns_R_free            9.1 
_refine_ls_shell.number_reflns_R_free             273 
_refine_ls_shell.number_reflns_obs                ? 
_refine_ls_shell.redundancy_reflns_obs            ? 
_refine_ls_shell.number_reflns_all                ? 
_refine_ls_shell.pdbx_refine_id                   'X-RAY DIFFRACTION' 
_refine_ls_shell.R_factor_all                     ? 
# 
loop_
_pdbx_xplor_file.serial_no 
_pdbx_xplor_file.param_file 
_pdbx_xplor_file.topol_file 
_pdbx_xplor_file.pdbx_refine_id 
1 PROTEIN_REP.PARAM PROTEIN.TOP 'X-RAY DIFFRACTION' 
2 WATER_REP.PARAM   WATER.TOP   'X-RAY DIFFRACTION' 
# 
_struct.entry_id                  1YW5 
_struct.title                     'Peptidyl-prolyl isomerase ESS1 from Candida albicans' 
_struct.pdbx_model_details        ? 
_struct.pdbx_CASP_flag            ? 
_struct.pdbx_model_type_details   ? 
# 
_struct_keywords.entry_id        1YW5 
_struct_keywords.pdbx_keywords   ISOMERASE 
_struct_keywords.text            'WW-domain, PPIase domain, ordered linker, ISOMERASE' 
# 
loop_
_struct_asym.id 
_struct_asym.pdbx_blank_PDB_chainid_flag 
_struct_asym.pdbx_modified 
_struct_asym.entity_id 
_struct_asym.details 
A N N 1 ? 
B N N 2 ? 
# 
_struct_ref.id                         1 
_struct_ref.db_name                    UNP 
_struct_ref.db_code                    Q9C475_CANAL 
_struct_ref.entity_id                  1 
_struct_ref.pdbx_seq_one_letter_code   
;MASTSTGLPPNWTIRVSRSHNKEYFLNQSTNESSWDPPYGTDKEVLNAYIAKFKNNGYKPLVNEDGQVRVSHLLIKNNQS
RKPKSWKSPDGISRTRDESIQILKKHLERILSGEVKLSELANTESDCSSHDRGGDLGFFSKGQMQPPFEEAAFNLHVGEV
SNIIETNSGVHILQRTG
;
_struct_ref.pdbx_align_begin           1 
_struct_ref.pdbx_db_accession          Q9C475 
_struct_ref.pdbx_db_isoform            ? 
# 
_struct_ref_seq.align_id                      1 
_struct_ref_seq.ref_id                        1 
_struct_ref_seq.pdbx_PDB_id_code              1YW5 
_struct_ref_seq.pdbx_strand_id                A 
_struct_ref_seq.seq_align_beg                 1 
_struct_ref_seq.pdbx_seq_align_beg_ins_code   ? 
_struct_ref_seq.seq_align_end                 177 
_struct_ref_seq.pdbx_seq_align_end_ins_code   ? 
_struct_ref_seq.pdbx_db_accession             Q9C475 
_struct_ref_seq.db_align_beg                  1 
_struct_ref_seq.pdbx_db_align_beg_ins_code    ? 
_struct_ref_seq.db_align_end                  177 
_struct_ref_seq.pdbx_db_align_end_ins_code    ? 
_struct_ref_seq.pdbx_auth_seq_align_beg       1 
_struct_ref_seq.pdbx_auth_seq_align_end       177 
# 
_pdbx_struct_assembly.id                   1 
_pdbx_struct_assembly.details              author_defined_assembly 
_pdbx_struct_assembly.method_details       ? 
_pdbx_struct_assembly.oligomeric_details   monomeric 
_pdbx_struct_assembly.oligomeric_count     1 
# 
_pdbx_struct_assembly_gen.assembly_id       1 
_pdbx_struct_assembly_gen.oper_expression   1 
_pdbx_struct_assembly_gen.asym_id_list      A,B 
# 
_pdbx_struct_oper_list.id                   1 
_pdbx_struct_oper_list.type                 'identity operation' 
_pdbx_struct_oper_list.name                 1_555 
_pdbx_struct_oper_list.symmetry_operation   x,y,z 
_pdbx_struct_oper_list.matrix[1][1]         1.0000000000 
_pdbx_struct_oper_list.matrix[1][2]         0.0000000000 
_pdbx_struct_oper_list.matrix[1][3]         0.0000000000 
_pdbx_struct_oper_list.vector[1]            0.0000000000 
_pdbx_struct_oper_list.matrix[2][1]         0.0000000000 
_pdbx_struct_oper_list.matrix[2][2]         1.0000000000 
_pdbx_struct_oper_list.matrix[2][3]         0.0000000000 
_pdbx_struct_oper_list.vector[2]            0.0000000000 
_pdbx_struct_oper_list.matrix[3][1]         0.0000000000 
_pdbx_struct_oper_list.matrix[3][2]         0.0000000000 
_pdbx_struct_oper_list.matrix[3][3]         1.0000000000 
_pdbx_struct_oper_list.vector[3]            0.0000000000 
# 
loop_
_struct_conf.conf_type_id 
_struct_conf.id 
_struct_conf.pdbx_PDB_helix_id 
_struct_conf.beg_label_comp_id 
_struct_conf.beg_label_asym_id 
_struct_conf.beg_label_seq_id 
_struct_conf.pdbx_beg_PDB_ins_code 
_struct_conf.end_label_comp_id 
_struct_conf.end_label_asym_id 
_struct_conf.end_label_seq_id 
_struct_conf.pdbx_end_PDB_ins_code 
_struct_conf.beg_auth_comp_id 
_struct_conf.beg_auth_asym_id 
_struct_conf.beg_auth_seq_id 
_struct_conf.end_auth_comp_id 
_struct_conf.end_auth_asym_id 
_struct_conf.end_auth_seq_id 
_struct_conf.pdbx_PDB_helix_class 
_struct_conf.details 
_struct_conf.pdbx_PDB_helix_length 
HELX_P HELX_P1 1 ASP A 42  ? ASN A 56  ? ASP A 42  ASN A 56  1 ? 15 
HELX_P HELX_P2 2 THR A 95  ? SER A 112 ? THR A 95  SER A 112 1 ? 18 
HELX_P HELX_P3 3 LYS A 116 ? SER A 125 ? LYS A 116 SER A 125 1 ? 10 
HELX_P HELX_P4 4 CYS A 127 ? GLY A 133 ? CYS A 127 GLY A 133 5 ? 7  
HELX_P HELX_P5 5 GLN A 145 ? ASN A 154 ? GLN A 145 ASN A 154 1 ? 10 
# 
_struct_conf_type.id          HELX_P 
_struct_conf_type.criteria    ? 
_struct_conf_type.reference   ? 
# 
loop_
_struct_sheet.id 
_struct_sheet.type 
_struct_sheet.number_strands 
_struct_sheet.details 
A ? 3 ? 
B ? 4 ? 
# 
loop_
_struct_sheet_order.sheet_id 
_struct_sheet_order.range_id_1 
_struct_sheet_order.range_id_2 
_struct_sheet_order.offset 
_struct_sheet_order.sense 
A 1 2 ? anti-parallel 
A 2 3 ? anti-parallel 
B 1 2 ? anti-parallel 
B 2 3 ? anti-parallel 
B 3 4 ? anti-parallel 
# 
loop_
_struct_sheet_range.sheet_id 
_struct_sheet_range.id 
_struct_sheet_range.beg_label_comp_id 
_struct_sheet_range.beg_label_asym_id 
_struct_sheet_range.beg_label_seq_id 
_struct_sheet_range.pdbx_beg_PDB_ins_code 
_struct_sheet_range.end_label_comp_id 
_struct_sheet_range.end_label_asym_id 
_struct_sheet_range.end_label_seq_id 
_struct_sheet_range.pdbx_end_PDB_ins_code 
_struct_sheet_range.beg_auth_comp_id 
_struct_sheet_range.beg_auth_asym_id 
_struct_sheet_range.beg_auth_seq_id 
_struct_sheet_range.end_auth_comp_id 
_struct_sheet_range.end_auth_asym_id 
_struct_sheet_range.end_auth_seq_id 
A 1 TRP A 12  ? VAL A 16  ? TRP A 12  VAL A 16  
A 2 GLU A 23  ? ASN A 27  ? GLU A 23  ASN A 27  
A 3 SER A 33  ? SER A 34  ? SER A 33  SER A 34  
B 1 ASP A 135 ? PHE A 139 ? ASP A 135 PHE A 139 
B 2 VAL A 68  ? ILE A 75  ? VAL A 68  ILE A 75  
B 3 GLY A 169 ? ARG A 175 ? GLY A 169 ARG A 175 
B 4 ILE A 164 ? THR A 166 ? ILE A 164 THR A 166 
# 
loop_
_pdbx_struct_sheet_hbond.sheet_id 
_pdbx_struct_sheet_hbond.range_id_1 
_pdbx_struct_sheet_hbond.range_id_2 
_pdbx_struct_sheet_hbond.range_1_label_atom_id 
_pdbx_struct_sheet_hbond.range_1_label_comp_id 
_pdbx_struct_sheet_hbond.range_1_label_asym_id 
_pdbx_struct_sheet_hbond.range_1_label_seq_id 
_pdbx_struct_sheet_hbond.range_1_PDB_ins_code 
_pdbx_struct_sheet_hbond.range_1_auth_atom_id 
_pdbx_struct_sheet_hbond.range_1_auth_comp_id 
_pdbx_struct_sheet_hbond.range_1_auth_asym_id 
_pdbx_struct_sheet_hbond.range_1_auth_seq_id 
_pdbx_struct_sheet_hbond.range_2_label_atom_id 
_pdbx_struct_sheet_hbond.range_2_label_comp_id 
_pdbx_struct_sheet_hbond.range_2_label_asym_id 
_pdbx_struct_sheet_hbond.range_2_label_seq_id 
_pdbx_struct_sheet_hbond.range_2_PDB_ins_code 
_pdbx_struct_sheet_hbond.range_2_auth_atom_id 
_pdbx_struct_sheet_hbond.range_2_auth_comp_id 
_pdbx_struct_sheet_hbond.range_2_auth_asym_id 
_pdbx_struct_sheet_hbond.range_2_auth_seq_id 
A 1 2 N ARG A 15  ? N ARG A 15  O TYR A 24  ? O TYR A 24  
A 2 3 N PHE A 25  ? N PHE A 25  O SER A 34  ? O SER A 34  
B 1 2 O LEU A 136 ? O LEU A 136 N VAL A 70  ? N VAL A 70  
B 2 3 N ILE A 75  ? N ILE A 75  O VAL A 170 ? O VAL A 170 
B 3 4 O HIS A 171 ? O HIS A 171 N ILE A 164 ? N ILE A 164 
# 
loop_
_pdbx_validate_torsion.id 
_pdbx_validate_torsion.PDB_model_num 
_pdbx_validate_torsion.auth_comp_id 
_pdbx_validate_torsion.auth_asym_id 
_pdbx_validate_torsion.auth_seq_id 
_pdbx_validate_torsion.PDB_ins_code 
_pdbx_validate_torsion.label_alt_id 
_pdbx_validate_torsion.phi 
_pdbx_validate_torsion.psi 
1 1 ASN A 11 ? ? 85.01  -15.30 
2 1 ASN A 78 ? ? -68.67 0.33   
3 1 LYS A 82 ? ? 37.57  67.99  
# 
loop_
_chem_comp_atom.comp_id 
_chem_comp_atom.atom_id 
_chem_comp_atom.type_symbol 
_chem_comp_atom.pdbx_aromatic_flag 
_chem_comp_atom.pdbx_stereo_config 
_chem_comp_atom.pdbx_ordinal 
ALA N    N N N 1   
ALA CA   C N S 2   
ALA C    C N N 3   
ALA O    O N N 4   
ALA CB   C N N 5   
ALA OXT  O N N 6   
ALA H    H N N 7   
ALA H2   H N N 8   
ALA HA   H N N 9   
ALA HB1  H N N 10  
ALA HB2  H N N 11  
ALA HB3  H N N 12  
ALA HXT  H N N 13  
ARG N    N N N 14  
ARG CA   C N S 15  
ARG C    C N N 16  
ARG O    O N N 17  
ARG CB   C N N 18  
ARG CG   C N N 19  
ARG CD   C N N 20  
ARG NE   N N N 21  
ARG CZ   C N N 22  
ARG NH1  N N N 23  
ARG NH2  N N N 24  
ARG OXT  O N N 25  
ARG H    H N N 26  
ARG H2   H N N 27  
ARG HA   H N N 28  
ARG HB2  H N N 29  
ARG HB3  H N N 30  
ARG HG2  H N N 31  
ARG HG3  H N N 32  
ARG HD2  H N N 33  
ARG HD3  H N N 34  
ARG HE   H N N 35  
ARG HH11 H N N 36  
ARG HH12 H N N 37  
ARG HH21 H N N 38  
ARG HH22 H N N 39  
ARG HXT  H N N 40  
ASN N    N N N 41  
ASN CA   C N S 42  
ASN C    C N N 43  
ASN O    O N N 44  
ASN CB   C N N 45  
ASN CG   C N N 46  
ASN OD1  O N N 47  
ASN ND2  N N N 48  
ASN OXT  O N N 49  
ASN H    H N N 50  
ASN H2   H N N 51  
ASN HA   H N N 52  
ASN HB2  H N N 53  
ASN HB3  H N N 54  
ASN HD21 H N N 55  
ASN HD22 H N N 56  
ASN HXT  H N N 57  
ASP N    N N N 58  
ASP CA   C N S 59  
ASP C    C N N 60  
ASP O    O N N 61  
ASP CB   C N N 62  
ASP CG   C N N 63  
ASP OD1  O N N 64  
ASP OD2  O N N 65  
ASP OXT  O N N 66  
ASP H    H N N 67  
ASP H2   H N N 68  
ASP HA   H N N 69  
ASP HB2  H N N 70  
ASP HB3  H N N 71  
ASP HD2  H N N 72  
ASP HXT  H N N 73  
CYS N    N N N 74  
CYS CA   C N R 75  
CYS C    C N N 76  
CYS O    O N N 77  
CYS CB   C N N 78  
CYS SG   S N N 79  
CYS OXT  O N N 80  
CYS H    H N N 81  
CYS H2   H N N 82  
CYS HA   H N N 83  
CYS HB2  H N N 84  
CYS HB3  H N N 85  
CYS HG   H N N 86  
CYS HXT  H N N 87  
GLN N    N N N 88  
GLN CA   C N S 89  
GLN C    C N N 90  
GLN O    O N N 91  
GLN CB   C N N 92  
GLN CG   C N N 93  
GLN CD   C N N 94  
GLN OE1  O N N 95  
GLN NE2  N N N 96  
GLN OXT  O N N 97  
GLN H    H N N 98  
GLN H2   H N N 99  
GLN HA   H N N 100 
GLN HB2  H N N 101 
GLN HB3  H N N 102 
GLN HG2  H N N 103 
GLN HG3  H N N 104 
GLN HE21 H N N 105 
GLN HE22 H N N 106 
GLN HXT  H N N 107 
GLU N    N N N 108 
GLU CA   C N S 109 
GLU C    C N N 110 
GLU O    O N N 111 
GLU CB   C N N 112 
GLU CG   C N N 113 
GLU CD   C N N 114 
GLU OE1  O N N 115 
GLU OE2  O N N 116 
GLU OXT  O N N 117 
GLU H    H N N 118 
GLU H2   H N N 119 
GLU HA   H N N 120 
GLU HB2  H N N 121 
GLU HB3  H N N 122 
GLU HG2  H N N 123 
GLU HG3  H N N 124 
GLU HE2  H N N 125 
GLU HXT  H N N 126 
GLY N    N N N 127 
GLY CA   C N N 128 
GLY C    C N N 129 
GLY O    O N N 130 
GLY OXT  O N N 131 
GLY H    H N N 132 
GLY H2   H N N 133 
GLY HA2  H N N 134 
GLY HA3  H N N 135 
GLY HXT  H N N 136 
HIS N    N N N 137 
HIS CA   C N S 138 
HIS C    C N N 139 
HIS O    O N N 140 
HIS CB   C N N 141 
HIS CG   C Y N 142 
HIS ND1  N Y N 143 
HIS CD2  C Y N 144 
HIS CE1  C Y N 145 
HIS NE2  N Y N 146 
HIS OXT  O N N 147 
HIS H    H N N 148 
HIS H2   H N N 149 
HIS HA   H N N 150 
HIS HB2  H N N 151 
HIS HB3  H N N 152 
HIS HD1  H N N 153 
HIS HD2  H N N 154 
HIS HE1  H N N 155 
HIS HE2  H N N 156 
HIS HXT  H N N 157 
HOH O    O N N 158 
HOH H1   H N N 159 
HOH H2   H N N 160 
ILE N    N N N 161 
ILE CA   C N S 162 
ILE C    C N N 163 
ILE O    O N N 164 
ILE CB   C N S 165 
ILE CG1  C N N 166 
ILE CG2  C N N 167 
ILE CD1  C N N 168 
ILE OXT  O N N 169 
ILE H    H N N 170 
ILE H2   H N N 171 
ILE HA   H N N 172 
ILE HB   H N N 173 
ILE HG12 H N N 174 
ILE HG13 H N N 175 
ILE HG21 H N N 176 
ILE HG22 H N N 177 
ILE HG23 H N N 178 
ILE HD11 H N N 179 
ILE HD12 H N N 180 
ILE HD13 H N N 181 
ILE HXT  H N N 182 
LEU N    N N N 183 
LEU CA   C N S 184 
LEU C    C N N 185 
LEU O    O N N 186 
LEU CB   C N N 187 
LEU CG   C N N 188 
LEU CD1  C N N 189 
LEU CD2  C N N 190 
LEU OXT  O N N 191 
LEU H    H N N 192 
LEU H2   H N N 193 
LEU HA   H N N 194 
LEU HB2  H N N 195 
LEU HB3  H N N 196 
LEU HG   H N N 197 
LEU HD11 H N N 198 
LEU HD12 H N N 199 
LEU HD13 H N N 200 
LEU HD21 H N N 201 
LEU HD22 H N N 202 
LEU HD23 H N N 203 
LEU HXT  H N N 204 
LYS N    N N N 205 
LYS CA   C N S 206 
LYS C    C N N 207 
LYS O    O N N 208 
LYS CB   C N N 209 
LYS CG   C N N 210 
LYS CD   C N N 211 
LYS CE   C N N 212 
LYS NZ   N N N 213 
LYS OXT  O N N 214 
LYS H    H N N 215 
LYS H2   H N N 216 
LYS HA   H N N 217 
LYS HB2  H N N 218 
LYS HB3  H N N 219 
LYS HG2  H N N 220 
LYS HG3  H N N 221 
LYS HD2  H N N 222 
LYS HD3  H N N 223 
LYS HE2  H N N 224 
LYS HE3  H N N 225 
LYS HZ1  H N N 226 
LYS HZ2  H N N 227 
LYS HZ3  H N N 228 
LYS HXT  H N N 229 
MET N    N N N 230 
MET CA   C N S 231 
MET C    C N N 232 
MET O    O N N 233 
MET CB   C N N 234 
MET CG   C N N 235 
MET SD   S N N 236 
MET CE   C N N 237 
MET OXT  O N N 238 
MET H    H N N 239 
MET H2   H N N 240 
MET HA   H N N 241 
MET HB2  H N N 242 
MET HB3  H N N 243 
MET HG2  H N N 244 
MET HG3  H N N 245 
MET HE1  H N N 246 
MET HE2  H N N 247 
MET HE3  H N N 248 
MET HXT  H N N 249 
PHE N    N N N 250 
PHE CA   C N S 251 
PHE C    C N N 252 
PHE O    O N N 253 
PHE CB   C N N 254 
PHE CG   C Y N 255 
PHE CD1  C Y N 256 
PHE CD2  C Y N 257 
PHE CE1  C Y N 258 
PHE CE2  C Y N 259 
PHE CZ   C Y N 260 
PHE OXT  O N N 261 
PHE H    H N N 262 
PHE H2   H N N 263 
PHE HA   H N N 264 
PHE HB2  H N N 265 
PHE HB3  H N N 266 
PHE HD1  H N N 267 
PHE HD2  H N N 268 
PHE HE1  H N N 269 
PHE HE2  H N N 270 
PHE HZ   H N N 271 
PHE HXT  H N N 272 
PRO N    N N N 273 
PRO CA   C N S 274 
PRO C    C N N 275 
PRO O    O N N 276 
PRO CB   C N N 277 
PRO CG   C N N 278 
PRO CD   C N N 279 
PRO OXT  O N N 280 
PRO H    H N N 281 
PRO HA   H N N 282 
PRO HB2  H N N 283 
PRO HB3  H N N 284 
PRO HG2  H N N 285 
PRO HG3  H N N 286 
PRO HD2  H N N 287 
PRO HD3  H N N 288 
PRO HXT  H N N 289 
SER N    N N N 290 
SER CA   C N S 291 
SER C    C N N 292 
SER O    O N N 293 
SER CB   C N N 294 
SER OG   O N N 295 
SER OXT  O N N 296 
SER H    H N N 297 
SER H2   H N N 298 
SER HA   H N N 299 
SER HB2  H N N 300 
SER HB3  H N N 301 
SER HG   H N N 302 
SER HXT  H N N 303 
THR N    N N N 304 
THR CA   C N S 305 
THR C    C N N 306 
THR O    O N N 307 
THR CB   C N R 308 
THR OG1  O N N 309 
THR CG2  C N N 310 
THR OXT  O N N 311 
THR H    H N N 312 
THR H2   H N N 313 
THR HA   H N N 314 
THR HB   H N N 315 
THR HG1  H N N 316 
THR HG21 H N N 317 
THR HG22 H N N 318 
THR HG23 H N N 319 
THR HXT  H N N 320 
TRP N    N N N 321 
TRP CA   C N S 322 
TRP C    C N N 323 
TRP O    O N N 324 
TRP CB   C N N 325 
TRP CG   C Y N 326 
TRP CD1  C Y N 327 
TRP CD2  C Y N 328 
TRP NE1  N Y N 329 
TRP CE2  C Y N 330 
TRP CE3  C Y N 331 
TRP CZ2  C Y N 332 
TRP CZ3  C Y N 333 
TRP CH2  C Y N 334 
TRP OXT  O N N 335 
TRP H    H N N 336 
TRP H2   H N N 337 
TRP HA   H N N 338 
TRP HB2  H N N 339 
TRP HB3  H N N 340 
TRP HD1  H N N 341 
TRP HE1  H N N 342 
TRP HE3  H N N 343 
TRP HZ2  H N N 344 
TRP HZ3  H N N 345 
TRP HH2  H N N 346 
TRP HXT  H N N 347 
TYR N    N N N 348 
TYR CA   C N S 349 
TYR C    C N N 350 
TYR O    O N N 351 
TYR CB   C N N 352 
TYR CG   C Y N 353 
TYR CD1  C Y N 354 
TYR CD2  C Y N 355 
TYR CE1  C Y N 356 
TYR CE2  C Y N 357 
TYR CZ   C Y N 358 
TYR OH   O N N 359 
TYR OXT  O N N 360 
TYR H    H N N 361 
TYR H2   H N N 362 
TYR HA   H N N 363 
TYR HB2  H N N 364 
TYR HB3  H N N 365 
TYR HD1  H N N 366 
TYR HD2  H N N 367 
TYR HE1  H N N 368 
TYR HE2  H N N 369 
TYR HH   H N N 370 
TYR HXT  H N N 371 
VAL N    N N N 372 
VAL CA   C N S 373 
VAL C    C N N 374 
VAL O    O N N 375 
VAL CB   C N N 376 
VAL CG1  C N N 377 
VAL CG2  C N N 378 
VAL OXT  O N N 379 
VAL H    H N N 380 
VAL H2   H N N 381 
VAL HA   H N N 382 
VAL HB   H N N 383 
VAL HG11 H N N 384 
VAL HG12 H N N 385 
VAL HG13 H N N 386 
VAL HG21 H N N 387 
VAL HG22 H N N 388 
VAL HG23 H N N 389 
VAL HXT  H N N 390 
# 
loop_
_chem_comp_bond.comp_id 
_chem_comp_bond.atom_id_1 
_chem_comp_bond.atom_id_2 
_chem_comp_bond.value_order 
_chem_comp_bond.pdbx_aromatic_flag 
_chem_comp_bond.pdbx_stereo_config 
_chem_comp_bond.pdbx_ordinal 
ALA N   CA   sing N N 1   
ALA N   H    sing N N 2   
ALA N   H2   sing N N 3   
ALA CA  C    sing N N 4   
ALA CA  CB   sing N N 5   
ALA CA  HA   sing N N 6   
ALA C   O    doub N N 7   
ALA C   OXT  sing N N 8   
ALA CB  HB1  sing N N 9   
ALA CB  HB2  sing N N 10  
ALA CB  HB3  sing N N 11  
ALA OXT HXT  sing N N 12  
ARG N   CA   sing N N 13  
ARG N   H    sing N N 14  
ARG N   H2   sing N N 15  
ARG CA  C    sing N N 16  
ARG CA  CB   sing N N 17  
ARG CA  HA   sing N N 18  
ARG C   O    doub N N 19  
ARG C   OXT  sing N N 20  
ARG CB  CG   sing N N 21  
ARG CB  HB2  sing N N 22  
ARG CB  HB3  sing N N 23  
ARG CG  CD   sing N N 24  
ARG CG  HG2  sing N N 25  
ARG CG  HG3  sing N N 26  
ARG CD  NE   sing N N 27  
ARG CD  HD2  sing N N 28  
ARG CD  HD3  sing N N 29  
ARG NE  CZ   sing N N 30  
ARG NE  HE   sing N N 31  
ARG CZ  NH1  sing N N 32  
ARG CZ  NH2  doub N N 33  
ARG NH1 HH11 sing N N 34  
ARG NH1 HH12 sing N N 35  
ARG NH2 HH21 sing N N 36  
ARG NH2 HH22 sing N N 37  
ARG OXT HXT  sing N N 38  
ASN N   CA   sing N N 39  
ASN N   H    sing N N 40  
ASN N   H2   sing N N 41  
ASN CA  C    sing N N 42  
ASN CA  CB   sing N N 43  
ASN CA  HA   sing N N 44  
ASN C   O    doub N N 45  
ASN C   OXT  sing N N 46  
ASN CB  CG   sing N N 47  
ASN CB  HB2  sing N N 48  
ASN CB  HB3  sing N N 49  
ASN CG  OD1  doub N N 50  
ASN CG  ND2  sing N N 51  
ASN ND2 HD21 sing N N 52  
ASN ND2 HD22 sing N N 53  
ASN OXT HXT  sing N N 54  
ASP N   CA   sing N N 55  
ASP N   H    sing N N 56  
ASP N   H2   sing N N 57  
ASP CA  C    sing N N 58  
ASP CA  CB   sing N N 59  
ASP CA  HA   sing N N 60  
ASP C   O    doub N N 61  
ASP C   OXT  sing N N 62  
ASP CB  CG   sing N N 63  
ASP CB  HB2  sing N N 64  
ASP CB  HB3  sing N N 65  
ASP CG  OD1  doub N N 66  
ASP CG  OD2  sing N N 67  
ASP OD2 HD2  sing N N 68  
ASP OXT HXT  sing N N 69  
CYS N   CA   sing N N 70  
CYS N   H    sing N N 71  
CYS N   H2   sing N N 72  
CYS CA  C    sing N N 73  
CYS CA  CB   sing N N 74  
CYS CA  HA   sing N N 75  
CYS C   O    doub N N 76  
CYS C   OXT  sing N N 77  
CYS CB  SG   sing N N 78  
CYS CB  HB2  sing N N 79  
CYS CB  HB3  sing N N 80  
CYS SG  HG   sing N N 81  
CYS OXT HXT  sing N N 82  
GLN N   CA   sing N N 83  
GLN N   H    sing N N 84  
GLN N   H2   sing N N 85  
GLN CA  C    sing N N 86  
GLN CA  CB   sing N N 87  
GLN CA  HA   sing N N 88  
GLN C   O    doub N N 89  
GLN C   OXT  sing N N 90  
GLN CB  CG   sing N N 91  
GLN CB  HB2  sing N N 92  
GLN CB  HB3  sing N N 93  
GLN CG  CD   sing N N 94  
GLN CG  HG2  sing N N 95  
GLN CG  HG3  sing N N 96  
GLN CD  OE1  doub N N 97  
GLN CD  NE2  sing N N 98  
GLN NE2 HE21 sing N N 99  
GLN NE2 HE22 sing N N 100 
GLN OXT HXT  sing N N 101 
GLU N   CA   sing N N 102 
GLU N   H    sing N N 103 
GLU N   H2   sing N N 104 
GLU CA  C    sing N N 105 
GLU CA  CB   sing N N 106 
GLU CA  HA   sing N N 107 
GLU C   O    doub N N 108 
GLU C   OXT  sing N N 109 
GLU CB  CG   sing N N 110 
GLU CB  HB2  sing N N 111 
GLU CB  HB3  sing N N 112 
GLU CG  CD   sing N N 113 
GLU CG  HG2  sing N N 114 
GLU CG  HG3  sing N N 115 
GLU CD  OE1  doub N N 116 
GLU CD  OE2  sing N N 117 
GLU OE2 HE2  sing N N 118 
GLU OXT HXT  sing N N 119 
GLY N   CA   sing N N 120 
GLY N   H    sing N N 121 
GLY N   H2   sing N N 122 
GLY CA  C    sing N N 123 
GLY CA  HA2  sing N N 124 
GLY CA  HA3  sing N N 125 
GLY C   O    doub N N 126 
GLY C   OXT  sing N N 127 
GLY OXT HXT  sing N N 128 
HIS N   CA   sing N N 129 
HIS N   H    sing N N 130 
HIS N   H2   sing N N 131 
HIS CA  C    sing N N 132 
HIS CA  CB   sing N N 133 
HIS CA  HA   sing N N 134 
HIS C   O    doub N N 135 
HIS C   OXT  sing N N 136 
HIS CB  CG   sing N N 137 
HIS CB  HB2  sing N N 138 
HIS CB  HB3  sing N N 139 
HIS CG  ND1  sing Y N 140 
HIS CG  CD2  doub Y N 141 
HIS ND1 CE1  doub Y N 142 
HIS ND1 HD1  sing N N 143 
HIS CD2 NE2  sing Y N 144 
HIS CD2 HD2  sing N N 145 
HIS CE1 NE2  sing Y N 146 
HIS CE1 HE1  sing N N 147 
HIS NE2 HE2  sing N N 148 
HIS OXT HXT  sing N N 149 
HOH O   H1   sing N N 150 
HOH O   H2   sing N N 151 
ILE N   CA   sing N N 152 
ILE N   H    sing N N 153 
ILE N   H2   sing N N 154 
ILE CA  C    sing N N 155 
ILE CA  CB   sing N N 156 
ILE CA  HA   sing N N 157 
ILE C   O    doub N N 158 
ILE C   OXT  sing N N 159 
ILE CB  CG1  sing N N 160 
ILE CB  CG2  sing N N 161 
ILE CB  HB   sing N N 162 
ILE CG1 CD1  sing N N 163 
ILE CG1 HG12 sing N N 164 
ILE CG1 HG13 sing N N 165 
ILE CG2 HG21 sing N N 166 
ILE CG2 HG22 sing N N 167 
ILE CG2 HG23 sing N N 168 
ILE CD1 HD11 sing N N 169 
ILE CD1 HD12 sing N N 170 
ILE CD1 HD13 sing N N 171 
ILE OXT HXT  sing N N 172 
LEU N   CA   sing N N 173 
LEU N   H    sing N N 174 
LEU N   H2   sing N N 175 
LEU CA  C    sing N N 176 
LEU CA  CB   sing N N 177 
LEU CA  HA   sing N N 178 
LEU C   O    doub N N 179 
LEU C   OXT  sing N N 180 
LEU CB  CG   sing N N 181 
LEU CB  HB2  sing N N 182 
LEU CB  HB3  sing N N 183 
LEU CG  CD1  sing N N 184 
LEU CG  CD2  sing N N 185 
LEU CG  HG   sing N N 186 
LEU CD1 HD11 sing N N 187 
LEU CD1 HD12 sing N N 188 
LEU CD1 HD13 sing N N 189 
LEU CD2 HD21 sing N N 190 
LEU CD2 HD22 sing N N 191 
LEU CD2 HD23 sing N N 192 
LEU OXT HXT  sing N N 193 
LYS N   CA   sing N N 194 
LYS N   H    sing N N 195 
LYS N   H2   sing N N 196 
LYS CA  C    sing N N 197 
LYS CA  CB   sing N N 198 
LYS CA  HA   sing N N 199 
LYS C   O    doub N N 200 
LYS C   OXT  sing N N 201 
LYS CB  CG   sing N N 202 
LYS CB  HB2  sing N N 203 
LYS CB  HB3  sing N N 204 
LYS CG  CD   sing N N 205 
LYS CG  HG2  sing N N 206 
LYS CG  HG3  sing N N 207 
LYS CD  CE   sing N N 208 
LYS CD  HD2  sing N N 209 
LYS CD  HD3  sing N N 210 
LYS CE  NZ   sing N N 211 
LYS CE  HE2  sing N N 212 
LYS CE  HE3  sing N N 213 
LYS NZ  HZ1  sing N N 214 
LYS NZ  HZ2  sing N N 215 
LYS NZ  HZ3  sing N N 216 
LYS OXT HXT  sing N N 217 
MET N   CA   sing N N 218 
MET N   H    sing N N 219 
MET N   H2   sing N N 220 
MET CA  C    sing N N 221 
MET CA  CB   sing N N 222 
MET CA  HA   sing N N 223 
MET C   O    doub N N 224 
MET C   OXT  sing N N 225 
MET CB  CG   sing N N 226 
MET CB  HB2  sing N N 227 
MET CB  HB3  sing N N 228 
MET CG  SD   sing N N 229 
MET CG  HG2  sing N N 230 
MET CG  HG3  sing N N 231 
MET SD  CE   sing N N 232 
MET CE  HE1  sing N N 233 
MET CE  HE2  sing N N 234 
MET CE  HE3  sing N N 235 
MET OXT HXT  sing N N 236 
PHE N   CA   sing N N 237 
PHE N   H    sing N N 238 
PHE N   H2   sing N N 239 
PHE CA  C    sing N N 240 
PHE CA  CB   sing N N 241 
PHE CA  HA   sing N N 242 
PHE C   O    doub N N 243 
PHE C   OXT  sing N N 244 
PHE CB  CG   sing N N 245 
PHE CB  HB2  sing N N 246 
PHE CB  HB3  sing N N 247 
PHE CG  CD1  doub Y N 248 
PHE CG  CD2  sing Y N 249 
PHE CD1 CE1  sing Y N 250 
PHE CD1 HD1  sing N N 251 
PHE CD2 CE2  doub Y N 252 
PHE CD2 HD2  sing N N 253 
PHE CE1 CZ   doub Y N 254 
PHE CE1 HE1  sing N N 255 
PHE CE2 CZ   sing Y N 256 
PHE CE2 HE2  sing N N 257 
PHE CZ  HZ   sing N N 258 
PHE OXT HXT  sing N N 259 
PRO N   CA   sing N N 260 
PRO N   CD   sing N N 261 
PRO N   H    sing N N 262 
PRO CA  C    sing N N 263 
PRO CA  CB   sing N N 264 
PRO CA  HA   sing N N 265 
PRO C   O    doub N N 266 
PRO C   OXT  sing N N 267 
PRO CB  CG   sing N N 268 
PRO CB  HB2  sing N N 269 
PRO CB  HB3  sing N N 270 
PRO CG  CD   sing N N 271 
PRO CG  HG2  sing N N 272 
PRO CG  HG3  sing N N 273 
PRO CD  HD2  sing N N 274 
PRO CD  HD3  sing N N 275 
PRO OXT HXT  sing N N 276 
SER N   CA   sing N N 277 
SER N   H    sing N N 278 
SER N   H2   sing N N 279 
SER CA  C    sing N N 280 
SER CA  CB   sing N N 281 
SER CA  HA   sing N N 282 
SER C   O    doub N N 283 
SER C   OXT  sing N N 284 
SER CB  OG   sing N N 285 
SER CB  HB2  sing N N 286 
SER CB  HB3  sing N N 287 
SER OG  HG   sing N N 288 
SER OXT HXT  sing N N 289 
THR N   CA   sing N N 290 
THR N   H    sing N N 291 
THR N   H2   sing N N 292 
THR CA  C    sing N N 293 
THR CA  CB   sing N N 294 
THR CA  HA   sing N N 295 
THR C   O    doub N N 296 
THR C   OXT  sing N N 297 
THR CB  OG1  sing N N 298 
THR CB  CG2  sing N N 299 
THR CB  HB   sing N N 300 
THR OG1 HG1  sing N N 301 
THR CG2 HG21 sing N N 302 
THR CG2 HG22 sing N N 303 
THR CG2 HG23 sing N N 304 
THR OXT HXT  sing N N 305 
TRP N   CA   sing N N 306 
TRP N   H    sing N N 307 
TRP N   H2   sing N N 308 
TRP CA  C    sing N N 309 
TRP CA  CB   sing N N 310 
TRP CA  HA   sing N N 311 
TRP C   O    doub N N 312 
TRP C   OXT  sing N N 313 
TRP CB  CG   sing N N 314 
TRP CB  HB2  sing N N 315 
TRP CB  HB3  sing N N 316 
TRP CG  CD1  doub Y N 317 
TRP CG  CD2  sing Y N 318 
TRP CD1 NE1  sing Y N 319 
TRP CD1 HD1  sing N N 320 
TRP CD2 CE2  doub Y N 321 
TRP CD2 CE3  sing Y N 322 
TRP NE1 CE2  sing Y N 323 
TRP NE1 HE1  sing N N 324 
TRP CE2 CZ2  sing Y N 325 
TRP CE3 CZ3  doub Y N 326 
TRP CE3 HE3  sing N N 327 
TRP CZ2 CH2  doub Y N 328 
TRP CZ2 HZ2  sing N N 329 
TRP CZ3 CH2  sing Y N 330 
TRP CZ3 HZ3  sing N N 331 
TRP CH2 HH2  sing N N 332 
TRP OXT HXT  sing N N 333 
TYR N   CA   sing N N 334 
TYR N   H    sing N N 335 
TYR N   H2   sing N N 336 
TYR CA  C    sing N N 337 
TYR CA  CB   sing N N 338 
TYR CA  HA   sing N N 339 
TYR C   O    doub N N 340 
TYR C   OXT  sing N N 341 
TYR CB  CG   sing N N 342 
TYR CB  HB2  sing N N 343 
TYR CB  HB3  sing N N 344 
TYR CG  CD1  doub Y N 345 
TYR CG  CD2  sing Y N 346 
TYR CD1 CE1  sing Y N 347 
TYR CD1 HD1  sing N N 348 
TYR CD2 CE2  doub Y N 349 
TYR CD2 HD2  sing N N 350 
TYR CE1 CZ   doub Y N 351 
TYR CE1 HE1  sing N N 352 
TYR CE2 CZ   sing Y N 353 
TYR CE2 HE2  sing N N 354 
TYR CZ  OH   sing N N 355 
TYR OH  HH   sing N N 356 
TYR OXT HXT  sing N N 357 
VAL N   CA   sing N N 358 
VAL N   H    sing N N 359 
VAL N   H2   sing N N 360 
VAL CA  C    sing N N 361 
VAL CA  CB   sing N N 362 
VAL CA  HA   sing N N 363 
VAL C   O    doub N N 364 
VAL C   OXT  sing N N 365 
VAL CB  CG1  sing N N 366 
VAL CB  CG2  sing N N 367 
VAL CB  HB   sing N N 368 
VAL CG1 HG11 sing N N 369 
VAL CG1 HG12 sing N N 370 
VAL CG1 HG13 sing N N 371 
VAL CG2 HG21 sing N N 372 
VAL CG2 HG22 sing N N 373 
VAL CG2 HG23 sing N N 374 
VAL OXT HXT  sing N N 375 
# 
_atom_sites.entry_id                    1YW5 
_atom_sites.fract_transf_matrix[1][1]   0.00864612 
_atom_sites.fract_transf_matrix[1][2]   -0.01955597 
_atom_sites.fract_transf_matrix[1][3]   0.02581148 
_atom_sites.fract_transf_matrix[2][1]   -0.00650416 
_atom_sites.fract_transf_matrix[2][2]   0.01122076 
_atom_sites.fract_transf_matrix[2][3]   0.01068007 
_atom_sites.fract_transf_matrix[3][1]   -0.01962808 
_atom_sites.fract_transf_matrix[3][2]   -0.01053686 
_atom_sites.fract_transf_matrix[3][3]   -0.00088319 
_atom_sites.fract_transf_vector[1]      0.812497 
_atom_sites.fract_transf_vector[2]      0.319913 
_atom_sites.fract_transf_vector[3]      0.174846 
# 
loop_
_atom_type.symbol 
C 
N 
O 
S 
# 
loop_
_atom_site.group_PDB 
_atom_site.id 
_atom_site.type_symbol 
_atom_site.label_atom_id 
_atom_site.label_alt_id 
_atom_site.label_comp_id 
_atom_site.label_asym_id 
_atom_site.label_entity_id 
_atom_site.label_seq_id 
_atom_site.pdbx_PDB_ins_code 
_atom_site.Cartn_x 
_atom_site.Cartn_y 
_atom_site.Cartn_z 
_atom_site.occupancy 
_atom_site.B_iso_or_equiv 
_atom_site.pdbx_formal_charge 
_atom_site.auth_seq_id 
_atom_site.auth_comp_id 
_atom_site.auth_asym_id 
_atom_site.auth_atom_id 
_atom_site.pdbx_PDB_model_num 
ATOM   1    N N   . MET A 1 1   ? -6.603  -10.918 20.191  1.00 33.29 ? 1   MET A N   1 
ATOM   2    C CA  . MET A 1 1   ? -6.988  -11.995 19.235  1.00 32.96 ? 1   MET A CA  1 
ATOM   3    C C   . MET A 1 1   ? -7.255  -11.411 17.850  1.00 30.90 ? 1   MET A C   1 
ATOM   4    O O   . MET A 1 1   ? -6.608  -11.797 16.877  1.00 29.48 ? 1   MET A O   1 
ATOM   5    C CB  . MET A 1 1   ? -8.237  -12.727 19.733  1.00 35.95 ? 1   MET A CB  1 
ATOM   6    C CG  . MET A 1 1   ? -8.613  -13.950 18.907  1.00 37.96 ? 1   MET A CG  1 
ATOM   7    S SD  . MET A 1 1   ? -7.416  -15.297 19.060  1.00 43.89 ? 1   MET A SD  1 
ATOM   8    C CE  . MET A 1 1   ? -8.178  -16.291 20.356  1.00 42.13 ? 1   MET A CE  1 
ATOM   9    N N   . ALA A 1 2   ? -8.209  -10.484 17.770  1.00 28.78 ? 2   ALA A N   1 
ATOM   10   C CA  . ALA A 1 2   ? -8.560  -9.838  16.506  1.00 26.78 ? 2   ALA A CA  1 
ATOM   11   C C   . ALA A 1 2   ? -7.288  -9.327  15.841  1.00 25.10 ? 2   ALA A C   1 
ATOM   12   O O   . ALA A 1 2   ? -6.520  -8.574  16.441  1.00 24.68 ? 2   ALA A O   1 
ATOM   13   C CB  . ALA A 1 2   ? -9.525  -8.684  16.755  1.00 27.11 ? 2   ALA A CB  1 
ATOM   14   N N   . SER A 1 3   ? -7.072  -9.735  14.597  1.00 22.93 ? 3   SER A N   1 
ATOM   15   C CA  . SER A 1 3   ? -5.872  -9.345  13.875  1.00 21.92 ? 3   SER A CA  1 
ATOM   16   C C   . SER A 1 3   ? -6.147  -8.989  12.422  1.00 19.77 ? 3   SER A C   1 
ATOM   17   O O   . SER A 1 3   ? -7.137  -9.434  11.838  1.00 18.21 ? 3   SER A O   1 
ATOM   18   C CB  . SER A 1 3   ? -4.856  -10.490 13.935  1.00 23.71 ? 3   SER A CB  1 
ATOM   19   O OG  . SER A 1 3   ? -3.720  -10.217 13.136  1.00 25.96 ? 3   SER A OG  1 
ATOM   20   N N   . THR A 1 4   ? -5.267  -8.175  11.845  1.00 18.18 ? 4   THR A N   1 
ATOM   21   C CA  . THR A 1 4   ? -5.399  -7.779  10.448  1.00 15.99 ? 4   THR A CA  1 
ATOM   22   C C   . THR A 1 4   ? -4.392  -8.554  9.599   1.00 15.22 ? 4   THR A C   1 
ATOM   23   O O   . THR A 1 4   ? -4.294  -8.348  8.391   1.00 15.03 ? 4   THR A O   1 
ATOM   24   C CB  . THR A 1 4   ? -5.144  -6.270  10.258  1.00 15.83 ? 4   THR A CB  1 
ATOM   25   O OG1 . THR A 1 4   ? -3.831  -5.940  10.727  1.00 16.44 ? 4   THR A OG1 1 
ATOM   26   C CG2 . THR A 1 4   ? -6.183  -5.456  11.026  1.00 14.38 ? 4   THR A CG2 1 
ATOM   27   N N   . SER A 1 5   ? -3.639  -9.442  10.239  1.00 15.13 ? 5   SER A N   1 
ATOM   28   C CA  . SER A 1 5   ? -2.649  -10.245 9.528   1.00 14.71 ? 5   SER A CA  1 
ATOM   29   C C   . SER A 1 5   ? -3.336  -11.326 8.700   1.00 14.29 ? 5   SER A C   1 
ATOM   30   O O   . SER A 1 5   ? -4.273  -11.972 9.166   1.00 14.35 ? 5   SER A O   1 
ATOM   31   C CB  . SER A 1 5   ? -1.682  -10.897 10.519  1.00 17.86 ? 5   SER A CB  1 
ATOM   32   O OG  . SER A 1 5   ? -0.731  -11.707 9.846   1.00 20.27 ? 5   SER A OG  1 
ATOM   33   N N   . THR A 1 6   ? -2.871  -11.514 7.468   1.00 12.30 ? 6   THR A N   1 
ATOM   34   C CA  . THR A 1 6   ? -3.445  -12.533 6.596   1.00 15.05 ? 6   THR A CA  1 
ATOM   35   C C   . THR A 1 6   ? -2.710  -13.856 6.784   1.00 14.97 ? 6   THR A C   1 
ATOM   36   O O   . THR A 1 6   ? -3.206  -14.910 6.384   1.00 16.56 ? 6   THR A O   1 
ATOM   37   C CB  . THR A 1 6   ? -3.326  -12.146 5.112   1.00 13.58 ? 6   THR A CB  1 
ATOM   38   O OG1 . THR A 1 6   ? -1.941  -12.029 4.765   1.00 12.94 ? 6   THR A OG1 1 
ATOM   39   C CG2 . THR A 1 6   ? -4.026  -10.821 4.840   1.00 14.92 ? 6   THR A CG2 1 
ATOM   40   N N   . GLY A 1 7   ? -1.521  -13.795 7.376   1.00 14.58 ? 7   GLY A N   1 
ATOM   41   C CA  . GLY A 1 7   ? -0.735  -14.999 7.593   1.00 15.06 ? 7   GLY A CA  1 
ATOM   42   C C   . GLY A 1 7   ? 0.097   -15.375 6.379   1.00 16.34 ? 7   GLY A C   1 
ATOM   43   O O   . GLY A 1 7   ? 0.898   -16.312 6.422   1.00 16.44 ? 7   GLY A O   1 
ATOM   44   N N   . LEU A 1 8   ? -0.090  -14.638 5.289   1.00 14.35 ? 8   LEU A N   1 
ATOM   45   C CA  . LEU A 1 8   ? 0.641   -14.898 4.050   1.00 14.54 ? 8   LEU A CA  1 
ATOM   46   C C   . LEU A 1 8   ? 2.077   -14.392 4.111   1.00 14.52 ? 8   LEU A C   1 
ATOM   47   O O   . LEU A 1 8   ? 2.387   -13.470 4.861   1.00 15.31 ? 8   LEU A O   1 
ATOM   48   C CB  . LEU A 1 8   ? -0.069  -14.230 2.874   1.00 14.10 ? 8   LEU A CB  1 
ATOM   49   C CG  . LEU A 1 8   ? -1.493  -14.688 2.562   1.00 13.54 ? 8   LEU A CG  1 
ATOM   50   C CD1 . LEU A 1 8   ? -2.150  -13.675 1.645   1.00 14.50 ? 8   LEU A CD1 1 
ATOM   51   C CD2 . LEU A 1 8   ? -1.481  -16.075 1.923   1.00 14.37 ? 8   LEU A CD2 1 
ATOM   52   N N   . PRO A 1 9   ? 2.972   -14.994 3.312   1.00 14.30 ? 9   PRO A N   1 
ATOM   53   C CA  . PRO A 1 9   ? 4.386   -14.607 3.262   1.00 14.98 ? 9   PRO A CA  1 
ATOM   54   C C   . PRO A 1 9   ? 4.499   -13.264 2.553   1.00 15.79 ? 9   PRO A C   1 
ATOM   55   O O   . PRO A 1 9   ? 3.562   -12.828 1.889   1.00 14.64 ? 9   PRO A O   1 
ATOM   56   C CB  . PRO A 1 9   ? 5.032   -15.723 2.433   1.00 16.10 ? 9   PRO A CB  1 
ATOM   57   C CG  . PRO A 1 9   ? 4.053   -16.855 2.502   1.00 15.25 ? 9   PRO A CG  1 
ATOM   58   C CD  . PRO A 1 9   ? 2.726   -16.167 2.457   1.00 15.36 ? 9   PRO A CD  1 
ATOM   59   N N   . PRO A 1 10  ? 5.650   -12.590 2.680   1.00 18.10 ? 10  PRO A N   1 
ATOM   60   C CA  . PRO A 1 10  ? 5.828   -11.292 2.021   1.00 17.58 ? 10  PRO A CA  1 
ATOM   61   C C   . PRO A 1 10  ? 5.566   -11.378 0.519   1.00 17.38 ? 10  PRO A C   1 
ATOM   62   O O   . PRO A 1 10  ? 5.830   -12.407 -0.101  1.00 18.98 ? 10  PRO A O   1 
ATOM   63   C CB  . PRO A 1 10  ? 7.280   -10.949 2.334   1.00 19.00 ? 10  PRO A CB  1 
ATOM   64   C CG  . PRO A 1 10  ? 7.476   -11.577 3.686   1.00 19.42 ? 10  PRO A CG  1 
ATOM   65   C CD  . PRO A 1 10  ? 6.821   -12.924 3.509   1.00 19.20 ? 10  PRO A CD  1 
ATOM   66   N N   . ASN A 1 11  ? 5.041   -10.292 -0.049  1.00 15.97 ? 11  ASN A N   1 
ATOM   67   C CA  . ASN A 1 11  ? 4.740   -10.204 -1.478  1.00 15.93 ? 11  ASN A CA  1 
ATOM   68   C C   . ASN A 1 11  ? 3.380   -10.771 -1.866  1.00 14.85 ? 11  ASN A C   1 
ATOM   69   O O   . ASN A 1 11  ? 2.885   -10.506 -2.964  1.00 15.10 ? 11  ASN A O   1 
ATOM   70   C CB  . ASN A 1 11  ? 5.821   -10.911 -2.305  1.00 17.19 ? 11  ASN A CB  1 
ATOM   71   C CG  . ASN A 1 11  ? 7.173   -10.238 -2.204  1.00 18.66 ? 11  ASN A CG  1 
ATOM   72   O OD1 . ASN A 1 11  ? 8.204   -10.864 -2.446  1.00 20.85 ? 11  ASN A OD1 1 
ATOM   73   N ND2 . ASN A 1 11  ? 7.178   -8.954  -1.865  1.00 19.26 ? 11  ASN A ND2 1 
ATOM   74   N N   . TRP A 1 12  ? 2.768   -11.544 -0.974  1.00 15.10 ? 12  TRP A N   1 
ATOM   75   C CA  . TRP A 1 12  ? 1.473   -12.142 -1.276  1.00 14.96 ? 12  TRP A CA  1 
ATOM   76   C C   . TRP A 1 12  ? 0.291   -11.383 -0.692  1.00 14.27 ? 12  TRP A C   1 
ATOM   77   O O   . TRP A 1 12  ? 0.378   -10.817 0.397   1.00 14.32 ? 12  TRP A O   1 
ATOM   78   C CB  . TRP A 1 12  ? 1.406   -13.585 -0.765  1.00 15.54 ? 12  TRP A CB  1 
ATOM   79   C CG  . TRP A 1 12  ? 2.334   -14.545 -1.450  1.00 14.47 ? 12  TRP A CG  1 
ATOM   80   C CD1 . TRP A 1 12  ? 3.650   -14.774 -1.156  1.00 16.59 ? 12  TRP A CD1 1 
ATOM   81   C CD2 . TRP A 1 12  ? 2.008   -15.416 -2.538  1.00 14.16 ? 12  TRP A CD2 1 
ATOM   82   N NE1 . TRP A 1 12  ? 4.161   -15.741 -1.994  1.00 14.80 ? 12  TRP A NE1 1 
ATOM   83   C CE2 . TRP A 1 12  ? 3.172   -16.150 -2.851  1.00 15.01 ? 12  TRP A CE2 1 
ATOM   84   C CE3 . TRP A 1 12  ? 0.840   -15.651 -3.277  1.00 16.26 ? 12  TRP A CE3 1 
ATOM   85   C CZ2 . TRP A 1 12  ? 3.205   -17.104 -3.875  1.00 16.82 ? 12  TRP A CZ2 1 
ATOM   86   C CZ3 . TRP A 1 12  ? 0.872   -16.601 -4.298  1.00 17.00 ? 12  TRP A CZ3 1 
ATOM   87   C CH2 . TRP A 1 12  ? 2.048   -17.314 -4.584  1.00 16.04 ? 12  TRP A CH2 1 
ATOM   88   N N   . THR A 1 13  ? -0.815  -11.373 -1.429  1.00 12.25 ? 13  THR A N   1 
ATOM   89   C CA  . THR A 1 13  ? -2.030  -10.725 -0.956  1.00 13.82 ? 13  THR A CA  1 
ATOM   90   C C   . THR A 1 13  ? -3.247  -11.530 -1.392  1.00 14.81 ? 13  THR A C   1 
ATOM   91   O O   . THR A 1 13  ? -3.117  -12.561 -2.056  1.00 14.42 ? 13  THR A O   1 
ATOM   92   C CB  . THR A 1 13  ? -2.162  -9.272  -1.465  1.00 12.50 ? 13  THR A CB  1 
ATOM   93   O OG1 . THR A 1 13  ? -3.240  -8.631  -0.768  1.00 13.06 ? 13  THR A OG1 1 
ATOM   94   C CG2 . THR A 1 13  ? -2.441  -9.242  -2.966  1.00 14.09 ? 13  THR A CG2 1 
ATOM   95   N N   . ILE A 1 14  ? -4.425  -11.055 -1.015  1.00 14.69 ? 14  ILE A N   1 
ATOM   96   C CA  . ILE A 1 14  ? -5.667  -11.743 -1.332  1.00 15.22 ? 14  ILE A CA  1 
ATOM   97   C C   . ILE A 1 14  ? -6.455  -11.089 -2.461  1.00 17.31 ? 14  ILE A C   1 
ATOM   98   O O   . ILE A 1 14  ? -6.531  -9.864  -2.567  1.00 16.80 ? 14  ILE A O   1 
ATOM   99   C CB  . ILE A 1 14  ? -6.568  -11.826 -0.079  1.00 14.17 ? 14  ILE A CB  1 
ATOM   100  C CG1 . ILE A 1 14  ? -5.843  -12.608 1.018   1.00 14.64 ? 14  ILE A CG1 1 
ATOM   101  C CG2 . ILE A 1 14  ? -7.904  -12.471 -0.429  1.00 15.38 ? 14  ILE A CG2 1 
ATOM   102  C CD1 . ILE A 1 14  ? -6.540  -12.574 2.365   1.00 14.86 ? 14  ILE A CD1 1 
ATOM   103  N N   . ARG A 1 15  ? -7.037  -11.933 -3.302  1.00 17.45 ? 15  ARG A N   1 
ATOM   104  C CA  . ARG A 1 15  ? -7.848  -11.486 -4.422  1.00 19.55 ? 15  ARG A CA  1 
ATOM   105  C C   . ARG A 1 15  ? -9.092  -12.364 -4.471  1.00 21.02 ? 15  ARG A C   1 
ATOM   106  O O   . ARG A 1 15  ? -9.100  -13.468 -3.928  1.00 20.05 ? 15  ARG A O   1 
ATOM   107  C CB  . ARG A 1 15  ? -7.055  -11.607 -5.722  1.00 20.70 ? 15  ARG A CB  1 
ATOM   108  C CG  . ARG A 1 15  ? -5.944  -10.580 -5.861  1.00 21.21 ? 15  ARG A CG  1 
ATOM   109  C CD  . ARG A 1 15  ? -6.520  -9.190  -6.108  1.00 21.49 ? 15  ARG A CD  1 
ATOM   110  N NE  . ARG A 1 15  ? -5.474  -8.187  -6.291  1.00 23.99 ? 15  ARG A NE  1 
ATOM   111  C CZ  . ARG A 1 15  ? -4.843  -7.571  -5.297  1.00 25.46 ? 15  ARG A CZ  1 
ATOM   112  N NH1 . ARG A 1 15  ? -3.901  -6.674  -5.564  1.00 24.59 ? 15  ARG A NH1 1 
ATOM   113  N NH2 . ARG A 1 15  ? -5.162  -7.842  -4.037  1.00 26.27 ? 15  ARG A NH2 1 
ATOM   114  N N   . VAL A 1 16  ? -10.143 -11.865 -5.112  1.00 23.68 ? 16  VAL A N   1 
ATOM   115  C CA  . VAL A 1 16  ? -11.392 -12.607 -5.224  1.00 27.66 ? 16  VAL A CA  1 
ATOM   116  C C   . VAL A 1 16  ? -11.755 -12.796 -6.690  1.00 29.03 ? 16  VAL A C   1 
ATOM   117  O O   . VAL A 1 16  ? -11.783 -11.833 -7.455  1.00 29.45 ? 16  VAL A O   1 
ATOM   118  C CB  . VAL A 1 16  ? -12.545 -11.856 -4.529  1.00 28.59 ? 16  VAL A CB  1 
ATOM   119  C CG1 . VAL A 1 16  ? -13.812 -12.693 -4.571  1.00 31.81 ? 16  VAL A CG1 1 
ATOM   120  C CG2 . VAL A 1 16  ? -12.164 -11.532 -3.094  1.00 30.58 ? 16  VAL A CG2 1 
ATOM   121  N N   . SER A 1 17  ? -12.031 -14.036 -7.081  1.00 29.88 ? 17  SER A N   1 
ATOM   122  C CA  . SER A 1 17  ? -12.394 -14.324 -8.466  1.00 33.46 ? 17  SER A CA  1 
ATOM   123  C C   . SER A 1 17  ? -13.581 -13.458 -8.878  1.00 35.32 ? 17  SER A C   1 
ATOM   124  O O   . SER A 1 17  ? -14.479 -13.203 -8.078  1.00 35.53 ? 17  SER A O   1 
ATOM   125  C CB  . SER A 1 17  ? -12.743 -15.807 -8.631  1.00 32.77 ? 17  SER A CB  1 
ATOM   126  O OG  . SER A 1 17  ? -13.832 -16.176 -7.805  1.00 35.32 ? 17  SER A OG  1 
ATOM   127  N N   . ARG A 1 18  ? -13.581 -13.011 -10.130 1.00 38.85 ? 18  ARG A N   1 
ATOM   128  C CA  . ARG A 1 18  ? -14.650 -12.156 -10.636 1.00 41.23 ? 18  ARG A CA  1 
ATOM   129  C C   . ARG A 1 18  ? -16.034 -12.785 -10.576 1.00 41.68 ? 18  ARG A C   1 
ATOM   130  O O   . ARG A 1 18  ? -17.044 -12.078 -10.578 1.00 42.02 ? 18  ARG A O   1 
ATOM   131  C CB  . ARG A 1 18  ? -14.346 -11.722 -12.073 1.00 44.54 ? 18  ARG A CB  1 
ATOM   132  C CG  . ARG A 1 18  ? -13.853 -10.288 -12.178 1.00 47.70 ? 18  ARG A CG  1 
ATOM   133  C CD  . ARG A 1 18  ? -14.865 -9.341  -11.548 1.00 50.85 ? 18  ARG A CD  1 
ATOM   134  N NE  . ARG A 1 18  ? -14.435 -7.947  -11.580 1.00 52.95 ? 18  ARG A NE  1 
ATOM   135  C CZ  . ARG A 1 18  ? -15.099 -6.953  -10.999 1.00 53.99 ? 18  ARG A CZ  1 
ATOM   136  N NH1 . ARG A 1 18  ? -16.224 -7.200  -10.340 1.00 54.20 ? 18  ARG A NH1 1 
ATOM   137  N NH2 . ARG A 1 18  ? -14.645 -5.711  -11.077 1.00 54.00 ? 18  ARG A NH2 1 
ATOM   138  N N   . SER A 1 19  ? -16.084 -14.110 -10.520 1.00 40.98 ? 19  SER A N   1 
ATOM   139  C CA  . SER A 1 19  ? -17.360 -14.808 -10.458 1.00 40.34 ? 19  SER A CA  1 
ATOM   140  C C   . SER A 1 19  ? -17.340 -15.895 -9.390  1.00 38.92 ? 19  SER A C   1 
ATOM   141  O O   . SER A 1 19  ? -16.348 -16.609 -9.239  1.00 40.66 ? 19  SER A O   1 
ATOM   142  C CB  . SER A 1 19  ? -17.686 -15.421 -11.825 1.00 40.28 ? 19  SER A CB  1 
ATOM   143  O OG  . SER A 1 19  ? -18.959 -16.043 -11.821 1.00 42.74 ? 19  SER A OG  1 
ATOM   144  N N   . HIS A 1 20  ? -18.436 -15.999 -8.646  1.00 36.44 ? 20  HIS A N   1 
ATOM   145  C CA  . HIS A 1 20  ? -18.583 -17.001 -7.594  1.00 34.70 ? 20  HIS A CA  1 
ATOM   146  C C   . HIS A 1 20  ? -17.808 -16.672 -6.316  1.00 32.89 ? 20  HIS A C   1 
ATOM   147  O O   . HIS A 1 20  ? -17.744 -17.485 -5.393  1.00 32.04 ? 20  HIS A O   1 
ATOM   148  C CB  . HIS A 1 20  ? -18.175 -18.378 -8.126  1.00 34.56 ? 20  HIS A CB  1 
ATOM   149  C CG  . HIS A 1 20  ? -18.943 -18.805 -9.339  1.00 36.32 ? 20  HIS A CG  1 
ATOM   150  N ND1 . HIS A 1 20  ? -18.686 -19.983 -10.009 1.00 37.65 ? 20  HIS A ND1 1 
ATOM   151  C CD2 . HIS A 1 20  ? -19.965 -18.212 -10.002 1.00 36.69 ? 20  HIS A CD2 1 
ATOM   152  C CE1 . HIS A 1 20  ? -19.515 -20.095 -11.032 1.00 37.98 ? 20  HIS A CE1 1 
ATOM   153  N NE2 . HIS A 1 20  ? -20.301 -19.033 -11.051 1.00 37.75 ? 20  HIS A NE2 1 
ATOM   154  N N   . ASN A 1 21  ? -17.227 -15.478 -6.277  1.00 32.53 ? 21  ASN A N   1 
ATOM   155  C CA  . ASN A 1 21  ? -16.472 -14.991 -5.123  1.00 31.17 ? 21  ASN A CA  1 
ATOM   156  C C   . ASN A 1 21  ? -15.560 -15.995 -4.426  1.00 29.68 ? 21  ASN A C   1 
ATOM   157  O O   . ASN A 1 21  ? -15.669 -16.206 -3.217  1.00 29.57 ? 21  ASN A O   1 
ATOM   158  C CB  . ASN A 1 21  ? -17.431 -14.394 -4.089  1.00 33.61 ? 21  ASN A CB  1 
ATOM   159  C CG  . ASN A 1 21  ? -18.124 -13.146 -4.590  1.00 35.92 ? 21  ASN A CG  1 
ATOM   160  O OD1 . ASN A 1 21  ? -18.960 -13.202 -5.492  1.00 38.07 ? 21  ASN A OD1 1 
ATOM   161  N ND2 . ASN A 1 21  ? -17.776 -12.005 -4.007  1.00 37.71 ? 21  ASN A ND2 1 
ATOM   162  N N   . LYS A 1 22  ? -14.660 -16.608 -5.186  1.00 26.86 ? 22  LYS A N   1 
ATOM   163  C CA  . LYS A 1 22  ? -13.715 -17.568 -4.623  1.00 25.41 ? 22  LYS A CA  1 
ATOM   164  C C   . LYS A 1 22  ? -12.402 -16.825 -4.405  1.00 24.31 ? 22  LYS A C   1 
ATOM   165  O O   . LYS A 1 22  ? -11.887 -16.189 -5.322  1.00 23.67 ? 22  LYS A O   1 
ATOM   166  C CB  . LYS A 1 22  ? -13.503 -18.735 -5.592  1.00 26.98 ? 22  LYS A CB  1 
ATOM   167  C CG  . LYS A 1 22  ? -14.748 -19.578 -5.835  1.00 29.15 ? 22  LYS A CG  1 
ATOM   168  C CD  . LYS A 1 22  ? -15.207 -20.262 -4.555  1.00 31.06 ? 22  LYS A CD  1 
ATOM   169  C CE  . LYS A 1 22  ? -16.425 -21.141 -4.799  1.00 32.76 ? 22  LYS A CE  1 
ATOM   170  N NZ  . LYS A 1 22  ? -16.842 -21.863 -3.565  1.00 34.33 ? 22  LYS A NZ  1 
ATOM   171  N N   . GLU A 1 23  ? -11.858 -16.894 -3.195  1.00 23.49 ? 23  GLU A N   1 
ATOM   172  C CA  . GLU A 1 23  ? -10.614 -16.191 -2.914  1.00 22.85 ? 23  GLU A CA  1 
ATOM   173  C C   . GLU A 1 23  ? -9.377  -16.978 -3.336  1.00 22.07 ? 23  GLU A C   1 
ATOM   174  O O   . GLU A 1 23  ? -9.333  -18.208 -3.236  1.00 22.63 ? 23  GLU A O   1 
ATOM   175  C CB  . GLU A 1 23  ? -10.510 -15.839 -1.421  1.00 24.58 ? 23  GLU A CB  1 
ATOM   176  C CG  . GLU A 1 23  ? -10.202 -17.014 -0.493  1.00 25.88 ? 23  GLU A CG  1 
ATOM   177  C CD  . GLU A 1 23  ? -11.413 -17.885 -0.204  1.00 28.18 ? 23  GLU A CD  1 
ATOM   178  O OE1 . GLU A 1 23  ? -11.234 -18.961 0.407   1.00 28.85 ? 23  GLU A OE1 1 
ATOM   179  O OE2 . GLU A 1 23  ? -12.541 -17.494 -0.578  1.00 29.68 ? 23  GLU A OE2 1 
ATOM   180  N N   . TYR A 1 24  ? -8.382  -16.254 -3.837  1.00 20.22 ? 24  TYR A N   1 
ATOM   181  C CA  . TYR A 1 24  ? -7.127  -16.860 -4.239  1.00 18.49 ? 24  TYR A CA  1 
ATOM   182  C C   . TYR A 1 24  ? -6.017  -15.923 -3.809  1.00 18.32 ? 24  TYR A C   1 
ATOM   183  O O   . TYR A 1 24  ? -6.278  -14.815 -3.340  1.00 17.87 ? 24  TYR A O   1 
ATOM   184  C CB  . TYR A 1 24  ? -7.069  -17.108 -5.753  1.00 17.65 ? 24  TYR A CB  1 
ATOM   185  C CG  . TYR A 1 24  ? -7.107  -15.876 -6.627  1.00 18.88 ? 24  TYR A CG  1 
ATOM   186  C CD1 . TYR A 1 24  ? -8.310  -15.236 -6.921  1.00 19.44 ? 24  TYR A CD1 1 
ATOM   187  C CD2 . TYR A 1 24  ? -5.936  -15.373 -7.199  1.00 19.92 ? 24  TYR A CD2 1 
ATOM   188  C CE1 . TYR A 1 24  ? -8.348  -14.128 -7.771  1.00 21.39 ? 24  TYR A CE1 1 
ATOM   189  C CE2 . TYR A 1 24  ? -5.963  -14.267 -8.047  1.00 20.44 ? 24  TYR A CE2 1 
ATOM   190  C CZ  . TYR A 1 24  ? -7.171  -13.652 -8.329  1.00 19.81 ? 24  TYR A CZ  1 
ATOM   191  O OH  . TYR A 1 24  ? -7.201  -12.567 -9.179  1.00 20.24 ? 24  TYR A OH  1 
ATOM   192  N N   . PHE A 1 25  ? -4.777  -16.358 -3.965  1.00 17.15 ? 25  PHE A N   1 
ATOM   193  C CA  . PHE A 1 25  ? -3.664  -15.535 -3.534  1.00 16.51 ? 25  PHE A CA  1 
ATOM   194  C C   . PHE A 1 25  ? -2.789  -15.109 -4.693  1.00 18.09 ? 25  PHE A C   1 
ATOM   195  O O   . PHE A 1 25  ? -2.525  -15.882 -5.611  1.00 17.35 ? 25  PHE A O   1 
ATOM   196  C CB  . PHE A 1 25  ? -2.883  -16.300 -2.468  1.00 15.83 ? 25  PHE A CB  1 
ATOM   197  C CG  . PHE A 1 25  ? -3.779  -16.969 -1.468  1.00 16.56 ? 25  PHE A CG  1 
ATOM   198  C CD1 . PHE A 1 25  ? -4.062  -18.327 -1.566  1.00 16.31 ? 25  PHE A CD1 1 
ATOM   199  C CD2 . PHE A 1 25  ? -4.432  -16.219 -0.495  1.00 15.09 ? 25  PHE A CD2 1 
ATOM   200  C CE1 . PHE A 1 25  ? -4.987  -18.928 -0.717  1.00 16.63 ? 25  PHE A CE1 1 
ATOM   201  C CE2 . PHE A 1 25  ? -5.363  -16.814 0.363   1.00 15.92 ? 25  PHE A CE2 1 
ATOM   202  C CZ  . PHE A 1 25  ? -5.640  -18.170 0.248   1.00 16.68 ? 25  PHE A CZ  1 
ATOM   203  N N   . LEU A 1 26  ? -2.355  -13.856 -4.640  1.00 16.52 ? 26  LEU A N   1 
ATOM   204  C CA  . LEU A 1 26  ? -1.532  -13.278 -5.688  1.00 17.25 ? 26  LEU A CA  1 
ATOM   205  C C   . LEU A 1 26  ? -0.194  -12.790 -5.172  1.00 16.86 ? 26  LEU A C   1 
ATOM   206  O O   . LEU A 1 26  ? -0.126  -12.061 -4.178  1.00 15.72 ? 26  LEU A O   1 
ATOM   207  C CB  . LEU A 1 26  ? -2.273  -12.104 -6.332  1.00 17.38 ? 26  LEU A CB  1 
ATOM   208  C CG  . LEU A 1 26  ? -1.500  -11.245 -7.337  1.00 20.69 ? 26  LEU A CG  1 
ATOM   209  C CD1 . LEU A 1 26  ? -1.212  -12.050 -8.599  1.00 20.10 ? 26  LEU A CD1 1 
ATOM   210  C CD2 . LEU A 1 26  ? -2.319  -10.008 -7.676  1.00 22.92 ? 26  LEU A CD2 1 
ATOM   211  N N   . ASN A 1 27  ? 0.866   -13.206 -5.852  1.00 16.24 ? 27  ASN A N   1 
ATOM   212  C CA  . ASN A 1 27  ? 2.213   -12.785 -5.508  1.00 16.17 ? 27  ASN A CA  1 
ATOM   213  C C   . ASN A 1 27  ? 2.443   -11.552 -6.373  1.00 16.65 ? 27  ASN A C   1 
ATOM   214  O O   . ASN A 1 27  ? 2.486   -11.643 -7.599  1.00 16.25 ? 27  ASN A O   1 
ATOM   215  C CB  . ASN A 1 27  ? 3.223   -13.874 -5.861  1.00 15.39 ? 27  ASN A CB  1 
ATOM   216  C CG  . ASN A 1 27  ? 4.631   -13.510 -5.447  1.00 16.70 ? 27  ASN A CG  1 
ATOM   217  O OD1 . ASN A 1 27  ? 5.112   -12.419 -5.744  1.00 16.78 ? 27  ASN A OD1 1 
ATOM   218  N ND2 . ASN A 1 27  ? 5.305   -14.426 -4.765  1.00 17.76 ? 27  ASN A ND2 1 
ATOM   219  N N   . GLN A 1 28  ? 2.580   -10.394 -5.740  1.00 14.87 ? 28  GLN A N   1 
ATOM   220  C CA  . GLN A 1 28  ? 2.765   -9.157  -6.487  1.00 16.19 ? 28  GLN A CA  1 
ATOM   221  C C   . GLN A 1 28  ? 4.125   -9.020  -7.151  1.00 15.82 ? 28  GLN A C   1 
ATOM   222  O O   . GLN A 1 28  ? 4.331   -8.134  -7.981  1.00 17.88 ? 28  GLN A O   1 
ATOM   223  C CB  . GLN A 1 28  ? 2.531   -7.961  -5.567  1.00 16.47 ? 28  GLN A CB  1 
ATOM   224  C CG  . GLN A 1 28  ? 1.122   -7.885  -5.020  1.00 15.80 ? 28  GLN A CG  1 
ATOM   225  C CD  . GLN A 1 28  ? 0.866   -6.584  -4.291  1.00 15.00 ? 28  GLN A CD  1 
ATOM   226  O OE1 . GLN A 1 28  ? 1.265   -6.410  -3.139  1.00 14.96 ? 28  GLN A OE1 1 
ATOM   227  N NE2 . GLN A 1 28  ? 0.216   -5.647  -4.974  1.00 16.47 ? 28  GLN A NE2 1 
ATOM   228  N N   . SER A 1 29  ? 5.055   -9.893  -6.794  1.00 15.68 ? 29  SER A N   1 
ATOM   229  C CA  . SER A 1 29  ? 6.390   -9.823  -7.367  1.00 17.66 ? 29  SER A CA  1 
ATOM   230  C C   . SER A 1 29  ? 6.555   -10.700 -8.601  1.00 16.93 ? 29  SER A C   1 
ATOM   231  O O   . SER A 1 29  ? 7.294   -10.349 -9.523  1.00 18.16 ? 29  SER A O   1 
ATOM   232  C CB  . SER A 1 29  ? 7.429   -10.219 -6.320  1.00 16.26 ? 29  SER A CB  1 
ATOM   233  O OG  . SER A 1 29  ? 8.732   -10.072 -6.844  1.00 19.53 ? 29  SER A OG  1 
ATOM   234  N N   . THR A 1 30  ? 5.859   -11.831 -8.620  1.00 13.86 ? 30  THR A N   1 
ATOM   235  C CA  . THR A 1 30  ? 5.951   -12.769 -9.736  1.00 14.70 ? 30  THR A CA  1 
ATOM   236  C C   . THR A 1 30  ? 4.683   -12.802 -10.572 1.00 14.73 ? 30  THR A C   1 
ATOM   237  O O   . THR A 1 30  ? 4.690   -13.275 -11.711 1.00 16.13 ? 30  THR A O   1 
ATOM   238  C CB  . THR A 1 30  ? 6.191   -14.197 -9.225  1.00 15.44 ? 30  THR A CB  1 
ATOM   239  O OG1 . THR A 1 30  ? 5.097   -14.586 -8.383  1.00 16.21 ? 30  THR A OG1 1 
ATOM   240  C CG2 . THR A 1 30  ? 7.487   -14.271 -8.435  1.00 16.53 ? 30  THR A CG2 1 
ATOM   241  N N   . ASN A 1 31  ? 3.598   -12.303 -9.990  1.00 15.31 ? 31  ASN A N   1 
ATOM   242  C CA  . ASN A 1 31  ? 2.292   -12.291 -10.628 1.00 18.00 ? 31  ASN A CA  1 
ATOM   243  C C   . ASN A 1 31  ? 1.695   -13.692 -10.641 1.00 19.02 ? 31  ASN A C   1 
ATOM   244  O O   . ASN A 1 31  ? 0.754   -13.968 -11.379 1.00 22.77 ? 31  ASN A O   1 
ATOM   245  C CB  . ASN A 1 31  ? 2.381   -11.727 -12.049 1.00 17.99 ? 31  ASN A CB  1 
ATOM   246  C CG  . ASN A 1 31  ? 2.742   -10.256 -12.062 1.00 19.02 ? 31  ASN A CG  1 
ATOM   247  O OD1 . ASN A 1 31  ? 2.061   -9.433  -11.441 1.00 20.26 ? 31  ASN A OD1 1 
ATOM   248  N ND2 . ASN A 1 31  ? 3.817   -9.914  -12.761 1.00 18.86 ? 31  ASN A ND2 1 
ATOM   249  N N   . GLU A 1 32  ? 2.251   -14.579 -9.822  1.00 19.76 ? 32  GLU A N   1 
ATOM   250  C CA  . GLU A 1 32  ? 1.726   -15.935 -9.736  1.00 19.33 ? 32  GLU A CA  1 
ATOM   251  C C   . GLU A 1 32  ? 0.420   -15.906 -8.949  1.00 19.81 ? 32  GLU A C   1 
ATOM   252  O O   . GLU A 1 32  ? 0.309   -15.204 -7.940  1.00 18.55 ? 32  GLU A O   1 
ATOM   253  C CB  . GLU A 1 32  ? 2.699   -16.874 -9.011  1.00 22.65 ? 32  GLU A CB  1 
ATOM   254  C CG  . GLU A 1 32  ? 2.144   -18.296 -8.869  1.00 25.00 ? 32  GLU A CG  1 
ATOM   255  C CD  . GLU A 1 32  ? 2.929   -19.184 -7.912  1.00 27.88 ? 32  GLU A CD  1 
ATOM   256  O OE1 . GLU A 1 32  ? 2.626   -20.396 -7.857  1.00 28.87 ? 32  GLU A OE1 1 
ATOM   257  O OE2 . GLU A 1 32  ? 3.835   -18.686 -7.211  1.00 26.94 ? 32  GLU A OE2 1 
ATOM   258  N N   . SER A 1 33  ? -0.570  -16.652 -9.426  1.00 18.44 ? 33  SER A N   1 
ATOM   259  C CA  . SER A 1 33  ? -1.847  -16.762 -8.734  1.00 18.86 ? 33  SER A CA  1 
ATOM   260  C C   . SER A 1 33  ? -1.897  -18.195 -8.229  1.00 19.48 ? 33  SER A C   1 
ATOM   261  O O   . SER A 1 33  ? -1.569  -19.124 -8.963  1.00 19.65 ? 33  SER A O   1 
ATOM   262  C CB  . SER A 1 33  ? -3.025  -16.507 -9.681  1.00 19.01 ? 33  SER A CB  1 
ATOM   263  O OG  . SER A 1 33  ? -3.147  -15.131 -9.993  1.00 22.19 ? 33  SER A OG  1 
ATOM   264  N N   . SER A 1 34  ? -2.290  -18.374 -6.974  1.00 17.92 ? 34  SER A N   1 
ATOM   265  C CA  . SER A 1 34  ? -2.373  -19.706 -6.391  1.00 17.01 ? 34  SER A CA  1 
ATOM   266  C C   . SER A 1 34  ? -3.632  -19.836 -5.553  1.00 17.68 ? 34  SER A C   1 
ATOM   267  O O   . SER A 1 34  ? -3.964  -18.938 -4.776  1.00 17.16 ? 34  SER A O   1 
ATOM   268  C CB  . SER A 1 34  ? -1.149  -19.978 -5.516  1.00 18.68 ? 34  SER A CB  1 
ATOM   269  O OG  . SER A 1 34  ? -1.248  -21.242 -4.871  1.00 20.48 ? 34  SER A OG  1 
ATOM   270  N N   . TRP A 1 35  ? -4.344  -20.947 -5.729  1.00 16.77 ? 35  TRP A N   1 
ATOM   271  C CA  . TRP A 1 35  ? -5.558  -21.203 -4.965  1.00 16.97 ? 35  TRP A CA  1 
ATOM   272  C C   . TRP A 1 35  ? -5.154  -21.785 -3.617  1.00 18.22 ? 35  TRP A C   1 
ATOM   273  O O   . TRP A 1 35  ? -5.831  -21.592 -2.611  1.00 18.90 ? 35  TRP A O   1 
ATOM   274  C CB  . TRP A 1 35  ? -6.464  -22.189 -5.709  1.00 16.83 ? 35  TRP A CB  1 
ATOM   275  C CG  . TRP A 1 35  ? -7.000  -21.637 -6.990  1.00 16.56 ? 35  TRP A CG  1 
ATOM   276  C CD1 . TRP A 1 35  ? -6.547  -21.896 -8.252  1.00 17.57 ? 35  TRP A CD1 1 
ATOM   277  C CD2 . TRP A 1 35  ? -8.074  -20.700 -7.133  1.00 15.95 ? 35  TRP A CD2 1 
ATOM   278  N NE1 . TRP A 1 35  ? -7.274  -21.178 -9.173  1.00 16.32 ? 35  TRP A NE1 1 
ATOM   279  C CE2 . TRP A 1 35  ? -8.217  -20.435 -8.513  1.00 17.10 ? 35  TRP A CE2 1 
ATOM   280  C CE3 . TRP A 1 35  ? -8.929  -20.057 -6.228  1.00 16.64 ? 35  TRP A CE3 1 
ATOM   281  C CZ2 . TRP A 1 35  ? -9.182  -19.553 -9.010  1.00 18.20 ? 35  TRP A CZ2 1 
ATOM   282  C CZ3 . TRP A 1 35  ? -9.888  -19.178 -6.724  1.00 17.46 ? 35  TRP A CZ3 1 
ATOM   283  C CH2 . TRP A 1 35  ? -10.005 -18.936 -8.102  1.00 16.88 ? 35  TRP A CH2 1 
ATOM   284  N N   . ASP A 1 36  ? -4.036  -22.498 -3.608  1.00 19.37 ? 36  ASP A N   1 
ATOM   285  C CA  . ASP A 1 36  ? -3.529  -23.089 -2.383  1.00 19.92 ? 36  ASP A CA  1 
ATOM   286  C C   . ASP A 1 36  ? -2.714  -22.032 -1.659  1.00 19.29 ? 36  ASP A C   1 
ATOM   287  O O   . ASP A 1 36  ? -2.080  -21.184 -2.290  1.00 18.47 ? 36  ASP A O   1 
ATOM   288  C CB  . ASP A 1 36  ? -2.633  -24.288 -2.700  1.00 22.68 ? 36  ASP A CB  1 
ATOM   289  C CG  . ASP A 1 36  ? -3.381  -25.409 -3.394  1.00 25.97 ? 36  ASP A CG  1 
ATOM   290  O OD1 . ASP A 1 36  ? -2.745  -26.435 -3.713  1.00 30.61 ? 36  ASP A OD1 1 
ATOM   291  O OD2 . ASP A 1 36  ? -4.601  -25.265 -3.619  1.00 27.93 ? 36  ASP A OD2 1 
ATOM   292  N N   . PRO A 1 37  ? -2.739  -22.049 -0.320  1.00 18.69 ? 37  PRO A N   1 
ATOM   293  C CA  . PRO A 1 37  ? -1.956  -21.050 0.409   1.00 19.31 ? 37  PRO A CA  1 
ATOM   294  C C   . PRO A 1 37  ? -0.489  -21.287 0.062   1.00 18.75 ? 37  PRO A C   1 
ATOM   295  O O   . PRO A 1 37  ? -0.011  -22.424 0.094   1.00 18.35 ? 37  PRO A O   1 
ATOM   296  C CB  . PRO A 1 37  ? -2.262  -21.371 1.868   1.00 19.88 ? 37  PRO A CB  1 
ATOM   297  C CG  . PRO A 1 37  ? -3.658  -21.928 1.802   1.00 22.40 ? 37  PRO A CG  1 
ATOM   298  C CD  . PRO A 1 37  ? -3.574  -22.840 0.599   1.00 20.93 ? 37  PRO A CD  1 
ATOM   299  N N   . PRO A 1 38  ? 0.244   -20.222 -0.286  1.00 18.18 ? 38  PRO A N   1 
ATOM   300  C CA  . PRO A 1 38  ? 1.657   -20.397 -0.630  1.00 16.89 ? 38  PRO A CA  1 
ATOM   301  C C   . PRO A 1 38  ? 2.502   -20.909 0.533   1.00 16.30 ? 38  PRO A C   1 
ATOM   302  O O   . PRO A 1 38  ? 2.151   -20.741 1.703   1.00 15.14 ? 38  PRO A O   1 
ATOM   303  C CB  . PRO A 1 38  ? 2.075   -19.001 -1.082  1.00 18.64 ? 38  PRO A CB  1 
ATOM   304  C CG  . PRO A 1 38  ? 1.206   -18.112 -0.249  1.00 19.09 ? 38  PRO A CG  1 
ATOM   305  C CD  . PRO A 1 38  ? -0.136  -18.799 -0.327  1.00 19.31 ? 38  PRO A CD  1 
ATOM   306  N N   . TYR A 1 39  ? 3.619   -21.546 0.201   1.00 14.77 ? 39  TYR A N   1 
ATOM   307  C CA  . TYR A 1 39  ? 4.523   -22.065 1.214   1.00 15.20 ? 39  TYR A CA  1 
ATOM   308  C C   . TYR A 1 39  ? 4.909   -20.942 2.169   1.00 15.57 ? 39  TYR A C   1 
ATOM   309  O O   . TYR A 1 39  ? 5.209   -19.827 1.740   1.00 14.09 ? 39  TYR A O   1 
ATOM   310  C CB  . TYR A 1 39  ? 5.784   -22.633 0.559   1.00 15.72 ? 39  TYR A CB  1 
ATOM   311  C CG  . TYR A 1 39  ? 6.907   -22.884 1.540   1.00 16.87 ? 39  TYR A CG  1 
ATOM   312  C CD1 . TYR A 1 39  ? 6.829   -23.916 2.476   1.00 16.55 ? 39  TYR A CD1 1 
ATOM   313  C CD2 . TYR A 1 39  ? 8.023   -22.055 1.566   1.00 16.78 ? 39  TYR A CD2 1 
ATOM   314  C CE1 . TYR A 1 39  ? 7.840   -24.108 3.416   1.00 17.55 ? 39  TYR A CE1 1 
ATOM   315  C CE2 . TYR A 1 39  ? 9.036   -22.235 2.501   1.00 18.15 ? 39  TYR A CE2 1 
ATOM   316  C CZ  . TYR A 1 39  ? 8.937   -23.262 3.424   1.00 19.20 ? 39  TYR A CZ  1 
ATOM   317  O OH  . TYR A 1 39  ? 9.928   -23.411 4.367   1.00 21.11 ? 39  TYR A OH  1 
ATOM   318  N N   . GLY A 1 40  ? 4.900   -21.240 3.464   1.00 15.70 ? 40  GLY A N   1 
ATOM   319  C CA  . GLY A 1 40  ? 5.262   -20.238 4.448   1.00 17.31 ? 40  GLY A CA  1 
ATOM   320  C C   . GLY A 1 40  ? 4.063   -19.548 5.065   1.00 17.95 ? 40  GLY A C   1 
ATOM   321  O O   . GLY A 1 40  ? 4.214   -18.722 5.963   1.00 20.79 ? 40  GLY A O   1 
ATOM   322  N N   . THR A 1 41  ? 2.872   -19.877 4.579   1.00 17.97 ? 41  THR A N   1 
ATOM   323  C CA  . THR A 1 41  ? 1.642   -19.285 5.095   1.00 18.21 ? 41  THR A CA  1 
ATOM   324  C C   . THR A 1 41  ? 1.269   -19.860 6.454   1.00 19.70 ? 41  THR A C   1 
ATOM   325  O O   . THR A 1 41  ? 1.412   -21.063 6.691   1.00 19.69 ? 41  THR A O   1 
ATOM   326  C CB  . THR A 1 41  ? 0.447   -19.545 4.147   1.00 18.49 ? 41  THR A CB  1 
ATOM   327  O OG1 . THR A 1 41  ? 0.693   -18.930 2.878   1.00 17.42 ? 41  THR A OG1 1 
ATOM   328  C CG2 . THR A 1 41  ? -0.845  -18.978 4.735   1.00 18.29 ? 41  THR A CG2 1 
ATOM   329  N N   . ASP A 1 42  ? 0.801   -18.997 7.350   1.00 19.97 ? 42  ASP A N   1 
ATOM   330  C CA  . ASP A 1 42  ? 0.347   -19.458 8.652   1.00 20.85 ? 42  ASP A CA  1 
ATOM   331  C C   . ASP A 1 42  ? -1.125  -19.785 8.409   1.00 21.48 ? 42  ASP A C   1 
ATOM   332  O O   . ASP A 1 42  ? -1.983  -18.901 8.404   1.00 19.00 ? 42  ASP A O   1 
ATOM   333  C CB  . ASP A 1 42  ? 0.474   -18.364 9.707   1.00 22.69 ? 42  ASP A CB  1 
ATOM   334  C CG  . ASP A 1 42  ? 0.117   -18.862 11.091  1.00 21.85 ? 42  ASP A CG  1 
ATOM   335  O OD1 . ASP A 1 42  ? -0.891  -19.590 11.208  1.00 24.79 ? 42  ASP A OD1 1 
ATOM   336  O OD2 . ASP A 1 42  ? 0.835   -18.527 12.053  1.00 26.03 ? 42  ASP A OD2 1 
ATOM   337  N N   . LYS A 1 43  ? -1.389  -21.063 8.179   1.00 21.63 ? 43  LYS A N   1 
ATOM   338  C CA  . LYS A 1 43  ? -2.721  -21.588 7.892   1.00 24.76 ? 43  LYS A CA  1 
ATOM   339  C C   . LYS A 1 43  ? -3.819  -21.113 8.840   1.00 24.75 ? 43  LYS A C   1 
ATOM   340  O O   . LYS A 1 43  ? -4.868  -20.640 8.401   1.00 24.62 ? 43  LYS A O   1 
ATOM   341  C CB  . LYS A 1 43  ? -2.676  -23.121 7.903   1.00 27.12 ? 43  LYS A CB  1 
ATOM   342  C CG  . LYS A 1 43  ? -1.267  -23.699 7.825   1.00 30.20 ? 43  LYS A CG  1 
ATOM   343  C CD  . LYS A 1 43  ? -0.477  -23.403 9.099   1.00 31.30 ? 43  LYS A CD  1 
ATOM   344  C CE  . LYS A 1 43  ? 1.008   -23.622 8.906   1.00 32.39 ? 43  LYS A CE  1 
ATOM   345  N NZ  . LYS A 1 43  ? 1.789   -23.172 10.094  1.00 33.70 ? 43  LYS A NZ  1 
ATOM   346  N N   . GLU A 1 44  ? -3.583  -21.251 10.140  1.00 26.20 ? 44  GLU A N   1 
ATOM   347  C CA  . GLU A 1 44  ? -4.573  -20.844 11.125  1.00 26.50 ? 44  GLU A CA  1 
ATOM   348  C C   . GLU A 1 44  ? -4.929  -19.369 11.005  1.00 24.82 ? 44  GLU A C   1 
ATOM   349  O O   . GLU A 1 44  ? -6.108  -19.009 10.975  1.00 25.19 ? 44  GLU A O   1 
ATOM   350  C CB  . GLU A 1 44  ? -4.076  -21.141 12.541  1.00 29.16 ? 44  GLU A CB  1 
ATOM   351  C CG  . GLU A 1 44  ? -5.077  -20.746 13.621  1.00 35.74 ? 44  GLU A CG  1 
ATOM   352  C CD  . GLU A 1 44  ? -4.759  -21.344 14.976  1.00 38.60 ? 44  GLU A CD  1 
ATOM   353  O OE1 . GLU A 1 44  ? -3.645  -21.110 15.491  1.00 41.59 ? 44  GLU A OE1 1 
ATOM   354  O OE2 . GLU A 1 44  ? -5.630  -22.049 15.529  1.00 40.79 ? 44  GLU A OE2 1 
ATOM   355  N N   . VAL A 1 45  ? -3.906  -18.526 10.937  1.00 22.66 ? 45  VAL A N   1 
ATOM   356  C CA  . VAL A 1 45  ? -4.095  -17.085 10.821  1.00 20.19 ? 45  VAL A CA  1 
ATOM   357  C C   . VAL A 1 45  ? -4.852  -16.731 9.545   1.00 21.03 ? 45  VAL A C   1 
ATOM   358  O O   . VAL A 1 45  ? -5.749  -15.887 9.559   1.00 20.17 ? 45  VAL A O   1 
ATOM   359  C CB  . VAL A 1 45  ? -2.735  -16.351 10.834  1.00 18.59 ? 45  VAL A CB  1 
ATOM   360  C CG1 . VAL A 1 45  ? -2.931  -14.870 10.558  1.00 18.84 ? 45  VAL A CG1 1 
ATOM   361  C CG2 . VAL A 1 45  ? -2.054  -16.552 12.181  1.00 18.02 ? 45  VAL A CG2 1 
ATOM   362  N N   . LEU A 1 46  ? -4.490  -17.379 8.442   1.00 18.12 ? 46  LEU A N   1 
ATOM   363  C CA  . LEU A 1 46  ? -5.150  -17.125 7.167   1.00 18.71 ? 46  LEU A CA  1 
ATOM   364  C C   . LEU A 1 46  ? -6.623  -17.536 7.185   1.00 19.09 ? 46  LEU A C   1 
ATOM   365  O O   . LEU A 1 46  ? -7.481  -16.791 6.720   1.00 17.93 ? 46  LEU A O   1 
ATOM   366  C CB  . LEU A 1 46  ? -4.426  -17.865 6.038   1.00 17.94 ? 46  LEU A CB  1 
ATOM   367  C CG  . LEU A 1 46  ? -5.024  -17.758 4.632   1.00 18.59 ? 46  LEU A CG  1 
ATOM   368  C CD1 . LEU A 1 46  ? -5.037  -16.310 4.155   1.00 18.09 ? 46  LEU A CD1 1 
ATOM   369  C CD2 . LEU A 1 46  ? -4.197  -18.615 3.688   1.00 17.66 ? 46  LEU A CD2 1 
ATOM   370  N N   . ASN A 1 47  ? -6.916  -18.722 7.713   1.00 20.65 ? 47  ASN A N   1 
ATOM   371  C CA  . ASN A 1 47  ? -8.299  -19.190 7.766   1.00 20.73 ? 47  ASN A CA  1 
ATOM   372  C C   . ASN A 1 47  ? -9.156  -18.230 8.575   1.00 19.73 ? 47  ASN A C   1 
ATOM   373  O O   . ASN A 1 47  ? -10.274 -17.898 8.180   1.00 19.53 ? 47  ASN A O   1 
ATOM   374  C CB  . ASN A 1 47  ? -8.381  -20.587 8.382   1.00 22.62 ? 47  ASN A CB  1 
ATOM   375  C CG  . ASN A 1 47  ? -7.590  -21.614 7.602   1.00 25.47 ? 47  ASN A CG  1 
ATOM   376  O OD1 . ASN A 1 47  ? -7.565  -21.588 6.369   1.00 26.68 ? 47  ASN A OD1 1 
ATOM   377  N ND2 . ASN A 1 47  ? -6.945  -22.533 8.314   1.00 28.26 ? 47  ASN A ND2 1 
ATOM   378  N N   . ALA A 1 48  ? -8.623  -17.792 9.710   1.00 20.13 ? 48  ALA A N   1 
ATOM   379  C CA  . ALA A 1 48  ? -9.332  -16.860 10.578  1.00 19.86 ? 48  ALA A CA  1 
ATOM   380  C C   . ALA A 1 48  ? -9.587  -15.559 9.827   1.00 18.51 ? 48  ALA A C   1 
ATOM   381  O O   . ALA A 1 48  ? -10.664 -14.968 9.931   1.00 19.52 ? 48  ALA A O   1 
ATOM   382  C CB  . ALA A 1 48  ? -8.509  -16.585 11.828  1.00 18.72 ? 48  ALA A CB  1 
ATOM   383  N N   . TYR A 1 49  ? -8.592  -15.120 9.064   1.00 17.27 ? 49  TYR A N   1 
ATOM   384  C CA  . TYR A 1 49  ? -8.715  -13.886 8.301   1.00 15.91 ? 49  TYR A CA  1 
ATOM   385  C C   . TYR A 1 49  ? -9.755  -14.025 7.195   1.00 15.98 ? 49  TYR A C   1 
ATOM   386  O O   . TYR A 1 49  ? -10.610 -13.157 7.023   1.00 15.49 ? 49  TYR A O   1 
ATOM   387  C CB  . TYR A 1 49  ? -7.365  -13.506 7.680   1.00 14.04 ? 49  TYR A CB  1 
ATOM   388  C CG  . TYR A 1 49  ? -7.377  -12.152 7.013   1.00 13.76 ? 49  TYR A CG  1 
ATOM   389  C CD1 . TYR A 1 49  ? -6.945  -11.014 7.696   1.00 14.21 ? 49  TYR A CD1 1 
ATOM   390  C CD2 . TYR A 1 49  ? -7.859  -11.996 5.717   1.00 11.71 ? 49  TYR A CD2 1 
ATOM   391  C CE1 . TYR A 1 49  ? -6.996  -9.757  7.102   1.00 12.96 ? 49  TYR A CE1 1 
ATOM   392  C CE2 . TYR A 1 49  ? -7.915  -10.744 5.114   1.00 14.05 ? 49  TYR A CE2 1 
ATOM   393  C CZ  . TYR A 1 49  ? -7.482  -9.630  5.816   1.00 13.09 ? 49  TYR A CZ  1 
ATOM   394  O OH  . TYR A 1 49  ? -7.534  -8.391  5.226   1.00 12.40 ? 49  TYR A OH  1 
ATOM   395  N N   . ILE A 1 50  ? -9.683  -15.118 6.442   1.00 16.79 ? 50  ILE A N   1 
ATOM   396  C CA  . ILE A 1 50  ? -10.621 -15.333 5.346   1.00 18.37 ? 50  ILE A CA  1 
ATOM   397  C C   . ILE A 1 50  ? -12.067 -15.398 5.822   1.00 17.62 ? 50  ILE A C   1 
ATOM   398  O O   . ILE A 1 50  ? -12.966 -14.885 5.159   1.00 17.98 ? 50  ILE A O   1 
ATOM   399  C CB  . ILE A 1 50  ? -10.282 -16.622 4.560   1.00 19.85 ? 50  ILE A CB  1 
ATOM   400  C CG1 . ILE A 1 50  ? -8.937  -16.452 3.850   1.00 20.70 ? 50  ILE A CG1 1 
ATOM   401  C CG2 . ILE A 1 50  ? -11.372 -16.919 3.539   1.00 19.66 ? 50  ILE A CG2 1 
ATOM   402  C CD1 . ILE A 1 50  ? -8.500  -17.668 3.063   1.00 22.29 ? 50  ILE A CD1 1 
ATOM   403  N N   . ALA A 1 51  ? -12.286 -16.024 6.976   1.00 18.06 ? 51  ALA A N   1 
ATOM   404  C CA  . ALA A 1 51  ? -13.631 -16.147 7.530   1.00 18.73 ? 51  ALA A CA  1 
ATOM   405  C C   . ALA A 1 51  ? -14.233 -14.770 7.793   1.00 18.96 ? 51  ALA A C   1 
ATOM   406  O O   . ALA A 1 51  ? -15.388 -14.509 7.448   1.00 19.24 ? 51  ALA A O   1 
ATOM   407  C CB  . ALA A 1 51  ? -13.592 -16.957 8.822   1.00 18.00 ? 51  ALA A CB  1 
ATOM   408  N N   . LYS A 1 52  ? -13.450 -13.890 8.406   1.00 19.27 ? 52  LYS A N   1 
ATOM   409  C CA  . LYS A 1 52  ? -13.927 -12.544 8.703   1.00 18.09 ? 52  LYS A CA  1 
ATOM   410  C C   . LYS A 1 52  ? -14.023 -11.715 7.433   1.00 18.61 ? 52  LYS A C   1 
ATOM   411  O O   . LYS A 1 52  ? -14.930 -10.902 7.280   1.00 19.71 ? 52  LYS A O   1 
ATOM   412  C CB  . LYS A 1 52  ? -13.000 -11.854 9.700   1.00 19.25 ? 52  LYS A CB  1 
ATOM   413  C CG  . LYS A 1 52  ? -12.994 -12.501 11.072  1.00 20.92 ? 52  LYS A CG  1 
ATOM   414  C CD  . LYS A 1 52  ? -12.272 -11.633 12.079  1.00 22.08 ? 52  LYS A CD  1 
ATOM   415  C CE  . LYS A 1 52  ? -12.380 -12.215 13.477  1.00 24.86 ? 52  LYS A CE  1 
ATOM   416  N NZ  . LYS A 1 52  ? -11.740 -11.325 14.484  1.00 26.98 ? 52  LYS A NZ  1 
ATOM   417  N N   . PHE A 1 53  ? -13.079 -11.938 6.526   1.00 18.31 ? 53  PHE A N   1 
ATOM   418  C CA  . PHE A 1 53  ? -13.041 -11.231 5.252   1.00 19.57 ? 53  PHE A CA  1 
ATOM   419  C C   . PHE A 1 53  ? -14.363 -11.392 4.502   1.00 21.12 ? 53  PHE A C   1 
ATOM   420  O O   . PHE A 1 53  ? -14.948 -10.414 4.039   1.00 20.80 ? 53  PHE A O   1 
ATOM   421  C CB  . PHE A 1 53  ? -11.885 -11.776 4.407   1.00 18.10 ? 53  PHE A CB  1 
ATOM   422  C CG  . PHE A 1 53  ? -11.832 -11.228 3.014   1.00 19.38 ? 53  PHE A CG  1 
ATOM   423  C CD1 . PHE A 1 53  ? -11.573 -9.882  2.788   1.00 19.65 ? 53  PHE A CD1 1 
ATOM   424  C CD2 . PHE A 1 53  ? -12.028 -12.066 1.921   1.00 20.48 ? 53  PHE A CD2 1 
ATOM   425  C CE1 . PHE A 1 53  ? -11.508 -9.375  1.494   1.00 20.17 ? 53  PHE A CE1 1 
ATOM   426  C CE2 . PHE A 1 53  ? -11.965 -11.570 0.623   1.00 21.65 ? 53  PHE A CE2 1 
ATOM   427  C CZ  . PHE A 1 53  ? -11.704 -10.220 0.408   1.00 19.74 ? 53  PHE A CZ  1 
ATOM   428  N N   . LYS A 1 54  ? -14.835 -12.630 4.388   1.00 23.68 ? 54  LYS A N   1 
ATOM   429  C CA  . LYS A 1 54  ? -16.085 -12.901 3.686   1.00 26.65 ? 54  LYS A CA  1 
ATOM   430  C C   . LYS A 1 54  ? -17.303 -12.320 4.395   1.00 28.03 ? 54  LYS A C   1 
ATOM   431  O O   . LYS A 1 54  ? -18.342 -12.095 3.774   1.00 29.04 ? 54  LYS A O   1 
ATOM   432  C CB  . LYS A 1 54  ? -16.271 -14.410 3.487   1.00 29.22 ? 54  LYS A CB  1 
ATOM   433  C CG  . LYS A 1 54  ? -15.314 -15.016 2.466   1.00 32.37 ? 54  LYS A CG  1 
ATOM   434  C CD  . LYS A 1 54  ? -15.834 -16.335 1.912   1.00 34.62 ? 54  LYS A CD  1 
ATOM   435  C CE  . LYS A 1 54  ? -15.710 -17.463 2.918   1.00 35.49 ? 54  LYS A CE  1 
ATOM   436  N NZ  . LYS A 1 54  ? -14.285 -17.813 3.160   1.00 37.43 ? 54  LYS A NZ  1 
ATOM   437  N N   . ASN A 1 55  ? -17.171 -12.071 5.692   1.00 28.33 ? 55  ASN A N   1 
ATOM   438  C CA  . ASN A 1 55  ? -18.270 -11.517 6.473   1.00 29.60 ? 55  ASN A CA  1 
ATOM   439  C C   . ASN A 1 55  ? -18.127 -10.002 6.619   1.00 29.39 ? 55  ASN A C   1 
ATOM   440  O O   . ASN A 1 55  ? -18.990 -9.338  7.193   1.00 29.12 ? 55  ASN A O   1 
ATOM   441  C CB  . ASN A 1 55  ? -18.314 -12.181 7.852   1.00 31.50 ? 55  ASN A CB  1 
ATOM   442  C CG  . ASN A 1 55  ? -19.558 -11.818 8.635   1.00 34.71 ? 55  ASN A CG  1 
ATOM   443  O OD1 . ASN A 1 55  ? -20.678 -11.944 8.136   1.00 35.82 ? 55  ASN A OD1 1 
ATOM   444  N ND2 . ASN A 1 55  ? -19.371 -11.373 9.872   1.00 36.57 ? 55  ASN A ND2 1 
ATOM   445  N N   . ASN A 1 56  ? -17.034 -9.463  6.087   1.00 28.53 ? 56  ASN A N   1 
ATOM   446  C CA  . ASN A 1 56  ? -16.764 -8.031  6.153   1.00 27.82 ? 56  ASN A CA  1 
ATOM   447  C C   . ASN A 1 56  ? -17.014 -7.390  4.788   1.00 27.91 ? 56  ASN A C   1 
ATOM   448  O O   . ASN A 1 56  ? -16.358 -6.417  4.413   1.00 28.23 ? 56  ASN A O   1 
ATOM   449  C CB  . ASN A 1 56  ? -15.311 -7.795  6.593   1.00 27.43 ? 56  ASN A CB  1 
ATOM   450  C CG  . ASN A 1 56  ? -15.029 -6.342  6.944   1.00 27.87 ? 56  ASN A CG  1 
ATOM   451  O OD1 . ASN A 1 56  ? -15.749 -5.731  7.734   1.00 28.47 ? 56  ASN A OD1 1 
ATOM   452  N ND2 . ASN A 1 56  ? -13.968 -5.787  6.365   1.00 25.78 ? 56  ASN A ND2 1 
ATOM   453  N N   . GLY A 1 57  ? -17.968 -7.949  4.047   1.00 27.50 ? 57  GLY A N   1 
ATOM   454  C CA  . GLY A 1 57  ? -18.290 -7.422  2.733   1.00 25.72 ? 57  GLY A CA  1 
ATOM   455  C C   . GLY A 1 57  ? -17.175 -7.636  1.730   1.00 25.13 ? 57  GLY A C   1 
ATOM   456  O O   . GLY A 1 57  ? -17.063 -6.903  0.747   1.00 24.18 ? 57  GLY A O   1 
ATOM   457  N N   . TYR A 1 58  ? -16.348 -8.649  1.979   1.00 24.52 ? 58  TYR A N   1 
ATOM   458  C CA  . TYR A 1 58  ? -15.233 -8.964  1.097   1.00 24.40 ? 58  TYR A CA  1 
ATOM   459  C C   . TYR A 1 58  ? -14.299 -7.772  0.960   1.00 23.31 ? 58  TYR A C   1 
ATOM   460  O O   . TYR A 1 58  ? -13.860 -7.424  -0.136  1.00 23.87 ? 58  TYR A O   1 
ATOM   461  C CB  . TYR A 1 58  ? -15.760 -9.400  -0.273  1.00 25.37 ? 58  TYR A CB  1 
ATOM   462  C CG  . TYR A 1 58  ? -16.461 -10.738 -0.229  1.00 26.64 ? 58  TYR A CG  1 
ATOM   463  C CD1 . TYR A 1 58  ? -15.735 -11.928 -0.240  1.00 27.15 ? 58  TYR A CD1 1 
ATOM   464  C CD2 . TYR A 1 58  ? -17.849 -10.814 -0.126  1.00 27.16 ? 58  TYR A CD2 1 
ATOM   465  C CE1 . TYR A 1 58  ? -16.373 -13.163 -0.148  1.00 27.15 ? 58  TYR A CE1 1 
ATOM   466  C CE2 . TYR A 1 58  ? -18.497 -12.042 -0.031  1.00 27.96 ? 58  TYR A CE2 1 
ATOM   467  C CZ  . TYR A 1 58  ? -17.755 -13.211 -0.042  1.00 28.09 ? 58  TYR A CZ  1 
ATOM   468  O OH  . TYR A 1 58  ? -18.393 -14.428 0.055   1.00 29.49 ? 58  TYR A OH  1 
ATOM   469  N N   . LYS A 1 59  ? -14.004 -7.149  2.096   1.00 22.16 ? 59  LYS A N   1 
ATOM   470  C CA  . LYS A 1 59  ? -13.110 -5.998  2.150   1.00 22.61 ? 59  LYS A CA  1 
ATOM   471  C C   . LYS A 1 59  ? -12.063 -6.301  3.215   1.00 19.85 ? 59  LYS A C   1 
ATOM   472  O O   . LYS A 1 59  ? -12.332 -7.045  4.157   1.00 20.19 ? 59  LYS A O   1 
ATOM   473  C CB  . LYS A 1 59  ? -13.892 -4.740  2.525   1.00 24.86 ? 59  LYS A CB  1 
ATOM   474  C CG  . LYS A 1 59  ? -15.050 -4.439  1.588   1.00 30.18 ? 59  LYS A CG  1 
ATOM   475  C CD  . LYS A 1 59  ? -15.998 -3.416  2.190   1.00 33.78 ? 59  LYS A CD  1 
ATOM   476  C CE  . LYS A 1 59  ? -17.227 -3.221  1.312   1.00 36.37 ? 59  LYS A CE  1 
ATOM   477  N NZ  . LYS A 1 59  ? -18.222 -2.311  1.944   1.00 37.28 ? 59  LYS A NZ  1 
ATOM   478  N N   . PRO A 1 60  ? -10.851 -5.738  3.078   1.00 17.52 ? 60  PRO A N   1 
ATOM   479  C CA  . PRO A 1 60  ? -9.799  -5.988  4.065   1.00 16.07 ? 60  PRO A CA  1 
ATOM   480  C C   . PRO A 1 60  ? -10.232 -5.640  5.481   1.00 15.15 ? 60  PRO A C   1 
ATOM   481  O O   . PRO A 1 60  ? -11.014 -4.711  5.692   1.00 15.88 ? 60  PRO A O   1 
ATOM   482  C CB  . PRO A 1 60  ? -8.655  -5.101  3.583   1.00 13.98 ? 60  PRO A CB  1 
ATOM   483  C CG  . PRO A 1 60  ? -8.840  -5.114  2.091   1.00 13.48 ? 60  PRO A CG  1 
ATOM   484  C CD  . PRO A 1 60  ? -10.335 -4.933  1.955   1.00 16.98 ? 60  PRO A CD  1 
ATOM   485  N N   . LEU A 1 61  ? -9.722  -6.390  6.446   1.00 15.87 ? 61  LEU A N   1 
ATOM   486  C CA  . LEU A 1 61  ? -10.059 -6.141  7.837   1.00 14.94 ? 61  LEU A CA  1 
ATOM   487  C C   . LEU A 1 61  ? -9.273  -4.939  8.343   1.00 16.47 ? 61  LEU A C   1 
ATOM   488  O O   . LEU A 1 61  ? -8.182  -4.642  7.849   1.00 14.77 ? 61  LEU A O   1 
ATOM   489  C CB  . LEU A 1 61  ? -9.718  -7.362  8.695   1.00 16.45 ? 61  LEU A CB  1 
ATOM   490  C CG  . LEU A 1 61  ? -10.262 -8.713  8.229   1.00 16.20 ? 61  LEU A CG  1 
ATOM   491  C CD1 . LEU A 1 61  ? -9.931  -9.783  9.268   1.00 18.85 ? 61  LEU A CD1 1 
ATOM   492  C CD2 . LEU A 1 61  ? -11.765 -8.619  8.027   1.00 17.35 ? 61  LEU A CD2 1 
ATOM   493  N N   . VAL A 1 62  ? -9.839  -4.241  9.321   1.00 14.95 ? 62  VAL A N   1 
ATOM   494  C CA  . VAL A 1 62  ? -9.174  -3.093  9.922   1.00 15.11 ? 62  VAL A CA  1 
ATOM   495  C C   . VAL A 1 62  ? -8.877  -3.493  11.367  1.00 15.43 ? 62  VAL A C   1 
ATOM   496  O O   . VAL A 1 62  ? -9.365  -4.523  11.831  1.00 15.04 ? 62  VAL A O   1 
ATOM   497  C CB  . VAL A 1 62  ? -10.061 -1.828  9.861   1.00 13.17 ? 62  VAL A CB  1 
ATOM   498  C CG1 . VAL A 1 62  ? -10.338 -1.466  8.403   1.00 14.32 ? 62  VAL A CG1 1 
ATOM   499  C CG2 . VAL A 1 62  ? -11.364 -2.050  10.609  1.00 16.54 ? 62  VAL A CG2 1 
ATOM   500  N N   . ASN A 1 63  ? -8.075  -2.705  12.079  1.00 15.80 ? 63  ASN A N   1 
ATOM   501  C CA  . ASN A 1 63  ? -7.721  -3.061  13.453  1.00 15.69 ? 63  ASN A CA  1 
ATOM   502  C C   . ASN A 1 63  ? -8.809  -2.790  14.494  1.00 16.65 ? 63  ASN A C   1 
ATOM   503  O O   . ASN A 1 63  ? -9.926  -2.393  14.154  1.00 16.08 ? 63  ASN A O   1 
ATOM   504  C CB  . ASN A 1 63  ? -6.400  -2.383  13.858  1.00 15.57 ? 63  ASN A CB  1 
ATOM   505  C CG  . ASN A 1 63  ? -6.577  -0.938  14.303  1.00 14.28 ? 63  ASN A CG  1 
ATOM   506  O OD1 . ASN A 1 63  ? -7.636  -0.340  14.137  1.00 17.15 ? 63  ASN A OD1 1 
ATOM   507  N ND2 . ASN A 1 63  ? -5.518  -0.369  14.865  1.00 18.18 ? 63  ASN A ND2 1 
ATOM   508  N N   . GLU A 1 64  ? -8.477  -3.021  15.761  1.00 18.62 ? 64  GLU A N   1 
ATOM   509  C CA  . GLU A 1 64  ? -9.423  -2.835  16.858  1.00 21.55 ? 64  GLU A CA  1 
ATOM   510  C C   . GLU A 1 64  ? -9.953  -1.411  17.012  1.00 21.14 ? 64  GLU A C   1 
ATOM   511  O O   . GLU A 1 64  ? -10.929 -1.184  17.730  1.00 20.26 ? 64  GLU A O   1 
ATOM   512  C CB  . GLU A 1 64  ? -8.799  -3.293  18.183  1.00 24.86 ? 64  GLU A CB  1 
ATOM   513  C CG  . GLU A 1 64  ? -7.483  -2.617  18.543  1.00 30.97 ? 64  GLU A CG  1 
ATOM   514  C CD  . GLU A 1 64  ? -6.268  -3.356  18.005  1.00 34.41 ? 64  GLU A CD  1 
ATOM   515  O OE1 . GLU A 1 64  ? -6.132  -3.480  16.768  1.00 33.96 ? 64  GLU A OE1 1 
ATOM   516  O OE2 . GLU A 1 64  ? -5.447  -3.817  18.828  1.00 36.11 ? 64  GLU A OE2 1 
ATOM   517  N N   . ASP A 1 65  ? -9.312  -0.455  16.346  1.00 20.11 ? 65  ASP A N   1 
ATOM   518  C CA  . ASP A 1 65  ? -9.743  0.937   16.413  1.00 19.63 ? 65  ASP A CA  1 
ATOM   519  C C   . ASP A 1 65  ? -10.391 1.378   15.107  1.00 18.25 ? 65  ASP A C   1 
ATOM   520  O O   . ASP A 1 65  ? -10.699 2.556   14.927  1.00 17.48 ? 65  ASP A O   1 
ATOM   521  C CB  . ASP A 1 65  ? -8.558  1.853   16.729  1.00 21.29 ? 65  ASP A CB  1 
ATOM   522  C CG  . ASP A 1 65  ? -7.944  1.564   18.079  1.00 23.57 ? 65  ASP A CG  1 
ATOM   523  O OD1 . ASP A 1 65  ? -8.705  1.468   19.062  1.00 26.57 ? 65  ASP A OD1 1 
ATOM   524  O OD2 . ASP A 1 65  ? -6.706  1.440   18.160  1.00 26.92 ? 65  ASP A OD2 1 
ATOM   525  N N   . GLY A 1 66  ? -10.591 0.423   14.199  1.00 16.34 ? 66  GLY A N   1 
ATOM   526  C CA  . GLY A 1 66  ? -11.203 0.714   12.912  1.00 16.85 ? 66  GLY A CA  1 
ATOM   527  C C   . GLY A 1 66  ? -10.241 1.386   11.955  1.00 16.26 ? 66  GLY A C   1 
ATOM   528  O O   . GLY A 1 66  ? -10.653 2.022   10.986  1.00 18.28 ? 66  GLY A O   1 
ATOM   529  N N   . GLN A 1 67  ? -8.952  1.210   12.210  1.00 16.27 ? 67  GLN A N   1 
ATOM   530  C CA  . GLN A 1 67  ? -7.929  1.854   11.400  1.00 15.94 ? 67  GLN A CA  1 
ATOM   531  C C   . GLN A 1 67  ? -6.978  0.921   10.664  1.00 15.74 ? 67  GLN A C   1 
ATOM   532  O O   . GLN A 1 67  ? -6.918  -0.280  10.924  1.00 15.48 ? 67  GLN A O   1 
ATOM   533  C CB  . GLN A 1 67  ? -7.115  2.796   12.294  1.00 17.13 ? 67  GLN A CB  1 
ATOM   534  C CG  . GLN A 1 67  ? -7.958  3.887   12.953  1.00 16.22 ? 67  GLN A CG  1 
ATOM   535  C CD  . GLN A 1 67  ? -7.158  4.786   13.888  1.00 16.35 ? 67  GLN A CD  1 
ATOM   536  O OE1 . GLN A 1 67  ? -7.474  5.965   14.050  1.00 21.62 ? 67  GLN A OE1 1 
ATOM   537  N NE2 . GLN A 1 67  ? -6.136  4.231   14.515  1.00 15.02 ? 67  GLN A NE2 1 
ATOM   538  N N   . VAL A 1 68  ? -6.249  1.497   9.717   1.00 15.53 ? 68  VAL A N   1 
ATOM   539  C CA  . VAL A 1 68  ? -5.249  0.756   8.966   1.00 14.08 ? 68  VAL A CA  1 
ATOM   540  C C   . VAL A 1 68  ? -3.996  1.610   9.043   1.00 14.39 ? 68  VAL A C   1 
ATOM   541  O O   . VAL A 1 68  ? -4.072  2.814   9.295   1.00 14.21 ? 68  VAL A O   1 
ATOM   542  C CB  . VAL A 1 68  ? -5.637  0.558   7.478   1.00 15.42 ? 68  VAL A CB  1 
ATOM   543  C CG1 . VAL A 1 68  ? -6.948  -0.217  7.381   1.00 15.04 ? 68  VAL A CG1 1 
ATOM   544  C CG2 . VAL A 1 68  ? -5.736  1.904   6.774   1.00 15.05 ? 68  VAL A CG2 1 
ATOM   545  N N   . ARG A 1 69  ? -2.847  0.984   8.848   1.00 14.06 ? 69  ARG A N   1 
ATOM   546  C CA  . ARG A 1 69  ? -1.583  1.694   8.884   1.00 13.43 ? 69  ARG A CA  1 
ATOM   547  C C   . ARG A 1 69  ? -0.858  1.435   7.576   1.00 13.52 ? 69  ARG A C   1 
ATOM   548  O O   . ARG A 1 69  ? -0.815  0.302   7.097   1.00 12.68 ? 69  ARG A O   1 
ATOM   549  C CB  . ARG A 1 69  ? -0.733  1.193   10.046  1.00 11.97 ? 69  ARG A CB  1 
ATOM   550  C CG  . ARG A 1 69  ? 0.581   1.928   10.220  1.00 13.70 ? 69  ARG A CG  1 
ATOM   551  C CD  . ARG A 1 69  ? 1.351   1.334   11.376  1.00 13.74 ? 69  ARG A CD  1 
ATOM   552  N NE  . ARG A 1 69  ? 2.511   2.139   11.725  1.00 15.60 ? 69  ARG A NE  1 
ATOM   553  C CZ  . ARG A 1 69  ? 3.095   2.114   12.917  1.00 16.69 ? 69  ARG A CZ  1 
ATOM   554  N NH1 . ARG A 1 69  ? 2.618   1.320   13.871  1.00 14.68 ? 69  ARG A NH1 1 
ATOM   555  N NH2 . ARG A 1 69  ? 4.143   2.888   13.159  1.00 17.00 ? 69  ARG A NH2 1 
ATOM   556  N N   . VAL A 1 70  ? -0.306  2.487   6.987   1.00 12.55 ? 70  VAL A N   1 
ATOM   557  C CA  . VAL A 1 70  ? 0.429   2.329   5.742   1.00 11.13 ? 70  VAL A CA  1 
ATOM   558  C C   . VAL A 1 70  ? 1.668   3.202   5.721   1.00 10.59 ? 70  VAL A C   1 
ATOM   559  O O   . VAL A 1 70  ? 1.789   4.167   6.474   1.00 10.62 ? 70  VAL A O   1 
ATOM   560  C CB  . VAL A 1 70  ? -0.423  2.718   4.492   1.00 13.34 ? 70  VAL A CB  1 
ATOM   561  C CG1 . VAL A 1 70  ? -1.781  2.043   4.544   1.00 13.64 ? 70  VAL A CG1 1 
ATOM   562  C CG2 . VAL A 1 70  ? -0.558  4.237   4.391   1.00 13.58 ? 70  VAL A CG2 1 
ATOM   563  N N   . SER A 1 71  ? 2.600   2.831   4.858   1.00 10.53 ? 71  SER A N   1 
ATOM   564  C CA  . SER A 1 71  ? 3.798   3.613   4.640   1.00 9.73  ? 71  SER A CA  1 
ATOM   565  C C   . SER A 1 71  ? 3.606   4.048   3.198   1.00 9.72  ? 71  SER A C   1 
ATOM   566  O O   . SER A 1 71  ? 2.954   3.342   2.423   1.00 12.28 ? 71  SER A O   1 
ATOM   567  C CB  . SER A 1 71  ? 5.053   2.752   4.753   1.00 11.43 ? 71  SER A CB  1 
ATOM   568  O OG  . SER A 1 71  ? 5.285   2.384   6.099   1.00 11.16 ? 71  SER A OG  1 
ATOM   569  N N   . HIS A 1 72  ? 4.117   5.212   2.832   1.00 9.64  ? 72  HIS A N   1 
ATOM   570  C CA  . HIS A 1 72  ? 3.977   5.621   1.445   1.00 9.19  ? 72  HIS A CA  1 
ATOM   571  C C   . HIS A 1 72  ? 5.207   6.319   0.908   1.00 9.55  ? 72  HIS A C   1 
ATOM   572  O O   . HIS A 1 72  ? 6.080   6.753   1.658   1.00 10.62 ? 72  HIS A O   1 
ATOM   573  C CB  . HIS A 1 72  ? 2.735   6.513   1.236   1.00 11.35 ? 72  HIS A CB  1 
ATOM   574  C CG  . HIS A 1 72  ? 2.910   7.942   1.661   1.00 10.90 ? 72  HIS A CG  1 
ATOM   575  N ND1 . HIS A 1 72  ? 2.252   8.981   1.037   1.00 11.31 ? 72  HIS A ND1 1 
ATOM   576  C CD2 . HIS A 1 72  ? 3.628   8.500   2.664   1.00 10.85 ? 72  HIS A CD2 1 
ATOM   577  C CE1 . HIS A 1 72  ? 2.556   10.117  1.640   1.00 9.63  ? 72  HIS A CE1 1 
ATOM   578  N NE2 . HIS A 1 72  ? 3.388   9.853   2.631   1.00 11.61 ? 72  HIS A NE2 1 
ATOM   579  N N   . LEU A 1 73  ? 5.276   6.377   -0.416  1.00 9.23  ? 73  LEU A N   1 
ATOM   580  C CA  . LEU A 1 73  ? 6.351   7.050   -1.118  1.00 9.92  ? 73  LEU A CA  1 
ATOM   581  C C   . LEU A 1 73  ? 5.610   8.091   -1.956  1.00 10.05 ? 73  LEU A C   1 
ATOM   582  O O   . LEU A 1 73  ? 4.824   7.738   -2.836  1.00 10.77 ? 73  LEU A O   1 
ATOM   583  C CB  . LEU A 1 73  ? 7.100   6.066   -2.023  1.00 10.99 ? 73  LEU A CB  1 
ATOM   584  C CG  . LEU A 1 73  ? 8.162   6.639   -2.967  1.00 13.12 ? 73  LEU A CG  1 
ATOM   585  C CD1 . LEU A 1 73  ? 9.150   7.506   -2.212  1.00 16.09 ? 73  LEU A CD1 1 
ATOM   586  C CD2 . LEU A 1 73  ? 8.870   5.490   -3.663  1.00 14.45 ? 73  LEU A CD2 1 
ATOM   587  N N   . LEU A 1 74  ? 5.837   9.365   -1.651  1.00 8.90  ? 74  LEU A N   1 
ATOM   588  C CA  . LEU A 1 74  ? 5.177   10.461  -2.364  1.00 9.87  ? 74  LEU A CA  1 
ATOM   589  C C   . LEU A 1 74  ? 6.130   11.238  -3.254  1.00 10.16 ? 74  LEU A C   1 
ATOM   590  O O   . LEU A 1 74  ? 7.219   11.619  -2.829  1.00 10.11 ? 74  LEU A O   1 
ATOM   591  C CB  . LEU A 1 74  ? 4.553   11.441  -1.364  1.00 10.22 ? 74  LEU A CB  1 
ATOM   592  C CG  . LEU A 1 74  ? 4.067   12.801  -1.892  1.00 11.85 ? 74  LEU A CG  1 
ATOM   593  C CD1 . LEU A 1 74  ? 2.821   12.614  -2.749  1.00 10.79 ? 74  LEU A CD1 1 
ATOM   594  C CD2 . LEU A 1 74  ? 3.771   13.726  -0.722  1.00 12.40 ? 74  LEU A CD2 1 
ATOM   595  N N   . ILE A 1 75  ? 5.723   11.467  -4.498  1.00 10.93 ? 75  ILE A N   1 
ATOM   596  C CA  . ILE A 1 75  ? 6.530   12.264  -5.405  1.00 11.57 ? 75  ILE A CA  1 
ATOM   597  C C   . ILE A 1 75  ? 5.640   13.458  -5.740  1.00 12.95 ? 75  ILE A C   1 
ATOM   598  O O   . ILE A 1 75  ? 4.597   13.305  -6.377  1.00 14.24 ? 75  ILE A O   1 
ATOM   599  C CB  . ILE A 1 75  ? 6.897   11.514  -6.716  1.00 11.65 ? 75  ILE A CB  1 
ATOM   600  C CG1 . ILE A 1 75  ? 7.577   10.179  -6.401  1.00 12.69 ? 75  ILE A CG1 1 
ATOM   601  C CG2 . ILE A 1 75  ? 7.843   12.374  -7.551  1.00 14.20 ? 75  ILE A CG2 1 
ATOM   602  C CD1 . ILE A 1 75  ? 8.930   10.305  -5.731  1.00 12.36 ? 75  ILE A CD1 1 
ATOM   603  N N   . LYS A 1 76  ? 6.035   14.636  -5.277  1.00 10.66 ? 76  LYS A N   1 
ATOM   604  C CA  . LYS A 1 76  ? 5.258   15.841  -5.535  1.00 11.56 ? 76  LYS A CA  1 
ATOM   605  C C   . LYS A 1 76  ? 5.539   16.391  -6.927  1.00 11.77 ? 76  LYS A C   1 
ATOM   606  O O   . LYS A 1 76  ? 6.447   15.928  -7.619  1.00 12.04 ? 76  LYS A O   1 
ATOM   607  C CB  . LYS A 1 76  ? 5.576   16.916  -4.493  1.00 10.29 ? 76  LYS A CB  1 
ATOM   608  C CG  . LYS A 1 76  ? 5.051   16.631  -3.095  1.00 11.44 ? 76  LYS A CG  1 
ATOM   609  C CD  . LYS A 1 76  ? 5.258   17.846  -2.196  1.00 12.13 ? 76  LYS A CD  1 
ATOM   610  C CE  . LYS A 1 76  ? 4.712   17.619  -0.791  1.00 15.28 ? 76  LYS A CE  1 
ATOM   611  N NZ  . LYS A 1 76  ? 4.832   18.850  0.046   1.00 15.90 ? 76  LYS A NZ  1 
ATOM   612  N N   . ASN A 1 77  ? 4.748   17.383  -7.331  1.00 13.05 ? 77  ASN A N   1 
ATOM   613  C CA  . ASN A 1 77  ? 4.917   18.018  -8.634  1.00 15.03 ? 77  ASN A CA  1 
ATOM   614  C C   . ASN A 1 77  ? 4.366   19.446  -8.604  1.00 15.57 ? 77  ASN A C   1 
ATOM   615  O O   . ASN A 1 77  ? 3.747   19.856  -7.617  1.00 15.77 ? 77  ASN A O   1 
ATOM   616  C CB  . ASN A 1 77  ? 4.238   17.183  -9.731  1.00 14.19 ? 77  ASN A CB  1 
ATOM   617  C CG  . ASN A 1 77  ? 2.769   16.949  -9.465  1.00 16.84 ? 77  ASN A CG  1 
ATOM   618  O OD1 . ASN A 1 77  ? 2.006   17.893  -9.266  1.00 17.54 ? 77  ASN A OD1 1 
ATOM   619  N ND2 . ASN A 1 77  ? 2.360   15.681  -9.463  1.00 14.55 ? 77  ASN A ND2 1 
ATOM   620  N N   . ASN A 1 78  ? 4.584   20.197  -9.682  1.00 17.26 ? 78  ASN A N   1 
ATOM   621  C CA  . ASN A 1 78  ? 4.148   21.592  -9.727  1.00 17.59 ? 78  ASN A CA  1 
ATOM   622  C C   . ASN A 1 78  ? 2.656   21.903  -9.771  1.00 17.15 ? 78  ASN A C   1 
ATOM   623  O O   . ASN A 1 78  ? 2.281   23.075  -9.829  1.00 17.08 ? 78  ASN A O   1 
ATOM   624  C CB  . ASN A 1 78  ? 4.845   22.341  -10.872 1.00 18.27 ? 78  ASN A CB  1 
ATOM   625  C CG  . ASN A 1 78  ? 4.469   21.812  -12.245 1.00 17.76 ? 78  ASN A CG  1 
ATOM   626  O OD1 . ASN A 1 78  ? 3.397   21.239  -12.432 1.00 18.28 ? 78  ASN A OD1 1 
ATOM   627  N ND2 . ASN A 1 78  ? 5.348   22.025  -13.217 1.00 18.14 ? 78  ASN A ND2 1 
ATOM   628  N N   . GLN A 1 79  ? 1.795   20.887  -9.760  1.00 15.83 ? 79  GLN A N   1 
ATOM   629  C CA  . GLN A 1 79  ? 0.363   21.162  -9.750  1.00 16.53 ? 79  GLN A CA  1 
ATOM   630  C C   . GLN A 1 79  ? -0.328  20.543  -8.546  1.00 16.16 ? 79  GLN A C   1 
ATOM   631  O O   . GLN A 1 79  ? -1.554  20.436  -8.500  1.00 18.96 ? 79  GLN A O   1 
ATOM   632  C CB  . GLN A 1 79  ? -0.318  20.704  -11.047 1.00 15.26 ? 79  GLN A CB  1 
ATOM   633  C CG  . GLN A 1 79  ? -0.168  19.237  -11.410 1.00 15.03 ? 79  GLN A CG  1 
ATOM   634  C CD  . GLN A 1 79  ? -0.986  18.882  -12.643 1.00 10.04 ? 79  GLN A CD  1 
ATOM   635  O OE1 . GLN A 1 79  ? -2.135  18.445  -12.543 1.00 14.21 ? 79  GLN A OE1 1 
ATOM   636  N NE2 . GLN A 1 79  ? -0.403  19.095  -13.812 1.00 9.32  ? 79  GLN A NE2 1 
ATOM   637  N N   . SER A 1 80  ? 0.472   20.138  -7.569  1.00 19.13 ? 80  SER A N   1 
ATOM   638  C CA  . SER A 1 80  ? -0.055  19.556  -6.346  1.00 19.83 ? 80  SER A CA  1 
ATOM   639  C C   . SER A 1 80  ? 0.060   20.595  -5.242  1.00 17.99 ? 80  SER A C   1 
ATOM   640  O O   . SER A 1 80  ? 0.753   21.602  -5.400  1.00 18.47 ? 80  SER A O   1 
ATOM   641  C CB  . SER A 1 80  ? 0.744   18.312  -5.965  1.00 21.93 ? 80  SER A CB  1 
ATOM   642  O OG  . SER A 1 80  ? 2.133   18.597  -5.902  1.00 27.48 ? 80  SER A OG  1 
ATOM   643  N N   . ARG A 1 81  ? -0.626  20.354  -4.134  1.00 18.39 ? 81  ARG A N   1 
ATOM   644  C CA  . ARG A 1 81  ? -0.579  21.271  -3.000  1.00 19.41 ? 81  ARG A CA  1 
ATOM   645  C C   . ARG A 1 81  ? 0.827   21.305  -2.417  1.00 19.12 ? 81  ARG A C   1 
ATOM   646  O O   . ARG A 1 81  ? 1.601   20.363  -2.575  1.00 20.62 ? 81  ARG A O   1 
ATOM   647  C CB  . ARG A 1 81  ? -1.548  20.820  -1.907  1.00 21.59 ? 81  ARG A CB  1 
ATOM   648  C CG  . ARG A 1 81  ? -3.006  20.918  -2.276  1.00 22.48 ? 81  ARG A CG  1 
ATOM   649  C CD  . ARG A 1 81  ? -3.857  20.230  -1.225  1.00 23.48 ? 81  ARG A CD  1 
ATOM   650  N NE  . ARG A 1 81  ? -5.271  20.250  -1.572  1.00 23.99 ? 81  ARG A NE  1 
ATOM   651  C CZ  . ARG A 1 81  ? -6.192  19.499  -0.980  1.00 26.59 ? 81  ARG A CZ  1 
ATOM   652  N NH1 . ARG A 1 81  ? -7.461  19.582  -1.359  1.00 26.87 ? 81  ARG A NH1 1 
ATOM   653  N NH2 . ARG A 1 81  ? -5.842  18.658  -0.016  1.00 28.72 ? 81  ARG A NH2 1 
ATOM   654  N N   . LYS A 1 82  ? 1.140   22.402  -1.741  1.00 20.64 ? 82  LYS A N   1 
ATOM   655  C CA  . LYS A 1 82  ? 2.429   22.600  -1.099  1.00 20.43 ? 82  LYS A CA  1 
ATOM   656  C C   . LYS A 1 82  ? 3.604   22.043  -1.896  1.00 18.60 ? 82  LYS A C   1 
ATOM   657  O O   . LYS A 1 82  ? 4.252   21.080  -1.477  1.00 16.10 ? 82  LYS A O   1 
ATOM   658  C CB  . LYS A 1 82  ? 2.405   21.982  0.297   1.00 23.26 ? 82  LYS A CB  1 
ATOM   659  C CG  . LYS A 1 82  ? 3.474   22.522  1.216   1.00 24.78 ? 82  LYS A CG  1 
ATOM   660  C CD  . LYS A 1 82  ? 3.176   22.189  2.661   1.00 27.54 ? 82  LYS A CD  1 
ATOM   661  C CE  . LYS A 1 82  ? 4.105   22.954  3.588   1.00 28.45 ? 82  LYS A CE  1 
ATOM   662  N NZ  . LYS A 1 82  ? 3.786   22.729  5.019   1.00 29.47 ? 82  LYS A NZ  1 
ATOM   663  N N   . PRO A 1 83  ? 3.900   22.654  -3.053  1.00 15.43 ? 83  PRO A N   1 
ATOM   664  C CA  . PRO A 1 83  ? 4.998   22.238  -3.929  1.00 14.35 ? 83  PRO A CA  1 
ATOM   665  C C   . PRO A 1 83  ? 6.386   22.596  -3.400  1.00 14.66 ? 83  PRO A C   1 
ATOM   666  O O   . PRO A 1 83  ? 7.064   23.483  -3.925  1.00 12.43 ? 83  PRO A O   1 
ATOM   667  C CB  . PRO A 1 83  ? 4.676   22.944  -5.240  1.00 14.29 ? 83  PRO A CB  1 
ATOM   668  C CG  . PRO A 1 83  ? 4.046   24.210  -4.776  1.00 14.84 ? 83  PRO A CG  1 
ATOM   669  C CD  . PRO A 1 83  ? 3.125   23.743  -3.674  1.00 16.92 ? 83  PRO A CD  1 
ATOM   670  N N   . LYS A 1 84  ? 6.788   21.896  -2.344  1.00 13.03 ? 84  LYS A N   1 
ATOM   671  C CA  . LYS A 1 84  ? 8.097   22.067  -1.724  1.00 14.67 ? 84  LYS A CA  1 
ATOM   672  C C   . LYS A 1 84  ? 8.239   20.902  -0.754  1.00 13.27 ? 84  LYS A C   1 
ATOM   673  O O   . LYS A 1 84  ? 7.239   20.291  -0.370  1.00 13.93 ? 84  LYS A O   1 
ATOM   674  C CB  . LYS A 1 84  ? 8.201   23.410  -0.982  1.00 15.92 ? 84  LYS A CB  1 
ATOM   675  C CG  . LYS A 1 84  ? 7.167   23.634  0.110   1.00 19.73 ? 84  LYS A CG  1 
ATOM   676  C CD  . LYS A 1 84  ? 7.388   24.973  0.804   1.00 25.11 ? 84  LYS A CD  1 
ATOM   677  C CE  . LYS A 1 84  ? 6.371   25.196  1.913   1.00 29.20 ? 84  LYS A CE  1 
ATOM   678  N NZ  . LYS A 1 84  ? 6.578   26.497  2.611   1.00 33.43 ? 84  LYS A NZ  1 
ATOM   679  N N   . SER A 1 85  ? 9.471   20.579  -0.374  1.00 12.19 ? 85  SER A N   1 
ATOM   680  C CA  . SER A 1 85  ? 9.706   19.471  0.549   1.00 12.60 ? 85  SER A CA  1 
ATOM   681  C C   . SER A 1 85  ? 11.110  19.559  1.131   1.00 11.11 ? 85  SER A C   1 
ATOM   682  O O   . SER A 1 85  ? 11.921  20.380  0.710   1.00 14.00 ? 85  SER A O   1 
ATOM   683  C CB  . SER A 1 85  ? 9.569   18.137  -0.173  1.00 12.12 ? 85  SER A CB  1 
ATOM   684  O OG  . SER A 1 85  ? 10.674  17.947  -1.039  1.00 11.65 ? 85  SER A OG  1 
ATOM   685  N N   . TRP A 1 86  ? 11.394  18.688  2.093   1.00 12.16 ? 86  TRP A N   1 
ATOM   686  C CA  . TRP A 1 86  ? 12.698  18.666  2.735   1.00 12.05 ? 86  TRP A CA  1 
ATOM   687  C C   . TRP A 1 86  ? 13.835  18.524  1.726   1.00 12.60 ? 86  TRP A C   1 
ATOM   688  O O   . TRP A 1 86  ? 14.922  19.063  1.940   1.00 13.20 ? 86  TRP A O   1 
ATOM   689  C CB  . TRP A 1 86  ? 12.773  17.514  3.736   1.00 11.73 ? 86  TRP A CB  1 
ATOM   690  C CG  . TRP A 1 86  ? 12.704  16.177  3.085   1.00 12.86 ? 86  TRP A CG  1 
ATOM   691  C CD1 . TRP A 1 86  ? 11.585  15.540  2.626   1.00 13.05 ? 86  TRP A CD1 1 
ATOM   692  C CD2 . TRP A 1 86  ? 13.812  15.339  2.739   1.00 13.27 ? 86  TRP A CD2 1 
ATOM   693  N NE1 . TRP A 1 86  ? 11.931  14.358  2.012   1.00 12.34 ? 86  TRP A NE1 1 
ATOM   694  C CE2 . TRP A 1 86  ? 13.291  14.211  2.069   1.00 12.01 ? 86  TRP A CE2 1 
ATOM   695  C CE3 . TRP A 1 86  ? 15.196  15.433  2.931   1.00 14.22 ? 86  TRP A CE3 1 
ATOM   696  C CZ2 . TRP A 1 86  ? 14.108  13.183  1.587   1.00 13.56 ? 86  TRP A CZ2 1 
ATOM   697  C CZ3 . TRP A 1 86  ? 16.008  14.411  2.451   1.00 15.76 ? 86  TRP A CZ3 1 
ATOM   698  C CH2 . TRP A 1 86  ? 15.459  13.300  1.788   1.00 15.92 ? 86  TRP A CH2 1 
ATOM   699  N N   . LYS A 1 87  ? 13.587  17.799  0.636   1.00 13.45 ? 87  LYS A N   1 
ATOM   700  C CA  . LYS A 1 87  ? 14.611  17.591  -0.387  1.00 13.14 ? 87  LYS A CA  1 
ATOM   701  C C   . LYS A 1 87  ? 14.566  18.628  -1.508  1.00 12.50 ? 87  LYS A C   1 
ATOM   702  O O   . LYS A 1 87  ? 15.469  18.688  -2.344  1.00 13.89 ? 87  LYS A O   1 
ATOM   703  C CB  . LYS A 1 87  ? 14.528  16.161  -0.956  1.00 14.29 ? 87  LYS A CB  1 
ATOM   704  C CG  . LYS A 1 87  ? 13.201  15.766  -1.597  1.00 12.24 ? 87  LYS A CG  1 
ATOM   705  C CD  . LYS A 1 87  ? 13.209  14.285  -2.003  1.00 13.35 ? 87  LYS A CD  1 
ATOM   706  C CE  . LYS A 1 87  ? 14.180  13.976  -3.148  1.00 12.93 ? 87  LYS A CE  1 
ATOM   707  N NZ  . LYS A 1 87  ? 13.662  14.438  -4.468  1.00 12.15 ? 87  LYS A NZ  1 
ATOM   708  N N   . SER A 1 88  ? 13.511  19.440  -1.508  1.00 14.11 ? 88  SER A N   1 
ATOM   709  C CA  . SER A 1 88  ? 13.327  20.529  -2.472  1.00 14.06 ? 88  SER A CA  1 
ATOM   710  C C   . SER A 1 88  ? 12.730  21.680  -1.665  1.00 16.63 ? 88  SER A C   1 
ATOM   711  O O   . SER A 1 88  ? 11.596  22.091  -1.902  1.00 15.22 ? 88  SER A O   1 
ATOM   712  C CB  . SER A 1 88  ? 12.354  20.127  -3.583  1.00 14.74 ? 88  SER A CB  1 
ATOM   713  O OG  . SER A 1 88  ? 12.909  19.133  -4.422  1.00 13.80 ? 88  SER A OG  1 
ATOM   714  N N   . PRO A 1 89  ? 13.497  22.215  -0.700  1.00 17.40 ? 89  PRO A N   1 
ATOM   715  C CA  . PRO A 1 89  ? 13.037  23.313  0.156   1.00 17.20 ? 89  PRO A CA  1 
ATOM   716  C C   . PRO A 1 89  ? 12.664  24.608  -0.550  1.00 17.17 ? 89  PRO A C   1 
ATOM   717  O O   . PRO A 1 89  ? 11.836  25.370  -0.050  1.00 19.44 ? 89  PRO A O   1 
ATOM   718  C CB  . PRO A 1 89  ? 14.197  23.494  1.135   1.00 17.83 ? 89  PRO A CB  1 
ATOM   719  C CG  . PRO A 1 89  ? 15.382  23.148  0.307   1.00 19.28 ? 89  PRO A CG  1 
ATOM   720  C CD  . PRO A 1 89  ? 14.910  21.901  -0.422  1.00 18.55 ? 89  PRO A CD  1 
ATOM   721  N N   . ASP A 1 90  ? 13.262  24.859  -1.708  1.00 17.26 ? 90  ASP A N   1 
ATOM   722  C CA  . ASP A 1 90  ? 12.972  26.085  -2.436  1.00 18.73 ? 90  ASP A CA  1 
ATOM   723  C C   . ASP A 1 90  ? 11.892  25.929  -3.498  1.00 18.25 ? 90  ASP A C   1 
ATOM   724  O O   . ASP A 1 90  ? 11.712  26.810  -4.335  1.00 18.91 ? 90  ASP A O   1 
ATOM   725  C CB  . ASP A 1 90  ? 14.255  26.632  -3.062  1.00 20.26 ? 90  ASP A CB  1 
ATOM   726  C CG  . ASP A 1 90  ? 15.341  26.873  -2.029  1.00 24.36 ? 90  ASP A CG  1 
ATOM   727  O OD1 . ASP A 1 90  ? 15.033  27.482  -0.982  1.00 27.15 ? 90  ASP A OD1 1 
ATOM   728  O OD2 . ASP A 1 90  ? 16.498  26.461  -2.261  1.00 27.51 ? 90  ASP A OD2 1 
ATOM   729  N N   . GLY A 1 91  ? 11.176  24.808  -3.464  1.00 18.53 ? 91  GLY A N   1 
ATOM   730  C CA  . GLY A 1 91  ? 10.107  24.596  -4.424  1.00 16.75 ? 91  GLY A CA  1 
ATOM   731  C C   . GLY A 1 91  ? 10.294  23.437  -5.383  1.00 18.07 ? 91  GLY A C   1 
ATOM   732  O O   . GLY A 1 91  ? 11.408  23.131  -5.801  1.00 16.95 ? 91  GLY A O   1 
ATOM   733  N N   . ILE A 1 92  ? 9.189   22.783  -5.726  1.00 19.49 ? 92  ILE A N   1 
ATOM   734  C CA  . ILE A 1 92  ? 9.213   21.661  -6.657  1.00 19.00 ? 92  ILE A CA  1 
ATOM   735  C C   . ILE A 1 92  ? 8.599   22.133  -7.963  1.00 19.97 ? 92  ILE A C   1 
ATOM   736  O O   . ILE A 1 92  ? 7.481   22.649  -7.980  1.00 20.27 ? 92  ILE A O   1 
ATOM   737  C CB  . ILE A 1 92  ? 8.410   20.466  -6.114  1.00 21.34 ? 92  ILE A CB  1 
ATOM   738  C CG1 . ILE A 1 92  ? 9.125   19.899  -4.887  1.00 21.03 ? 92  ILE A CG1 1 
ATOM   739  C CG2 . ILE A 1 92  ? 8.259   19.394  -7.194  1.00 20.44 ? 92  ILE A CG2 1 
ATOM   740  C CD1 . ILE A 1 92  ? 8.392   18.776  -4.204  1.00 21.44 ? 92  ILE A CD1 1 
ATOM   741  N N   . SER A 1 93  ? 9.335   21.948  -9.052  1.00 20.16 ? 93  SER A N   1 
ATOM   742  C CA  . SER A 1 93  ? 8.877   22.382  -10.364 1.00 21.65 ? 93  SER A CA  1 
ATOM   743  C C   . SER A 1 93  ? 8.624   21.246  -11.349 1.00 21.96 ? 93  SER A C   1 
ATOM   744  O O   . SER A 1 93  ? 8.178   21.493  -12.470 1.00 24.55 ? 93  SER A O   1 
ATOM   745  C CB  . SER A 1 93  ? 9.896   23.355  -10.964 1.00 23.12 ? 93  SER A CB  1 
ATOM   746  O OG  . SER A 1 93  ? 11.163  22.738  -11.113 1.00 27.39 ? 93  SER A OG  1 
ATOM   747  N N   . ARG A 1 94  ? 8.906   20.007  -10.950 1.00 20.32 ? 94  ARG A N   1 
ATOM   748  C CA  . ARG A 1 94  ? 8.685   18.883  -11.860 1.00 18.27 ? 94  ARG A CA  1 
ATOM   749  C C   . ARG A 1 94  ? 7.198   18.786  -12.181 1.00 15.21 ? 94  ARG A C   1 
ATOM   750  O O   . ARG A 1 94  ? 6.353   19.097  -11.344 1.00 16.61 ? 94  ARG A O   1 
ATOM   751  C CB  . ARG A 1 94  ? 9.176   17.562  -11.245 1.00 17.46 ? 94  ARG A CB  1 
ATOM   752  C CG  . ARG A 1 94  ? 8.272   16.955  -10.182 1.00 18.49 ? 94  ARG A CG  1 
ATOM   753  C CD  . ARG A 1 94  ? 8.792   15.579  -9.763  1.00 15.77 ? 94  ARG A CD  1 
ATOM   754  N NE  . ARG A 1 94  ? 10.097  15.660  -9.110  1.00 15.43 ? 94  ARG A NE  1 
ATOM   755  C CZ  . ARG A 1 94  ? 10.271  15.814  -7.799  1.00 14.53 ? 94  ARG A CZ  1 
ATOM   756  N NH1 . ARG A 1 94  ? 9.221   15.897  -6.995  1.00 14.34 ? 94  ARG A NH1 1 
ATOM   757  N NH2 . ARG A 1 94  ? 11.499  15.899  -7.298  1.00 14.42 ? 94  ARG A NH2 1 
ATOM   758  N N   . THR A 1 95  ? 6.877   18.364  -13.398 1.00 16.99 ? 95  THR A N   1 
ATOM   759  C CA  . THR A 1 95  ? 5.482   18.255  -13.799 1.00 16.02 ? 95  THR A CA  1 
ATOM   760  C C   . THR A 1 95  ? 4.857   16.962  -13.309 1.00 15.55 ? 95  THR A C   1 
ATOM   761  O O   . THR A 1 95  ? 5.543   16.065  -12.817 1.00 16.37 ? 95  THR A O   1 
ATOM   762  C CB  . THR A 1 95  ? 5.317   18.279  -15.326 1.00 16.78 ? 95  THR A CB  1 
ATOM   763  O OG1 . THR A 1 95  ? 5.960   17.130  -15.887 1.00 16.21 ? 95  THR A OG1 1 
ATOM   764  C CG2 . THR A 1 95  ? 5.913   19.543  -15.914 1.00 17.16 ? 95  THR A CG2 1 
ATOM   765  N N   . ARG A 1 96  ? 3.545   16.881  -13.464 1.00 14.51 ? 96  ARG A N   1 
ATOM   766  C CA  . ARG A 1 96  ? 2.786   15.711  -13.067 1.00 14.16 ? 96  ARG A CA  1 
ATOM   767  C C   . ARG A 1 96  ? 3.299   14.479  -13.802 1.00 13.67 ? 96  ARG A C   1 
ATOM   768  O O   . ARG A 1 96  ? 3.528   13.431  -13.193 1.00 12.15 ? 96  ARG A O   1 
ATOM   769  C CB  . ARG A 1 96  ? 1.306   15.946  -13.371 1.00 13.16 ? 96  ARG A CB  1 
ATOM   770  C CG  . ARG A 1 96  ? 0.417   14.730  -13.240 1.00 13.82 ? 96  ARG A CG  1 
ATOM   771  C CD  . ARG A 1 96  ? -1.044  15.133  -13.372 1.00 14.76 ? 96  ARG A CD  1 
ATOM   772  N NE  . ARG A 1 96  ? -1.917  13.969  -13.444 1.00 13.32 ? 96  ARG A NE  1 
ATOM   773  C CZ  . ARG A 1 96  ? -2.063  13.209  -14.526 1.00 16.05 ? 96  ARG A CZ  1 
ATOM   774  N NH1 . ARG A 1 96  ? -1.396  13.494  -15.640 1.00 17.57 ? 96  ARG A NH1 1 
ATOM   775  N NH2 . ARG A 1 96  ? -2.859  12.153  -14.486 1.00 18.37 ? 96  ARG A NH2 1 
ATOM   776  N N   . ASP A 1 97  ? 3.486   14.599  -15.113 1.00 13.51 ? 97  ASP A N   1 
ATOM   777  C CA  . ASP A 1 97  ? 3.975   13.469  -15.890 1.00 13.94 ? 97  ASP A CA  1 
ATOM   778  C C   . ASP A 1 97  ? 5.359   13.032  -15.420 1.00 13.01 ? 97  ASP A C   1 
ATOM   779  O O   . ASP A 1 97  ? 5.645   11.837  -15.343 1.00 13.28 ? 97  ASP A O   1 
ATOM   780  C CB  . ASP A 1 97  ? 4.000   13.824  -17.376 1.00 14.07 ? 97  ASP A CB  1 
ATOM   781  C CG  . ASP A 1 97  ? 2.611   13.965  -17.955 1.00 13.88 ? 97  ASP A CG  1 
ATOM   782  O OD1 . ASP A 1 97  ? 1.873   12.957  -17.985 1.00 16.97 ? 97  ASP A OD1 1 
ATOM   783  O OD2 . ASP A 1 97  ? 2.252   15.086  -18.371 1.00 16.17 ? 97  ASP A OD2 1 
ATOM   784  N N   . GLU A 1 98  ? 6.219   13.999  -15.113 1.00 14.53 ? 98  GLU A N   1 
ATOM   785  C CA  . GLU A 1 98  ? 7.555   13.680  -14.638 1.00 13.94 ? 98  GLU A CA  1 
ATOM   786  C C   . GLU A 1 98  ? 7.479   12.897  -13.334 1.00 14.10 ? 98  GLU A C   1 
ATOM   787  O O   . GLU A 1 98  ? 8.220   11.930  -13.145 1.00 14.60 ? 98  GLU A O   1 
ATOM   788  C CB  . GLU A 1 98  ? 8.375   14.958  -14.435 1.00 16.27 ? 98  GLU A CB  1 
ATOM   789  C CG  . GLU A 1 98  ? 8.828   15.600  -15.740 1.00 17.18 ? 98  GLU A CG  1 
ATOM   790  C CD  . GLU A 1 98  ? 9.647   16.858  -15.527 1.00 20.09 ? 98  GLU A CD  1 
ATOM   791  O OE1 . GLU A 1 98  ? 9.123   17.828  -14.941 1.00 22.05 ? 98  GLU A OE1 1 
ATOM   792  O OE2 . GLU A 1 98  ? 10.821  16.876  -15.952 1.00 26.99 ? 98  GLU A OE2 1 
ATOM   793  N N   . SER A 1 99  ? 6.578   13.301  -12.441 1.00 13.14 ? 99  SER A N   1 
ATOM   794  C CA  . SER A 1 99  ? 6.449   12.607  -11.160 1.00 12.25 ? 99  SER A CA  1 
ATOM   795  C C   . SER A 1 99  ? 5.921   11.190  -11.351 1.00 13.20 ? 99  SER A C   1 
ATOM   796  O O   . SER A 1 99  ? 6.330   10.267  -10.643 1.00 12.24 ? 99  SER A O   1 
ATOM   797  C CB  . SER A 1 99  ? 5.537   13.386  -10.203 1.00 12.20 ? 99  SER A CB  1 
ATOM   798  O OG  . SER A 1 99  ? 4.206   13.496  -10.691 1.00 13.82 ? 99  SER A OG  1 
ATOM   799  N N   . ILE A 1 100 ? 5.019   11.018  -12.312 1.00 12.77 ? 100 ILE A N   1 
ATOM   800  C CA  . ILE A 1 100 ? 4.449   9.706   -12.586 1.00 11.38 ? 100 ILE A CA  1 
ATOM   801  C C   . ILE A 1 100 ? 5.497   8.748   -13.143 1.00 11.07 ? 100 ILE A C   1 
ATOM   802  O O   . ILE A 1 100 ? 5.583   7.602   -12.713 1.00 10.47 ? 100 ILE A O   1 
ATOM   803  C CB  . ILE A 1 100 ? 3.268   9.807   -13.580 1.00 11.25 ? 100 ILE A CB  1 
ATOM   804  C CG1 . ILE A 1 100 ? 2.083   10.488  -12.891 1.00 10.61 ? 100 ILE A CG1 1 
ATOM   805  C CG2 . ILE A 1 100 ? 2.877   8.418   -14.079 1.00 10.14 ? 100 ILE A CG2 1 
ATOM   806  C CD1 . ILE A 1 100 ? 0.930   10.846  -13.823 1.00 11.99 ? 100 ILE A CD1 1 
ATOM   807  N N   . GLN A 1 101 ? 6.302   9.209   -14.094 1.00 11.28 ? 101 GLN A N   1 
ATOM   808  C CA  . GLN A 1 101 ? 7.319   8.339   -14.665 1.00 12.03 ? 101 GLN A CA  1 
ATOM   809  C C   . GLN A 1 101 ? 8.353   7.946   -13.622 1.00 13.00 ? 101 GLN A C   1 
ATOM   810  O O   . GLN A 1 101 ? 8.828   6.816   -13.611 1.00 13.59 ? 101 GLN A O   1 
ATOM   811  C CB  . GLN A 1 101 ? 7.983   9.005   -15.873 1.00 16.05 ? 101 GLN A CB  1 
ATOM   812  C CG  . GLN A 1 101 ? 7.049   9.094   -17.074 1.00 20.88 ? 101 GLN A CG  1 
ATOM   813  C CD  . GLN A 1 101 ? 6.298   7.791   -17.319 1.00 23.56 ? 101 GLN A CD  1 
ATOM   814  O OE1 . GLN A 1 101 ? 6.906   6.737   -17.530 1.00 25.72 ? 101 GLN A OE1 1 
ATOM   815  N NE2 . GLN A 1 101 ? 4.970   7.855   -17.284 1.00 22.01 ? 101 GLN A NE2 1 
ATOM   816  N N   . ILE A 1 102 ? 8.688   8.881   -12.740 1.00 12.70 ? 102 ILE A N   1 
ATOM   817  C CA  . ILE A 1 102 ? 9.648   8.608   -11.679 1.00 11.53 ? 102 ILE A CA  1 
ATOM   818  C C   . ILE A 1 102 ? 9.087   7.534   -10.751 1.00 11.34 ? 102 ILE A C   1 
ATOM   819  O O   . ILE A 1 102 ? 9.773   6.566   -10.409 1.00 11.31 ? 102 ILE A O   1 
ATOM   820  C CB  . ILE A 1 102 ? 9.929   9.874   -10.846 1.00 11.79 ? 102 ILE A CB  1 
ATOM   821  C CG1 . ILE A 1 102 ? 10.828  10.824  -11.639 1.00 11.79 ? 102 ILE A CG1 1 
ATOM   822  C CG2 . ILE A 1 102 ? 10.555  9.498   -9.509  1.00 12.05 ? 102 ILE A CG2 1 
ATOM   823  C CD1 . ILE A 1 102 ? 10.956  12.202  -11.033 1.00 13.12 ? 102 ILE A CD1 1 
ATOM   824  N N   . LEU A 1 103 ? 7.832   7.703   -10.352 1.00 9.80  ? 103 LEU A N   1 
ATOM   825  C CA  . LEU A 1 103 ? 7.206   6.754   -9.437  1.00 9.74  ? 103 LEU A CA  1 
ATOM   826  C C   . LEU A 1 103 ? 6.970   5.382   -10.067 1.00 11.94 ? 103 LEU A C   1 
ATOM   827  O O   . LEU A 1 103 ? 7.070   4.353   -9.388  1.00 10.03 ? 103 LEU A O   1 
ATOM   828  C CB  . LEU A 1 103 ? 5.895   7.337   -8.901  1.00 9.70  ? 103 LEU A CB  1 
ATOM   829  C CG  . LEU A 1 103 ? 5.330   6.660   -7.653  1.00 11.55 ? 103 LEU A CG  1 
ATOM   830  C CD1 . LEU A 1 103 ? 6.403   6.617   -6.565  1.00 11.37 ? 103 LEU A CD1 1 
ATOM   831  C CD2 . LEU A 1 103 ? 4.099   7.416   -7.172  1.00 12.86 ? 103 LEU A CD2 1 
ATOM   832  N N   . LYS A 1 104 ? 6.666   5.359   -11.362 1.00 11.14 ? 104 LYS A N   1 
ATOM   833  C CA  . LYS A 1 104 ? 6.451   4.094   -12.048 1.00 12.44 ? 104 LYS A CA  1 
ATOM   834  C C   . LYS A 1 104 ? 7.706   3.238   -11.948 1.00 12.31 ? 104 LYS A C   1 
ATOM   835  O O   . LYS A 1 104 ? 7.619   2.026   -11.744 1.00 12.21 ? 104 LYS A O   1 
ATOM   836  C CB  . LYS A 1 104 ? 6.106   4.328   -13.518 1.00 16.04 ? 104 LYS A CB  1 
ATOM   837  C CG  . LYS A 1 104 ? 4.632   4.573   -13.782 1.00 22.95 ? 104 LYS A CG  1 
ATOM   838  C CD  . LYS A 1 104 ? 4.328   4.387   -15.265 1.00 27.86 ? 104 LYS A CD  1 
ATOM   839  C CE  . LYS A 1 104 ? 4.785   3.007   -15.738 1.00 30.24 ? 104 LYS A CE  1 
ATOM   840  N NZ  . LYS A 1 104 ? 4.595   2.795   -17.197 1.00 33.06 ? 104 LYS A NZ  1 
ATOM   841  N N   . LYS A 1 105 ? 8.870   3.871   -12.098 1.00 11.75 ? 105 LYS A N   1 
ATOM   842  C CA  . LYS A 1 105 ? 10.139  3.155   -12.012 1.00 11.38 ? 105 LYS A CA  1 
ATOM   843  C C   . LYS A 1 105 ? 10.337  2.641   -10.593 1.00 11.35 ? 105 LYS A C   1 
ATOM   844  O O   . LYS A 1 105 ? 10.779  1.508   -10.393 1.00 12.08 ? 105 LYS A O   1 
ATOM   845  C CB  . LYS A 1 105 ? 11.304  4.069   -12.406 1.00 13.80 ? 105 LYS A CB  1 
ATOM   846  C CG  . LYS A 1 105 ? 11.359  4.402   -13.892 1.00 18.60 ? 105 LYS A CG  1 
ATOM   847  C CD  . LYS A 1 105 ? 12.592  5.229   -14.218 1.00 23.56 ? 105 LYS A CD  1 
ATOM   848  C CE  . LYS A 1 105 ? 12.754  5.428   -15.715 1.00 26.73 ? 105 LYS A CE  1 
ATOM   849  N NZ  . LYS A 1 105 ? 13.986  6.205   -16.030 1.00 29.89 ? 105 LYS A NZ  1 
ATOM   850  N N   . HIS A 1 106 ? 10.014  3.475   -9.604  1.00 9.75  ? 106 HIS A N   1 
ATOM   851  C CA  . HIS A 1 106 ? 10.158  3.054   -8.211  1.00 9.80  ? 106 HIS A CA  1 
ATOM   852  C C   . HIS A 1 106 ? 9.278   1.841   -7.929  1.00 11.01 ? 106 HIS A C   1 
ATOM   853  O O   . HIS A 1 106 ? 9.700   0.896   -7.264  1.00 10.25 ? 106 HIS A O   1 
ATOM   854  C CB  . HIS A 1 106 ? 9.758   4.176   -7.243  1.00 10.47 ? 106 HIS A CB  1 
ATOM   855  C CG  . HIS A 1 106 ? 10.738  5.302   -7.182  1.00 11.43 ? 106 HIS A CG  1 
ATOM   856  N ND1 . HIS A 1 106 ? 12.103  5.106   -7.240  1.00 12.94 ? 106 HIS A ND1 1 
ATOM   857  C CD2 . HIS A 1 106 ? 10.556  6.637   -7.034  1.00 12.20 ? 106 HIS A CD2 1 
ATOM   858  C CE1 . HIS A 1 106 ? 12.717  6.272   -7.131  1.00 13.63 ? 106 HIS A CE1 1 
ATOM   859  N NE2 . HIS A 1 106 ? 11.801  7.216   -7.004  1.00 11.55 ? 106 HIS A NE2 1 
ATOM   860  N N   . LEU A 1 107 ? 8.044   1.885   -8.423  1.00 10.63 ? 107 LEU A N   1 
ATOM   861  C CA  . LEU A 1 107 ? 7.111   0.788   -8.211  1.00 9.33  ? 107 LEU A CA  1 
ATOM   862  C C   . LEU A 1 107 ? 7.655   -0.524  -8.770  1.00 10.76 ? 107 LEU A C   1 
ATOM   863  O O   . LEU A 1 107 ? 7.569   -1.567  -8.118  1.00 10.11 ? 107 LEU A O   1 
ATOM   864  C CB  . LEU A 1 107 ? 5.756   1.110   -8.851  1.00 11.16 ? 107 LEU A CB  1 
ATOM   865  C CG  . LEU A 1 107 ? 4.664   0.062   -8.614  1.00 12.42 ? 107 LEU A CG  1 
ATOM   866  C CD1 . LEU A 1 107 ? 4.525   -0.205  -7.121  1.00 13.20 ? 107 LEU A CD1 1 
ATOM   867  C CD2 . LEU A 1 107 ? 3.348   0.553   -9.197  1.00 13.69 ? 107 LEU A CD2 1 
ATOM   868  N N   . GLU A 1 108 ? 8.219   -0.486  -9.973  1.00 11.18 ? 108 GLU A N   1 
ATOM   869  C CA  . GLU A 1 108 ? 8.760   -1.708  -10.562 1.00 11.75 ? 108 GLU A CA  1 
ATOM   870  C C   . GLU A 1 108 ? 9.892   -2.293  -9.718  1.00 12.88 ? 108 GLU A C   1 
ATOM   871  O O   . GLU A 1 108 ? 10.001  -3.511  -9.577  1.00 13.77 ? 108 GLU A O   1 
ATOM   872  C CB  . GLU A 1 108 ? 9.257   -1.456  -11.989 1.00 14.95 ? 108 GLU A CB  1 
ATOM   873  C CG  . GLU A 1 108 ? 8.146   -1.180  -12.990 1.00 18.72 ? 108 GLU A CG  1 
ATOM   874  C CD  . GLU A 1 108 ? 8.598   -1.333  -14.439 1.00 21.48 ? 108 GLU A CD  1 
ATOM   875  O OE1 . GLU A 1 108 ? 7.796   -1.032  -15.346 1.00 21.53 ? 108 GLU A OE1 1 
ATOM   876  O OE2 . GLU A 1 108 ? 9.749   -1.759  -14.678 1.00 21.33 ? 108 GLU A OE2 1 
ATOM   877  N N   . ARG A 1 109 ? 10.729  -1.429  -9.151  1.00 11.76 ? 109 ARG A N   1 
ATOM   878  C CA  . ARG A 1 109 ? 11.837  -1.904  -8.329  1.00 12.85 ? 109 ARG A CA  1 
ATOM   879  C C   . ARG A 1 109 ? 11.357  -2.434  -6.988  1.00 13.17 ? 109 ARG A C   1 
ATOM   880  O O   . ARG A 1 109 ? 11.971  -3.332  -6.413  1.00 14.03 ? 109 ARG A O   1 
ATOM   881  C CB  . ARG A 1 109 ? 12.868  -0.793  -8.123  1.00 12.20 ? 109 ARG A CB  1 
ATOM   882  C CG  . ARG A 1 109 ? 13.570  -0.383  -9.403  1.00 16.87 ? 109 ARG A CG  1 
ATOM   883  C CD  . ARG A 1 109 ? 14.729  0.553   -9.116  1.00 16.86 ? 109 ARG A CD  1 
ATOM   884  N NE  . ARG A 1 109 ? 15.826  -0.143  -8.451  1.00 17.42 ? 109 ARG A NE  1 
ATOM   885  C CZ  . ARG A 1 109 ? 16.397  0.262   -7.322  1.00 17.91 ? 109 ARG A CZ  1 
ATOM   886  N NH1 . ARG A 1 109 ? 15.974  1.366   -6.723  1.00 17.68 ? 109 ARG A NH1 1 
ATOM   887  N NH2 . ARG A 1 109 ? 17.396  -0.435  -6.797  1.00 18.94 ? 109 ARG A NH2 1 
ATOM   888  N N   . ILE A 1 110 ? 10.262  -1.880  -6.480  1.00 10.04 ? 110 ILE A N   1 
ATOM   889  C CA  . ILE A 1 110 ? 9.726   -2.364  -5.217  1.00 11.08 ? 110 ILE A CA  1 
ATOM   890  C C   . ILE A 1 110 ? 9.121   -3.748  -5.435  1.00 13.29 ? 110 ILE A C   1 
ATOM   891  O O   . ILE A 1 110 ? 9.442   -4.704  -4.725  1.00 13.87 ? 110 ILE A O   1 
ATOM   892  C CB  . ILE A 1 110 ? 8.643   -1.411  -4.669  1.00 10.60 ? 110 ILE A CB  1 
ATOM   893  C CG1 . ILE A 1 110 ? 9.296   -0.109  -4.208  1.00 11.18 ? 110 ILE A CG1 1 
ATOM   894  C CG2 . ILE A 1 110 ? 7.900   -2.067  -3.520  1.00 12.98 ? 110 ILE A CG2 1 
ATOM   895  C CD1 . ILE A 1 110 ? 8.309   1.008   -3.910  1.00 12.42 ? 110 ILE A CD1 1 
ATOM   896  N N   . LEU A 1 111 ? 8.259   -3.867  -6.436  1.00 13.74 ? 111 LEU A N   1 
ATOM   897  C CA  . LEU A 1 111 ? 7.622   -5.151  -6.699  1.00 13.44 ? 111 LEU A CA  1 
ATOM   898  C C   . LEU A 1 111 ? 8.591   -6.260  -7.095  1.00 14.61 ? 111 LEU A C   1 
ATOM   899  O O   . LEU A 1 111 ? 8.331   -7.429  -6.812  1.00 16.27 ? 111 LEU A O   1 
ATOM   900  C CB  . LEU A 1 111 ? 6.545   -4.994  -7.773  1.00 13.92 ? 111 LEU A CB  1 
ATOM   901  C CG  . LEU A 1 111 ? 5.390   -4.066  -7.395  1.00 12.00 ? 111 LEU A CG  1 
ATOM   902  C CD1 . LEU A 1 111 ? 4.420   -3.978  -8.556  1.00 14.19 ? 111 LEU A CD1 1 
ATOM   903  C CD2 . LEU A 1 111 ? 4.680   -4.589  -6.144  1.00 14.37 ? 111 LEU A CD2 1 
ATOM   904  N N   . SER A 1 112 ? 9.704   -5.900  -7.729  1.00 15.68 ? 112 SER A N   1 
ATOM   905  C CA  . SER A 1 112 ? 10.687  -6.891  -8.160  1.00 15.66 ? 112 SER A CA  1 
ATOM   906  C C   . SER A 1 112 ? 11.526  -7.402  -6.997  1.00 17.36 ? 112 SER A C   1 
ATOM   907  O O   . SER A 1 112 ? 12.177  -8.445  -7.101  1.00 17.70 ? 112 SER A O   1 
ATOM   908  C CB  . SER A 1 112 ? 11.616  -6.298  -9.222  1.00 14.78 ? 112 SER A CB  1 
ATOM   909  O OG  . SER A 1 112 ? 12.499  -5.352  -8.650  1.00 14.11 ? 112 SER A OG  1 
ATOM   910  N N   . GLY A 1 113 ? 11.513  -6.658  -5.896  1.00 16.21 ? 113 GLY A N   1 
ATOM   911  C CA  . GLY A 1 113 ? 12.282  -7.049  -4.730  1.00 16.50 ? 113 GLY A CA  1 
ATOM   912  C C   . GLY A 1 113 ? 13.665  -6.425  -4.682  1.00 16.63 ? 113 GLY A C   1 
ATOM   913  O O   . GLY A 1 113 ? 14.432  -6.682  -3.752  1.00 18.19 ? 113 GLY A O   1 
ATOM   914  N N   . GLU A 1 114 ? 13.994  -5.606  -5.677  1.00 15.35 ? 114 GLU A N   1 
ATOM   915  C CA  . GLU A 1 114 ? 15.294  -4.951  -5.721  1.00 16.26 ? 114 GLU A CA  1 
ATOM   916  C C   . GLU A 1 114 ? 15.473  -4.007  -4.541  1.00 16.35 ? 114 GLU A C   1 
ATOM   917  O O   . GLU A 1 114 ? 16.593  -3.770  -4.093  1.00 16.76 ? 114 GLU A O   1 
ATOM   918  C CB  . GLU A 1 114 ? 15.452  -4.145  -7.010  1.00 18.59 ? 114 GLU A CB  1 
ATOM   919  C CG  . GLU A 1 114 ? 15.316  -4.950  -8.276  1.00 21.71 ? 114 GLU A CG  1 
ATOM   920  C CD  . GLU A 1 114 ? 15.387  -4.079  -9.513  1.00 21.73 ? 114 GLU A CD  1 
ATOM   921  O OE1 . GLU A 1 114 ? 14.768  -4.448  -10.528 1.00 22.47 ? 114 GLU A OE1 1 
ATOM   922  O OE2 . GLU A 1 114 ? 16.065  -3.030  -9.469  1.00 24.04 ? 114 GLU A OE2 1 
ATOM   923  N N   . VAL A 1 115 ? 14.367  -3.458  -4.049  1.00 14.68 ? 115 VAL A N   1 
ATOM   924  C CA  . VAL A 1 115 ? 14.426  -2.528  -2.932  1.00 13.99 ? 115 VAL A CA  1 
ATOM   925  C C   . VAL A 1 115 ? 13.082  -2.474  -2.222  1.00 13.51 ? 115 VAL A C   1 
ATOM   926  O O   . VAL A 1 115 ? 12.049  -2.804  -2.808  1.00 12.47 ? 115 VAL A O   1 
ATOM   927  C CB  . VAL A 1 115 ? 14.803  -1.107  -3.425  1.00 15.73 ? 115 VAL A CB  1 
ATOM   928  C CG1 . VAL A 1 115 ? 13.679  -0.534  -4.277  1.00 15.00 ? 115 VAL A CG1 1 
ATOM   929  C CG2 . VAL A 1 115 ? 15.109  -0.201  -2.241  1.00 16.92 ? 115 VAL A CG2 1 
ATOM   930  N N   . LYS A 1 116 ? 13.106  -2.079  -0.953  1.00 11.04 ? 116 LYS A N   1 
ATOM   931  C CA  . LYS A 1 116 ? 11.892  -1.958  -0.155  1.00 11.76 ? 116 LYS A CA  1 
ATOM   932  C C   . LYS A 1 116 ? 11.374  -0.529  -0.259  1.00 10.96 ? 116 LYS A C   1 
ATOM   933  O O   . LYS A 1 116 ? 12.156  0.413   -0.420  1.00 12.52 ? 116 LYS A O   1 
ATOM   934  C CB  . LYS A 1 116 ? 12.181  -2.281  1.313   1.00 14.21 ? 116 LYS A CB  1 
ATOM   935  C CG  . LYS A 1 116 ? 12.432  -3.752  1.606   1.00 16.70 ? 116 LYS A CG  1 
ATOM   936  C CD  . LYS A 1 116 ? 11.158  -4.560  1.445   1.00 20.62 ? 116 LYS A CD  1 
ATOM   937  C CE  . LYS A 1 116 ? 11.350  -5.997  1.903   1.00 25.89 ? 116 LYS A CE  1 
ATOM   938  N NZ  . LYS A 1 116 ? 10.056  -6.731  1.927   1.00 28.31 ? 116 LYS A NZ  1 
ATOM   939  N N   . LEU A 1 117 ? 10.061  -0.368  -0.152  1.00 12.35 ? 117 LEU A N   1 
ATOM   940  C CA  . LEU A 1 117 ? 9.469   0.961   -0.237  1.00 11.22 ? 117 LEU A CA  1 
ATOM   941  C C   . LEU A 1 117 ? 10.047  1.870   0.838   1.00 11.85 ? 117 LEU A C   1 
ATOM   942  O O   . LEU A 1 117 ? 10.326  3.043   0.585   1.00 12.65 ? 117 LEU A O   1 
ATOM   943  C CB  . LEU A 1 117 ? 7.946   0.884   -0.097  1.00 11.76 ? 117 LEU A CB  1 
ATOM   944  C CG  . LEU A 1 117 ? 7.220   2.236   -0.140  1.00 11.41 ? 117 LEU A CG  1 
ATOM   945  C CD1 . LEU A 1 117 ? 5.825   2.036   -0.705  1.00 12.41 ? 117 LEU A CD1 1 
ATOM   946  C CD2 . LEU A 1 117 ? 7.161   2.874   1.255   1.00 12.85 ? 117 LEU A CD2 1 
ATOM   947  N N   . SER A 1 118 ? 10.244  1.326   2.034   1.00 11.42 ? 118 SER A N   1 
ATOM   948  C CA  . SER A 1 118 ? 10.789  2.110   3.137   1.00 13.19 ? 118 SER A CA  1 
ATOM   949  C C   . SER A 1 118 ? 12.166  2.694   2.824   1.00 13.40 ? 118 SER A C   1 
ATOM   950  O O   . SER A 1 118 ? 12.465  3.823   3.217   1.00 14.04 ? 118 SER A O   1 
ATOM   951  C CB  . SER A 1 118 ? 10.872  1.259   4.404   1.00 13.46 ? 118 SER A CB  1 
ATOM   952  O OG  . SER A 1 118 ? 11.729  0.149   4.215   1.00 13.60 ? 118 SER A OG  1 
ATOM   953  N N   . GLU A 1 119 ? 13.006  1.932   2.127   1.00 11.29 ? 119 GLU A N   1 
ATOM   954  C CA  . GLU A 1 119 ? 14.338  2.420   1.781   1.00 13.84 ? 119 GLU A CA  1 
ATOM   955  C C   . GLU A 1 119 ? 14.252  3.550   0.757   1.00 13.12 ? 119 GLU A C   1 
ATOM   956  O O   . GLU A 1 119 ? 14.941  4.565   0.881   1.00 13.12 ? 119 GLU A O   1 
ATOM   957  C CB  . GLU A 1 119 ? 15.216  1.299   1.214   1.00 15.74 ? 119 GLU A CB  1 
ATOM   958  C CG  . GLU A 1 119 ? 16.682  1.727   1.078   1.00 22.20 ? 119 GLU A CG  1 
ATOM   959  C CD  . GLU A 1 119 ? 17.531  0.760   0.272   1.00 24.09 ? 119 GLU A CD  1 
ATOM   960  O OE1 . GLU A 1 119 ? 17.447  -0.461  0.503   1.00 25.18 ? 119 GLU A OE1 1 
ATOM   961  O OE2 . GLU A 1 119 ? 18.300  1.231   -0.593  1.00 29.02 ? 119 GLU A OE2 1 
ATOM   962  N N   . LEU A 1 120 ? 13.416  3.373   -0.262  1.00 13.13 ? 120 LEU A N   1 
ATOM   963  C CA  . LEU A 1 120 ? 13.266  4.411   -1.278  1.00 13.78 ? 120 LEU A CA  1 
ATOM   964  C C   . LEU A 1 120 ? 12.681  5.672   -0.663  1.00 12.97 ? 120 LEU A C   1 
ATOM   965  O O   . LEU A 1 120 ? 13.131  6.778   -0.957  1.00 13.91 ? 120 LEU A O   1 
ATOM   966  C CB  . LEU A 1 120 ? 12.355  3.950   -2.420  1.00 13.93 ? 120 LEU A CB  1 
ATOM   967  C CG  . LEU A 1 120 ? 12.883  2.903   -3.400  1.00 15.35 ? 120 LEU A CG  1 
ATOM   968  C CD1 . LEU A 1 120 ? 11.866  2.703   -4.522  1.00 15.00 ? 120 LEU A CD1 1 
ATOM   969  C CD2 . LEU A 1 120 ? 14.213  3.363   -3.978  1.00 15.75 ? 120 LEU A CD2 1 
ATOM   970  N N   . ALA A 1 121 ? 11.677  5.510   0.192   1.00 11.94 ? 121 ALA A N   1 
ATOM   971  C CA  . ALA A 1 121 ? 11.044  6.674   0.810   1.00 11.65 ? 121 ALA A CA  1 
ATOM   972  C C   . ALA A 1 121 ? 12.057  7.534   1.554   1.00 13.49 ? 121 ALA A C   1 
ATOM   973  O O   . ALA A 1 121 ? 11.972  8.765   1.545   1.00 12.38 ? 121 ALA A O   1 
ATOM   974  C CB  . ALA A 1 121 ? 9.936   6.232   1.763   1.00 13.68 ? 121 ALA A CB  1 
ATOM   975  N N   . ASN A 1 122 ? 13.027  6.889   2.191   1.00 13.57 ? 122 ASN A N   1 
ATOM   976  C CA  . ASN A 1 122 ? 14.033  7.611   2.950   1.00 15.12 ? 122 ASN A CA  1 
ATOM   977  C C   . ASN A 1 122 ? 14.730  8.737   2.190   1.00 14.68 ? 122 ASN A C   1 
ATOM   978  O O   . ASN A 1 122 ? 14.970  9.803   2.753   1.00 15.61 ? 122 ASN A O   1 
ATOM   979  C CB  . ASN A 1 122 ? 15.084  6.637   3.494   1.00 17.45 ? 122 ASN A CB  1 
ATOM   980  C CG  . ASN A 1 122 ? 16.079  7.316   4.408   1.00 19.38 ? 122 ASN A CG  1 
ATOM   981  O OD1 . ASN A 1 122 ? 15.697  7.966   5.382   1.00 21.41 ? 122 ASN A OD1 1 
ATOM   982  N ND2 . ASN A 1 122 ? 17.365  7.171   4.101   1.00 22.89 ? 122 ASN A ND2 1 
ATOM   983  N N   . THR A 1 123 ? 15.054  8.515   0.920   1.00 13.89 ? 123 THR A N   1 
ATOM   984  C CA  . THR A 1 123 ? 15.727  9.549   0.140   1.00 13.40 ? 123 THR A CA  1 
ATOM   985  C C   . THR A 1 123 ? 14.876  10.160  -0.967  1.00 13.59 ? 123 THR A C   1 
ATOM   986  O O   . THR A 1 123 ? 15.139  11.283  -1.397  1.00 13.35 ? 123 THR A O   1 
ATOM   987  C CB  . THR A 1 123 ? 17.018  9.015   -0.532  1.00 13.61 ? 123 THR A CB  1 
ATOM   988  O OG1 . THR A 1 123 ? 16.690  7.930   -1.409  1.00 14.18 ? 123 THR A OG1 1 
ATOM   989  C CG2 . THR A 1 123 ? 18.006  8.531   0.515   1.00 15.70 ? 123 THR A CG2 1 
ATOM   990  N N   . GLU A 1 124 ? 13.851  9.435   -1.408  1.00 13.12 ? 124 GLU A N   1 
ATOM   991  C CA  . GLU A 1 124 ? 13.014  9.896   -2.517  1.00 11.85 ? 124 GLU A CA  1 
ATOM   992  C C   . GLU A 1 124 ? 11.639  10.476  -2.223  1.00 10.97 ? 124 GLU A C   1 
ATOM   993  O O   . GLU A 1 124 ? 11.086  11.202  -3.055  1.00 12.26 ? 124 GLU A O   1 
ATOM   994  C CB  . GLU A 1 124 ? 12.834  8.753   -3.520  1.00 11.19 ? 124 GLU A CB  1 
ATOM   995  C CG  . GLU A 1 124 ? 14.133  8.084   -3.933  1.00 12.11 ? 124 GLU A CG  1 
ATOM   996  C CD  . GLU A 1 124 ? 15.190  9.084   -4.341  1.00 13.26 ? 124 GLU A CD  1 
ATOM   997  O OE1 . GLU A 1 124 ? 14.904  9.929   -5.214  1.00 13.98 ? 124 GLU A OE1 1 
ATOM   998  O OE2 . GLU A 1 124 ? 16.312  9.032   -3.787  1.00 16.14 ? 124 GLU A OE2 1 
ATOM   999  N N   . SER A 1 125 ? 11.065  10.163  -1.070  1.00 11.05 ? 125 SER A N   1 
ATOM   1000 C CA  . SER A 1 125 ? 9.734   10.668  -0.761  1.00 9.49  ? 125 SER A CA  1 
ATOM   1001 C C   . SER A 1 125 ? 9.730   12.131  -0.352  1.00 11.33 ? 125 SER A C   1 
ATOM   1002 O O   . SER A 1 125 ? 10.523  12.551  0.488   1.00 13.92 ? 125 SER A O   1 
ATOM   1003 C CB  . SER A 1 125 ? 9.083   9.843   0.344   1.00 9.63  ? 125 SER A CB  1 
ATOM   1004 O OG  . SER A 1 125 ? 7.766   10.305  0.588   1.00 10.80 ? 125 SER A OG  1 
ATOM   1005 N N   . ASP A 1 126 ? 8.819   12.899  -0.947  1.00 9.99  ? 126 ASP A N   1 
ATOM   1006 C CA  . ASP A 1 126 ? 8.697   14.316  -0.643  1.00 11.00 ? 126 ASP A CA  1 
ATOM   1007 C C   . ASP A 1 126 ? 7.887   14.570  0.619   1.00 13.70 ? 126 ASP A C   1 
ATOM   1008 O O   . ASP A 1 126 ? 7.647   15.715  0.986   1.00 16.79 ? 126 ASP A O   1 
ATOM   1009 C CB  . ASP A 1 126 ? 8.061   15.061  -1.823  1.00 8.01  ? 126 ASP A CB  1 
ATOM   1010 C CG  . ASP A 1 126 ? 9.037   15.298  -2.948  1.00 9.24  ? 126 ASP A CG  1 
ATOM   1011 O OD1 . ASP A 1 126 ? 10.117  15.851  -2.665  1.00 9.93  ? 126 ASP A OD1 1 
ATOM   1012 O OD2 . ASP A 1 126 ? 8.727   14.940  -4.107  1.00 9.43  ? 126 ASP A OD2 1 
ATOM   1013 N N   . CYS A 1 127 ? 7.478   13.500  1.285   1.00 12.25 ? 127 CYS A N   1 
ATOM   1014 C CA  . CYS A 1 127 ? 6.699   13.610  2.510   1.00 12.66 ? 127 CYS A CA  1 
ATOM   1015 C C   . CYS A 1 127 ? 7.622   13.655  3.727   1.00 12.18 ? 127 CYS A C   1 
ATOM   1016 O O   . CYS A 1 127 ? 8.736   13.121  3.693   1.00 13.80 ? 127 CYS A O   1 
ATOM   1017 C CB  . CYS A 1 127 ? 5.747   12.418  2.628   1.00 12.42 ? 127 CYS A CB  1 
ATOM   1018 S SG  . CYS A 1 127 ? 4.714   12.413  4.108   1.00 12.19 ? 127 CYS A SG  1 
ATOM   1019 N N   . SER A 1 128 ? 7.159   14.307  4.788   1.00 13.39 ? 128 SER A N   1 
ATOM   1020 C CA  . SER A 1 128 ? 7.928   14.418  6.021   1.00 13.95 ? 128 SER A CA  1 
ATOM   1021 C C   . SER A 1 128 ? 8.160   13.032  6.617   1.00 12.79 ? 128 SER A C   1 
ATOM   1022 O O   . SER A 1 128 ? 9.072   12.837  7.422   1.00 14.19 ? 128 SER A O   1 
ATOM   1023 C CB  . SER A 1 128 ? 7.178   15.282  7.037   1.00 15.41 ? 128 SER A CB  1 
ATOM   1024 O OG  . SER A 1 128 ? 5.966   14.662  7.438   1.00 18.73 ? 128 SER A OG  1 
ATOM   1025 N N   . SER A 1 129 ? 7.338   12.072  6.209   1.00 12.38 ? 129 SER A N   1 
ATOM   1026 C CA  . SER A 1 129 ? 7.458   10.706  6.713   1.00 11.30 ? 129 SER A CA  1 
ATOM   1027 C C   . SER A 1 129 ? 8.656   9.951   6.140   1.00 13.00 ? 129 SER A C   1 
ATOM   1028 O O   . SER A 1 129 ? 8.880   8.785   6.475   1.00 12.07 ? 129 SER A O   1 
ATOM   1029 C CB  . SER A 1 129 ? 6.178   9.917   6.414   1.00 12.43 ? 129 SER A CB  1 
ATOM   1030 O OG  . SER A 1 129 ? 5.995   9.732   5.018   1.00 12.30 ? 129 SER A OG  1 
ATOM   1031 N N   . HIS A 1 130 ? 9.438   10.603  5.290   1.00 11.43 ? 130 HIS A N   1 
ATOM   1032 C CA  . HIS A 1 130 ? 10.588  9.940   4.686   1.00 12.49 ? 130 HIS A CA  1 
ATOM   1033 C C   . HIS A 1 130 ? 11.579  9.430   5.732   1.00 14.03 ? 130 HIS A C   1 
ATOM   1034 O O   . HIS A 1 130 ? 12.212  8.396   5.537   1.00 15.18 ? 130 HIS A O   1 
ATOM   1035 C CB  . HIS A 1 130 ? 11.298  10.891  3.711   1.00 14.98 ? 130 HIS A CB  1 
ATOM   1036 C CG  . HIS A 1 130 ? 12.215  11.871  4.373   1.00 13.90 ? 130 HIS A CG  1 
ATOM   1037 N ND1 . HIS A 1 130 ? 13.580  11.684  4.437   1.00 16.01 ? 130 HIS A ND1 1 
ATOM   1038 C CD2 . HIS A 1 130 ? 11.964  13.035  5.016   1.00 13.50 ? 130 HIS A CD2 1 
ATOM   1039 C CE1 . HIS A 1 130 ? 14.129  12.690  5.092   1.00 15.24 ? 130 HIS A CE1 1 
ATOM   1040 N NE2 . HIS A 1 130 ? 13.171  13.524  5.455   1.00 16.60 ? 130 HIS A NE2 1 
ATOM   1041 N N   . ASP A 1 131 ? 11.704  10.148  6.845   1.00 13.99 ? 131 ASP A N   1 
ATOM   1042 C CA  . ASP A 1 131 ? 12.637  9.743   7.889   1.00 16.45 ? 131 ASP A CA  1 
ATOM   1043 C C   . ASP A 1 131 ? 12.018  8.784   8.900   1.00 16.33 ? 131 ASP A C   1 
ATOM   1044 O O   . ASP A 1 131 ? 12.547  8.583   9.997   1.00 16.51 ? 131 ASP A O   1 
ATOM   1045 C CB  . ASP A 1 131 ? 13.216  10.977  8.597   1.00 16.46 ? 131 ASP A CB  1 
ATOM   1046 C CG  . ASP A 1 131 ? 12.152  11.864  9.222   1.00 19.19 ? 131 ASP A CG  1 
ATOM   1047 O OD1 . ASP A 1 131 ? 12.490  13.017  9.565   1.00 18.85 ? 131 ASP A OD1 1 
ATOM   1048 O OD2 . ASP A 1 131 ? 10.995  11.426  9.384   1.00 16.96 ? 131 ASP A OD2 1 
ATOM   1049 N N   . ARG A 1 132 ? 10.893  8.191   8.515   1.00 14.92 ? 132 ARG A N   1 
ATOM   1050 C CA  . ARG A 1 132 ? 10.196  7.221   9.348   1.00 14.01 ? 132 ARG A CA  1 
ATOM   1051 C C   . ARG A 1 132 ? 9.853   6.046   8.445   1.00 11.58 ? 132 ARG A C   1 
ATOM   1052 O O   . ARG A 1 132 ? 8.835   5.390   8.629   1.00 11.38 ? 132 ARG A O   1 
ATOM   1053 C CB  . ARG A 1 132 ? 8.908   7.808   9.918   1.00 18.53 ? 132 ARG A CB  1 
ATOM   1054 C CG  . ARG A 1 132 ? 9.106   8.840   11.010  1.00 25.17 ? 132 ARG A CG  1 
ATOM   1055 C CD  . ARG A 1 132 ? 8.318   8.423   12.236  1.00 30.70 ? 132 ARG A CD  1 
ATOM   1056 N NE  . ARG A 1 132 ? 6.912   8.183   11.917  1.00 34.59 ? 132 ARG A NE  1 
ATOM   1057 C CZ  . ARG A 1 132 ? 6.069   7.524   12.708  1.00 35.76 ? 132 ARG A CZ  1 
ATOM   1058 N NH1 . ARG A 1 132 ? 6.488   7.034   13.866  1.00 36.55 ? 132 ARG A NH1 1 
ATOM   1059 N NH2 . ARG A 1 132 ? 4.804   7.363   12.344  1.00 38.28 ? 132 ARG A NH2 1 
ATOM   1060 N N   . GLY A 1 133 ? 10.707  5.808   7.455   1.00 9.34  ? 133 GLY A N   1 
ATOM   1061 C CA  . GLY A 1 133 ? 10.481  4.713   6.528   1.00 9.37  ? 133 GLY A CA  1 
ATOM   1062 C C   . GLY A 1 133 ? 9.186   4.865   5.755   1.00 9.27  ? 133 GLY A C   1 
ATOM   1063 O O   . GLY A 1 133 ? 8.635   3.883   5.263   1.00 10.08 ? 133 GLY A O   1 
ATOM   1064 N N   . GLY A 1 134 ? 8.702   6.100   5.656   1.00 9.34  ? 134 GLY A N   1 
ATOM   1065 C CA  . GLY A 1 134 ? 7.468   6.367   4.937   1.00 10.16 ? 134 GLY A CA  1 
ATOM   1066 C C   . GLY A 1 134 ? 6.199   6.130   5.738   1.00 8.88  ? 134 GLY A C   1 
ATOM   1067 O O   . GLY A 1 134 ? 5.091   6.297   5.225   1.00 10.77 ? 134 GLY A O   1 
ATOM   1068 N N   . ASP A 1 135 ? 6.356   5.752   7.004   1.00 9.47  ? 135 ASP A N   1 
ATOM   1069 C CA  . ASP A 1 135 ? 5.216   5.471   7.864   1.00 10.93 ? 135 ASP A CA  1 
ATOM   1070 C C   . ASP A 1 135 ? 4.330   6.669   8.180   1.00 10.37 ? 135 ASP A C   1 
ATOM   1071 O O   . ASP A 1 135 ? 4.813   7.730   8.574   1.00 11.46 ? 135 ASP A O   1 
ATOM   1072 C CB  . ASP A 1 135 ? 5.697   4.848   9.178   1.00 11.09 ? 135 ASP A CB  1 
ATOM   1073 C CG  . ASP A 1 135 ? 4.557   4.569   10.139  1.00 11.01 ? 135 ASP A CG  1 
ATOM   1074 O OD1 . ASP A 1 135 ? 3.575   3.922   9.721   1.00 11.39 ? 135 ASP A OD1 1 
ATOM   1075 O OD2 . ASP A 1 135 ? 4.644   4.997   11.314  1.00 13.21 ? 135 ASP A OD2 1 
ATOM   1076 N N   . LEU A 1 136 ? 3.026   6.481   8.016   1.00 10.19 ? 136 LEU A N   1 
ATOM   1077 C CA  . LEU A 1 136 ? 2.061   7.532   8.313   1.00 11.80 ? 136 LEU A CA  1 
ATOM   1078 C C   . LEU A 1 136 ? 1.273   7.182   9.566   1.00 13.25 ? 136 LEU A C   1 
ATOM   1079 O O   . LEU A 1 136 ? 0.470   7.982   10.047  1.00 13.70 ? 136 LEU A O   1 
ATOM   1080 C CB  . LEU A 1 136 ? 1.091   7.717   7.145   1.00 12.58 ? 136 LEU A CB  1 
ATOM   1081 C CG  . LEU A 1 136 ? 1.700   8.304   5.877   1.00 10.63 ? 136 LEU A CG  1 
ATOM   1082 C CD1 . LEU A 1 136 ? 0.641   8.369   4.777   1.00 13.56 ? 136 LEU A CD1 1 
ATOM   1083 C CD2 . LEU A 1 136 ? 2.251   9.691   6.176   1.00 12.50 ? 136 LEU A CD2 1 
ATOM   1084 N N   . GLY A 1 137 ? 1.509   5.983   10.092  1.00 12.47 ? 137 GLY A N   1 
ATOM   1085 C CA  . GLY A 1 137 ? 0.806   5.541   11.284  1.00 13.81 ? 137 GLY A CA  1 
ATOM   1086 C C   . GLY A 1 137 ? -0.617  5.084   10.999  1.00 14.96 ? 137 GLY A C   1 
ATOM   1087 O O   . GLY A 1 137 ? -1.039  5.023   9.844   1.00 13.82 ? 137 GLY A O   1 
ATOM   1088 N N   . PHE A 1 138 ? -1.359  4.754   12.054  1.00 15.86 ? 138 PHE A N   1 
ATOM   1089 C CA  . PHE A 1 138 ? -2.743  4.308   11.915  1.00 15.21 ? 138 PHE A CA  1 
ATOM   1090 C C   . PHE A 1 138 ? -3.697  5.478   11.717  1.00 15.60 ? 138 PHE A C   1 
ATOM   1091 O O   . PHE A 1 138 ? -3.512  6.547   12.301  1.00 18.34 ? 138 PHE A O   1 
ATOM   1092 C CB  . PHE A 1 138 ? -3.173  3.522   13.159  1.00 16.10 ? 138 PHE A CB  1 
ATOM   1093 C CG  . PHE A 1 138 ? -2.739  2.087   13.152  1.00 16.72 ? 138 PHE A CG  1 
ATOM   1094 C CD1 . PHE A 1 138 ? -3.441  1.141   12.408  1.00 17.60 ? 138 PHE A CD1 1 
ATOM   1095 C CD2 . PHE A 1 138 ? -1.633  1.677   13.887  1.00 18.35 ? 138 PHE A CD2 1 
ATOM   1096 C CE1 . PHE A 1 138 ? -3.044  -0.194  12.397  1.00 18.69 ? 138 PHE A CE1 1 
ATOM   1097 C CE2 . PHE A 1 138 ? -1.227  0.346   13.882  1.00 18.77 ? 138 PHE A CE2 1 
ATOM   1098 C CZ  . PHE A 1 138 ? -1.937  -0.592  13.134  1.00 19.48 ? 138 PHE A CZ  1 
ATOM   1099 N N   . PHE A 1 139 ? -4.721  5.277   10.894  1.00 17.36 ? 139 PHE A N   1 
ATOM   1100 C CA  . PHE A 1 139 ? -5.710  6.322   10.657  1.00 17.06 ? 139 PHE A CA  1 
ATOM   1101 C C   . PHE A 1 139 ? -7.094  5.766   10.337  1.00 19.63 ? 139 PHE A C   1 
ATOM   1102 O O   . PHE A 1 139 ? -7.230  4.654   9.826   1.00 19.73 ? 139 PHE A O   1 
ATOM   1103 C CB  . PHE A 1 139 ? -5.257  7.270   9.537   1.00 16.59 ? 139 PHE A CB  1 
ATOM   1104 C CG  . PHE A 1 139 ? -4.856  6.576   8.265   1.00 15.44 ? 139 PHE A CG  1 
ATOM   1105 C CD1 . PHE A 1 139 ? -3.551  6.125   8.085   1.00 17.23 ? 139 PHE A CD1 1 
ATOM   1106 C CD2 . PHE A 1 139 ? -5.781  6.384   7.241   1.00 15.99 ? 139 PHE A CD2 1 
ATOM   1107 C CE1 . PHE A 1 139 ? -3.172  5.494   6.901   1.00 16.27 ? 139 PHE A CE1 1 
ATOM   1108 C CE2 . PHE A 1 139 ? -5.410  5.754   6.054   1.00 16.72 ? 139 PHE A CE2 1 
ATOM   1109 C CZ  . PHE A 1 139 ? -4.102  5.309   5.886   1.00 16.33 ? 139 PHE A CZ  1 
ATOM   1110 N N   . SER A 1 140 ? -8.119  6.551   10.657  1.00 19.35 ? 140 SER A N   1 
ATOM   1111 C CA  . SER A 1 140 ? -9.505  6.162   10.422  1.00 20.16 ? 140 SER A CA  1 
ATOM   1112 C C   . SER A 1 140 ? -9.998  6.736   9.104   1.00 19.70 ? 140 SER A C   1 
ATOM   1113 O O   . SER A 1 140 ? -9.350  7.602   8.515   1.00 19.98 ? 140 SER A O   1 
ATOM   1114 C CB  . SER A 1 140 ? -10.401 6.694   11.546  1.00 19.06 ? 140 SER A CB  1 
ATOM   1115 O OG  . SER A 1 140 ? -9.947  6.285   12.822  1.00 19.93 ? 140 SER A OG  1 
ATOM   1116 N N   . LYS A 1 141 ? -11.147 6.259   8.639   1.00 20.40 ? 141 LYS A N   1 
ATOM   1117 C CA  . LYS A 1 141 ? -11.715 6.784   7.407   1.00 20.99 ? 141 LYS A CA  1 
ATOM   1118 C C   . LYS A 1 141 ? -12.093 8.237   7.686   1.00 22.37 ? 141 LYS A C   1 
ATOM   1119 O O   . LYS A 1 141 ? -12.496 8.579   8.799   1.00 24.06 ? 141 LYS A O   1 
ATOM   1120 C CB  . LYS A 1 141 ? -12.961 5.995   6.993   1.00 20.61 ? 141 LYS A CB  1 
ATOM   1121 C CG  . LYS A 1 141 ? -12.685 4.566   6.540   1.00 21.00 ? 141 LYS A CG  1 
ATOM   1122 C CD  . LYS A 1 141 ? -13.906 3.970   5.849   1.00 24.39 ? 141 LYS A CD  1 
ATOM   1123 C CE  . LYS A 1 141 ? -13.637 2.557   5.349   1.00 23.87 ? 141 LYS A CE  1 
ATOM   1124 N NZ  . LYS A 1 141 ? -13.334 1.621   6.466   1.00 27.62 ? 141 LYS A NZ  1 
ATOM   1125 N N   . GLY A 1 142 ? -11.941 9.088   6.678   1.00 23.47 ? 142 GLY A N   1 
ATOM   1126 C CA  . GLY A 1 142 ? -12.275 10.490  6.835   1.00 26.49 ? 142 GLY A CA  1 
ATOM   1127 C C   . GLY A 1 142 ? -11.107 11.364  7.254   1.00 27.99 ? 142 GLY A C   1 
ATOM   1128 O O   . GLY A 1 142 ? -11.248 12.585  7.322   1.00 28.90 ? 142 GLY A O   1 
ATOM   1129 N N   . GLN A 1 143 ? -9.956  10.758  7.532   1.00 28.93 ? 143 GLN A N   1 
ATOM   1130 C CA  . GLN A 1 143 ? -8.790  11.528  7.951   1.00 30.75 ? 143 GLN A CA  1 
ATOM   1131 C C   . GLN A 1 143 ? -7.835  11.855  6.810   1.00 30.27 ? 143 GLN A C   1 
ATOM   1132 O O   . GLN A 1 143 ? -7.228  12.925  6.790   1.00 30.91 ? 143 GLN A O   1 
ATOM   1133 C CB  . GLN A 1 143 ? -8.017  10.794  9.050   1.00 33.70 ? 143 GLN A CB  1 
ATOM   1134 C CG  . GLN A 1 143 ? -6.827  11.591  9.575   1.00 39.55 ? 143 GLN A CG  1 
ATOM   1135 C CD  . GLN A 1 143 ? -6.153  10.945  10.768  1.00 42.59 ? 143 GLN A CD  1 
ATOM   1136 O OE1 . GLN A 1 143 ? -5.566  9.870   10.659  1.00 44.71 ? 143 GLN A OE1 1 
ATOM   1137 N NE2 . GLN A 1 143 ? -6.235  11.603  11.919  1.00 45.03 ? 143 GLN A NE2 1 
ATOM   1138 N N   . MET A 1 144 ? -7.699  10.931  5.865   1.00 28.73 ? 144 MET A N   1 
ATOM   1139 C CA  . MET A 1 144 ? -6.809  11.132  4.727   1.00 26.00 ? 144 MET A CA  1 
ATOM   1140 C C   . MET A 1 144 ? -7.596  11.559  3.496   1.00 25.84 ? 144 MET A C   1 
ATOM   1141 O O   . MET A 1 144 ? -8.828  11.542  3.498   1.00 27.44 ? 144 MET A O   1 
ATOM   1142 C CB  . MET A 1 144 ? -6.045  9.841   4.422   1.00 26.28 ? 144 MET A CB  1 
ATOM   1143 C CG  . MET A 1 144 ? -5.159  9.368   5.558   1.00 24.50 ? 144 MET A CG  1 
ATOM   1144 S SD  . MET A 1 144 ? -3.810  10.510  5.886   1.00 25.21 ? 144 MET A SD  1 
ATOM   1145 C CE  . MET A 1 144 ? -2.641  9.436   6.716   1.00 22.24 ? 144 MET A CE  1 
ATOM   1146 N N   . GLN A 1 145 ? -6.880  11.949  2.449   1.00 24.58 ? 145 GLN A N   1 
ATOM   1147 C CA  . GLN A 1 145 ? -7.525  12.360  1.210   1.00 24.44 ? 145 GLN A CA  1 
ATOM   1148 C C   . GLN A 1 145 ? -8.288  11.167  0.645   1.00 22.98 ? 145 GLN A C   1 
ATOM   1149 O O   . GLN A 1 145 ? -7.819  10.029  0.709   1.00 21.04 ? 145 GLN A O   1 
ATOM   1150 C CB  . GLN A 1 145 ? -6.486  12.852  0.204   1.00 26.09 ? 145 GLN A CB  1 
ATOM   1151 C CG  . GLN A 1 145 ? -5.786  14.131  0.637   1.00 31.28 ? 145 GLN A CG  1 
ATOM   1152 C CD  . GLN A 1 145 ? -4.783  14.625  -0.383  1.00 33.28 ? 145 GLN A CD  1 
ATOM   1153 O OE1 . GLN A 1 145 ? -5.145  15.037  -1.484  1.00 36.31 ? 145 GLN A OE1 1 
ATOM   1154 N NE2 . GLN A 1 145 ? -3.510  14.583  -0.020  1.00 36.32 ? 145 GLN A NE2 1 
ATOM   1155 N N   . PRO A 1 146 ? -9.478  11.414  0.081   1.00 21.21 ? 146 PRO A N   1 
ATOM   1156 C CA  . PRO A 1 146 ? -10.328 10.369  -0.495  1.00 21.09 ? 146 PRO A CA  1 
ATOM   1157 C C   . PRO A 1 146 ? -9.641  9.277   -1.320  1.00 20.36 ? 146 PRO A C   1 
ATOM   1158 O O   . PRO A 1 146 ? -9.811  8.094   -1.039  1.00 21.35 ? 146 PRO A O   1 
ATOM   1159 C CB  . PRO A 1 146 ? -11.345 11.170  -1.308  1.00 21.69 ? 146 PRO A CB  1 
ATOM   1160 C CG  . PRO A 1 146 ? -11.517 12.394  -0.475  1.00 21.56 ? 146 PRO A CG  1 
ATOM   1161 C CD  . PRO A 1 146 ? -10.091 12.742  -0.101  1.00 22.82 ? 146 PRO A CD  1 
ATOM   1162 N N   . PRO A 1 147 ? -8.857  9.653   -2.347  1.00 19.67 ? 147 PRO A N   1 
ATOM   1163 C CA  . PRO A 1 147 ? -8.185  8.637   -3.166  1.00 18.52 ? 147 PRO A CA  1 
ATOM   1164 C C   . PRO A 1 147 ? -7.183  7.804   -2.376  1.00 16.69 ? 147 PRO A C   1 
ATOM   1165 O O   . PRO A 1 147 ? -6.983  6.624   -2.655  1.00 17.41 ? 147 PRO A O   1 
ATOM   1166 C CB  . PRO A 1 147 ? -7.493  9.462   -4.254  1.00 19.66 ? 147 PRO A CB  1 
ATOM   1167 C CG  . PRO A 1 147 ? -8.303  10.718  -4.312  1.00 18.26 ? 147 PRO A CG  1 
ATOM   1168 C CD  . PRO A 1 147 ? -8.569  11.002  -2.863  1.00 20.74 ? 147 PRO A CD  1 
ATOM   1169 N N   . PHE A 1 148 ? -6.549  8.432   -1.394  1.00 16.80 ? 148 PHE A N   1 
ATOM   1170 C CA  . PHE A 1 148 ? -5.557  7.755   -0.570  1.00 13.98 ? 148 PHE A CA  1 
ATOM   1171 C C   . PHE A 1 148 ? -6.267  6.790   0.375   1.00 15.00 ? 148 PHE A C   1 
ATOM   1172 O O   . PHE A 1 148 ? -5.824  5.658   0.568   1.00 14.07 ? 148 PHE A O   1 
ATOM   1173 C CB  . PHE A 1 148 ? -4.741  8.800   0.203   1.00 13.60 ? 148 PHE A CB  1 
ATOM   1174 C CG  . PHE A 1 148 ? -3.550  8.237   0.924   1.00 11.75 ? 148 PHE A CG  1 
ATOM   1175 C CD1 . PHE A 1 148 ? -3.682  7.698   2.198   1.00 12.13 ? 148 PHE A CD1 1 
ATOM   1176 C CD2 . PHE A 1 148 ? -2.291  8.254   0.331   1.00 12.70 ? 148 PHE A CD2 1 
ATOM   1177 C CE1 . PHE A 1 148 ? -2.580  7.186   2.870   1.00 12.71 ? 148 PHE A CE1 1 
ATOM   1178 C CE2 . PHE A 1 148 ? -1.177  7.743   0.997   1.00 11.61 ? 148 PHE A CE2 1 
ATOM   1179 C CZ  . PHE A 1 148 ? -1.323  7.207   2.268   1.00 11.94 ? 148 PHE A CZ  1 
ATOM   1180 N N   . GLU A 1 149 ? -7.378  7.243   0.949   1.00 15.05 ? 149 GLU A N   1 
ATOM   1181 C CA  . GLU A 1 149 ? -8.173  6.421   1.855   1.00 15.43 ? 149 GLU A CA  1 
ATOM   1182 C C   . GLU A 1 149 ? -8.708  5.201   1.119   1.00 15.25 ? 149 GLU A C   1 
ATOM   1183 O O   . GLU A 1 149 ? -8.652  4.081   1.624   1.00 13.70 ? 149 GLU A O   1 
ATOM   1184 C CB  . GLU A 1 149 ? -9.349  7.227   2.411   1.00 15.96 ? 149 GLU A CB  1 
ATOM   1185 C CG  . GLU A 1 149 ? -10.296 6.413   3.286   1.00 19.45 ? 149 GLU A CG  1 
ATOM   1186 C CD  . GLU A 1 149 ? -11.447 7.240   3.824   1.00 20.19 ? 149 GLU A CD  1 
ATOM   1187 O OE1 . GLU A 1 149 ? -11.181 8.308   4.411   1.00 21.04 ? 149 GLU A OE1 1 
ATOM   1188 O OE2 . GLU A 1 149 ? -12.613 6.821   3.664   1.00 23.68 ? 149 GLU A OE2 1 
ATOM   1189 N N   . GLU A 1 150 ? -9.242  5.428   -0.077  1.00 15.29 ? 150 GLU A N   1 
ATOM   1190 C CA  . GLU A 1 150 ? -9.782  4.345   -0.885  1.00 16.26 ? 150 GLU A CA  1 
ATOM   1191 C C   . GLU A 1 150 ? -8.721  3.273   -1.095  1.00 15.46 ? 150 GLU A C   1 
ATOM   1192 O O   . GLU A 1 150 ? -8.967  2.083   -0.872  1.00 15.85 ? 150 GLU A O   1 
ATOM   1193 C CB  . GLU A 1 150 ? -10.263 4.883   -2.241  1.00 18.32 ? 150 GLU A CB  1 
ATOM   1194 C CG  . GLU A 1 150 ? -10.530 3.802   -3.283  1.00 20.88 ? 150 GLU A CG  1 
ATOM   1195 C CD  . GLU A 1 150 ? -11.692 2.891   -2.924  1.00 23.03 ? 150 GLU A CD  1 
ATOM   1196 O OE1 . GLU A 1 150 ? -11.739 1.761   -3.456  1.00 25.72 ? 150 GLU A OE1 1 
ATOM   1197 O OE2 . GLU A 1 150 ? -12.560 3.303   -2.124  1.00 24.94 ? 150 GLU A OE2 1 
ATOM   1198 N N   . ALA A 1 151 ? -7.537  3.693   -1.524  1.00 14.46 ? 151 ALA A N   1 
ATOM   1199 C CA  . ALA A 1 151 ? -6.457  2.754   -1.761  1.00 13.29 ? 151 ALA A CA  1 
ATOM   1200 C C   . ALA A 1 151 ? -6.069  2.025   -0.480  1.00 12.96 ? 151 ALA A C   1 
ATOM   1201 O O   . ALA A 1 151 ? -6.036  0.797   -0.444  1.00 15.52 ? 151 ALA A O   1 
ATOM   1202 C CB  . ALA A 1 151 ? -5.246  3.484   -2.333  1.00 15.90 ? 151 ALA A CB  1 
ATOM   1203 N N   . ALA A 1 152 ? -5.795  2.794   0.568   1.00 13.29 ? 152 ALA A N   1 
ATOM   1204 C CA  . ALA A 1 152 ? -5.374  2.251   1.852   1.00 11.37 ? 152 ALA A CA  1 
ATOM   1205 C C   . ALA A 1 152 ? -6.292  1.186   2.446   1.00 12.39 ? 152 ALA A C   1 
ATOM   1206 O O   . ALA A 1 152 ? -5.835  0.106   2.824   1.00 12.43 ? 152 ALA A O   1 
ATOM   1207 C CB  . ALA A 1 152 ? -5.189  3.390   2.856   1.00 11.20 ? 152 ALA A CB  1 
ATOM   1208 N N   . PHE A 1 153 ? -7.582  1.482   2.532   1.00 12.22 ? 153 PHE A N   1 
ATOM   1209 C CA  . PHE A 1 153 ? -8.516  0.533   3.117   1.00 14.49 ? 153 PHE A CA  1 
ATOM   1210 C C   . PHE A 1 153 ? -8.854  -0.656  2.236   1.00 15.18 ? 153 PHE A C   1 
ATOM   1211 O O   . PHE A 1 153 ? -9.531  -1.583  2.681   1.00 16.42 ? 153 PHE A O   1 
ATOM   1212 C CB  . PHE A 1 153 ? -9.798  1.242   3.560   1.00 14.41 ? 153 PHE A CB  1 
ATOM   1213 C CG  . PHE A 1 153 ? -9.640  2.027   4.831   1.00 14.94 ? 153 PHE A CG  1 
ATOM   1214 C CD1 . PHE A 1 153 ? -9.096  3.309   4.816   1.00 15.33 ? 153 PHE A CD1 1 
ATOM   1215 C CD2 . PHE A 1 153 ? -9.997  1.468   6.053   1.00 15.98 ? 153 PHE A CD2 1 
ATOM   1216 C CE1 . PHE A 1 153 ? -8.912  4.018   5.996   1.00 12.72 ? 153 PHE A CE1 1 
ATOM   1217 C CE2 . PHE A 1 153 ? -9.815  2.172   7.241   1.00 14.43 ? 153 PHE A CE2 1 
ATOM   1218 C CZ  . PHE A 1 153 ? -9.270  3.449   7.211   1.00 14.39 ? 153 PHE A CZ  1 
ATOM   1219 N N   . ASN A 1 154 ? -8.387  -0.639  0.990   1.00 14.42 ? 154 ASN A N   1 
ATOM   1220 C CA  . ASN A 1 154 ? -8.645  -1.754  0.095   1.00 15.52 ? 154 ASN A CA  1 
ATOM   1221 C C   . ASN A 1 154 ? -7.422  -2.641  -0.069  1.00 15.00 ? 154 ASN A C   1 
ATOM   1222 O O   . ASN A 1 154 ? -7.408  -3.553  -0.891  1.00 16.14 ? 154 ASN A O   1 
ATOM   1223 C CB  . ASN A 1 154 ? -9.145  -1.255  -1.259  1.00 18.27 ? 154 ASN A CB  1 
ATOM   1224 C CG  . ASN A 1 154 ? -10.630 -0.970  -1.243  1.00 22.05 ? 154 ASN A CG  1 
ATOM   1225 O OD1 . ASN A 1 154 ? -11.438 -1.863  -0.983  1.00 24.29 ? 154 ASN A OD1 1 
ATOM   1226 N ND2 . ASN A 1 154 ? -11.000 0.274   -1.507  1.00 25.89 ? 154 ASN A ND2 1 
ATOM   1227 N N   . LEU A 1 155 ? -6.401  -2.369  0.735   1.00 13.86 ? 155 LEU A N   1 
ATOM   1228 C CA  . LEU A 1 155 ? -5.174  -3.154  0.730   1.00 12.56 ? 155 LEU A CA  1 
ATOM   1229 C C   . LEU A 1 155 ? -5.216  -4.104  1.914   1.00 13.52 ? 155 LEU A C   1 
ATOM   1230 O O   . LEU A 1 155 ? -5.786  -3.784  2.954   1.00 14.63 ? 155 LEU A O   1 
ATOM   1231 C CB  . LEU A 1 155 ? -3.942  -2.259  0.902   1.00 12.57 ? 155 LEU A CB  1 
ATOM   1232 C CG  . LEU A 1 155 ? -3.579  -1.244  -0.178  1.00 10.32 ? 155 LEU A CG  1 
ATOM   1233 C CD1 . LEU A 1 155 ? -2.418  -0.387  0.307   1.00 10.52 ? 155 LEU A CD1 1 
ATOM   1234 C CD2 . LEU A 1 155 ? -3.213  -1.982  -1.465  1.00 15.12 ? 155 LEU A CD2 1 
ATOM   1235 N N   . HIS A 1 156 ? -4.632  -5.281  1.747   1.00 13.17 ? 156 HIS A N   1 
ATOM   1236 C CA  . HIS A 1 156 ? -4.538  -6.229  2.846   1.00 11.80 ? 156 HIS A CA  1 
ATOM   1237 C C   . HIS A 1 156 ? -3.141  -5.941  3.394   1.00 12.07 ? 156 HIS A C   1 
ATOM   1238 O O   . HIS A 1 156 ? -2.293  -5.419  2.670   1.00 11.49 ? 156 HIS A O   1 
ATOM   1239 C CB  . HIS A 1 156 ? -4.620  -7.672  2.332   1.00 12.26 ? 156 HIS A CB  1 
ATOM   1240 C CG  . HIS A 1 156 ? -5.962  -8.051  1.785   1.00 14.49 ? 156 HIS A CG  1 
ATOM   1241 N ND1 . HIS A 1 156 ? -7.051  -8.303  2.592   1.00 13.78 ? 156 HIS A ND1 1 
ATOM   1242 C CD2 . HIS A 1 156 ? -6.392  -8.206  0.511   1.00 12.93 ? 156 HIS A CD2 1 
ATOM   1243 C CE1 . HIS A 1 156 ? -8.096  -8.596  1.838   1.00 13.43 ? 156 HIS A CE1 1 
ATOM   1244 N NE2 . HIS A 1 156 ? -7.724  -8.543  0.571   1.00 14.74 ? 156 HIS A NE2 1 
ATOM   1245 N N   . VAL A 1 157 ? -2.893  -6.250  4.661   1.00 11.00 ? 157 VAL A N   1 
ATOM   1246 C CA  . VAL A 1 157 ? -1.574  -6.003  5.224   1.00 12.27 ? 157 VAL A CA  1 
ATOM   1247 C C   . VAL A 1 157 ? -0.516  -6.760  4.425   1.00 11.92 ? 157 VAL A C   1 
ATOM   1248 O O   . VAL A 1 157 ? -0.637  -7.971  4.201   1.00 11.70 ? 157 VAL A O   1 
ATOM   1249 C CB  . VAL A 1 157 ? -1.500  -6.431  6.702   1.00 11.99 ? 157 VAL A CB  1 
ATOM   1250 C CG1 . VAL A 1 157 ? -0.065  -6.311  7.215   1.00 14.03 ? 157 VAL A CG1 1 
ATOM   1251 C CG2 . VAL A 1 157 ? -2.421  -5.547  7.530   1.00 10.88 ? 157 VAL A CG2 1 
ATOM   1252 N N   . GLY A 1 158 ? 0.517   -6.034  4.002   1.00 12.83 ? 158 GLY A N   1 
ATOM   1253 C CA  . GLY A 1 158 ? 1.594   -6.625  3.225   1.00 12.41 ? 158 GLY A CA  1 
ATOM   1254 C C   . GLY A 1 158 ? 1.494   -6.282  1.749   1.00 11.25 ? 158 GLY A C   1 
ATOM   1255 O O   . GLY A 1 158 ? 2.457   -6.448  1.000   1.00 14.15 ? 158 GLY A O   1 
ATOM   1256 N N   . GLU A 1 159 ? 0.331   -5.794  1.331   1.00 11.54 ? 159 GLU A N   1 
ATOM   1257 C CA  . GLU A 1 159 ? 0.104   -5.447  -0.067  1.00 11.88 ? 159 GLU A CA  1 
ATOM   1258 C C   . GLU A 1 159 ? 0.620   -4.062  -0.435  1.00 13.01 ? 159 GLU A C   1 
ATOM   1259 O O   . GLU A 1 159 ? 0.592   -3.132  0.375   1.00 12.04 ? 159 GLU A O   1 
ATOM   1260 C CB  . GLU A 1 159 ? -1.392  -5.538  -0.385  1.00 12.48 ? 159 GLU A CB  1 
ATOM   1261 C CG  . GLU A 1 159 ? -1.750  -5.302  -1.847  1.00 11.70 ? 159 GLU A CG  1 
ATOM   1262 C CD  . GLU A 1 159 ? -3.225  -5.523  -2.131  1.00 13.96 ? 159 GLU A CD  1 
ATOM   1263 O OE1 . GLU A 1 159 ? -3.660  -5.225  -3.262  1.00 13.49 ? 159 GLU A OE1 1 
ATOM   1264 O OE2 . GLU A 1 159 ? -3.949  -6.000  -1.229  1.00 13.72 ? 159 GLU A OE2 1 
ATOM   1265 N N   . VAL A 1 160 ? 1.092   -3.946  -1.672  1.00 10.29 ? 160 VAL A N   1 
ATOM   1266 C CA  . VAL A 1 160 ? 1.606   -2.691  -2.212  1.00 11.44 ? 160 VAL A CA  1 
ATOM   1267 C C   . VAL A 1 160 ? 0.615   -2.225  -3.268  1.00 11.48 ? 160 VAL A C   1 
ATOM   1268 O O   . VAL A 1 160 ? 0.159   -3.014  -4.096  1.00 12.11 ? 160 VAL A O   1 
ATOM   1269 C CB  . VAL A 1 160 ? 2.988   -2.893  -2.867  1.00 10.31 ? 160 VAL A CB  1 
ATOM   1270 C CG1 . VAL A 1 160 ? 3.460   -1.598  -3.521  1.00 10.09 ? 160 VAL A CG1 1 
ATOM   1271 C CG2 . VAL A 1 160 ? 3.990   -3.351  -1.823  1.00 12.31 ? 160 VAL A CG2 1 
ATOM   1272 N N   . SER A 1 161 ? 0.277   -0.943  -3.236  1.00 12.77 ? 161 SER A N   1 
ATOM   1273 C CA  . SER A 1 161 ? -0.679  -0.398  -4.189  1.00 12.26 ? 161 SER A CA  1 
ATOM   1274 C C   . SER A 1 161 ? -0.007  -0.030  -5.498  1.00 13.91 ? 161 SER A C   1 
ATOM   1275 O O   . SER A 1 161 ? 1.211   -0.126  -5.646  1.00 13.41 ? 161 SER A O   1 
ATOM   1276 C CB  . SER A 1 161 ? -1.331  0.866   -3.619  1.00 12.96 ? 161 SER A CB  1 
ATOM   1277 O OG  . SER A 1 161 ? -0.443  1.974   -3.711  1.00 11.71 ? 161 SER A OG  1 
ATOM   1278 N N   . ASN A 1 162 ? -0.824  0.367   -6.463  1.00 15.07 ? 162 ASN A N   1 
ATOM   1279 C CA  . ASN A 1 162 ? -0.300  0.837   -7.728  1.00 16.65 ? 162 ASN A CA  1 
ATOM   1280 C C   . ASN A 1 162 ? -0.231  2.339   -7.489  1.00 15.41 ? 162 ASN A C   1 
ATOM   1281 O O   . ASN A 1 162 ? -0.455  2.797   -6.363  1.00 14.15 ? 162 ASN A O   1 
ATOM   1282 C CB  . ASN A 1 162 ? -1.253  0.508   -8.878  1.00 20.88 ? 162 ASN A CB  1 
ATOM   1283 C CG  . ASN A 1 162 ? -1.206  -0.959  -9.262  1.00 25.78 ? 162 ASN A CG  1 
ATOM   1284 O OD1 . ASN A 1 162 ? -0.147  -1.485  -9.612  1.00 29.40 ? 162 ASN A OD1 1 
ATOM   1285 N ND2 . ASN A 1 162 ? -2.349  -1.626  -9.195  1.00 28.14 ? 162 ASN A ND2 1 
ATOM   1286 N N   . ILE A 1 163 ? 0.071   3.115   -8.520  1.00 13.40 ? 163 ILE A N   1 
ATOM   1287 C CA  . ILE A 1 163 ? 0.167   4.555   -8.327  1.00 13.99 ? 163 ILE A CA  1 
ATOM   1288 C C   . ILE A 1 163 ? -1.189  5.180   -8.015  1.00 13.37 ? 163 ILE A C   1 
ATOM   1289 O O   . ILE A 1 163 ? -2.165  4.975   -8.745  1.00 14.05 ? 163 ILE A O   1 
ATOM   1290 C CB  . ILE A 1 163 ? 0.791   5.249   -9.558  1.00 13.50 ? 163 ILE A CB  1 
ATOM   1291 C CG1 . ILE A 1 163 ? 2.261   4.835   -9.691  1.00 16.26 ? 163 ILE A CG1 1 
ATOM   1292 C CG2 . ILE A 1 163 ? 0.679   6.765   -9.424  1.00 14.42 ? 163 ILE A CG2 1 
ATOM   1293 C CD1 . ILE A 1 163 ? 2.997   5.497   -10.843 1.00 18.60 ? 163 ILE A CD1 1 
ATOM   1294 N N   . ILE A 1 164 ? -1.241  5.924   -6.914  1.00 12.46 ? 164 ILE A N   1 
ATOM   1295 C CA  . ILE A 1 164 ? -2.455  6.608   -6.480  1.00 12.45 ? 164 ILE A CA  1 
ATOM   1296 C C   . ILE A 1 164 ? -2.223  8.110   -6.602  1.00 12.75 ? 164 ILE A C   1 
ATOM   1297 O O   . ILE A 1 164 ? -1.207  8.626   -6.136  1.00 12.05 ? 164 ILE A O   1 
ATOM   1298 C CB  . ILE A 1 164 ? -2.783  6.294   -5.002  1.00 12.51 ? 164 ILE A CB  1 
ATOM   1299 C CG1 . ILE A 1 164 ? -2.892  4.778   -4.795  1.00 14.21 ? 164 ILE A CG1 1 
ATOM   1300 C CG2 . ILE A 1 164 ? -4.068  7.007   -4.589  1.00 15.39 ? 164 ILE A CG2 1 
ATOM   1301 C CD1 . ILE A 1 164 ? -3.912  4.099   -5.681  1.00 14.84 ? 164 ILE A CD1 1 
ATOM   1302 N N   . GLU A 1 165 ? -3.147  8.822   -7.237  1.00 12.15 ? 165 GLU A N   1 
ATOM   1303 C CA  . GLU A 1 165 ? -2.973  10.264  -7.367  1.00 12.49 ? 165 GLU A CA  1 
ATOM   1304 C C   . GLU A 1 165 ? -3.908  11.017  -6.433  1.00 14.00 ? 165 GLU A C   1 
ATOM   1305 O O   . GLU A 1 165 ? -5.094  10.705  -6.341  1.00 16.96 ? 165 GLU A O   1 
ATOM   1306 C CB  . GLU A 1 165 ? -3.221  10.716  -8.814  1.00 13.91 ? 165 GLU A CB  1 
ATOM   1307 C CG  . GLU A 1 165 ? -2.908  12.193  -9.040  1.00 17.92 ? 165 GLU A CG  1 
ATOM   1308 C CD  . GLU A 1 165 ? -2.844  12.576  -10.510 1.00 19.26 ? 165 GLU A CD  1 
ATOM   1309 O OE1 . GLU A 1 165 ? -2.441  13.723  -10.805 1.00 19.87 ? 165 GLU A OE1 1 
ATOM   1310 O OE2 . GLU A 1 165 ? -3.191  11.736  -11.369 1.00 21.73 ? 165 GLU A OE2 1 
ATOM   1311 N N   . THR A 1 166 ? -3.364  12.006  -5.730  1.00 13.54 ? 166 THR A N   1 
ATOM   1312 C CA  . THR A 1 166 ? -4.158  12.829  -4.823  1.00 12.93 ? 166 THR A CA  1 
ATOM   1313 C C   . THR A 1 166 ? -3.811  14.289  -5.104  1.00 13.84 ? 166 THR A C   1 
ATOM   1314 O O   . THR A 1 166 ? -3.067  14.585  -6.040  1.00 13.81 ? 166 THR A O   1 
ATOM   1315 C CB  . THR A 1 166 ? -3.839  12.548  -3.346  1.00 14.70 ? 166 THR A CB  1 
ATOM   1316 O OG1 . THR A 1 166 ? -2.541  13.064  -3.030  1.00 13.46 ? 166 THR A OG1 1 
ATOM   1317 C CG2 . THR A 1 166 ? -3.883  11.057  -3.063  1.00 14.54 ? 166 THR A CG2 1 
ATOM   1318 N N   . ASN A 1 167 ? -4.351  15.193  -4.294  1.00 14.60 ? 167 ASN A N   1 
ATOM   1319 C CA  . ASN A 1 167 ? -4.072  16.613  -4.458  1.00 16.43 ? 167 ASN A CA  1 
ATOM   1320 C C   . ASN A 1 167 ? -2.684  16.957  -3.927  1.00 17.46 ? 167 ASN A C   1 
ATOM   1321 O O   . ASN A 1 167 ? -2.236  18.097  -4.040  1.00 21.17 ? 167 ASN A O   1 
ATOM   1322 C CB  . ASN A 1 167 ? -5.122  17.464  -3.734  1.00 18.56 ? 167 ASN A CB  1 
ATOM   1323 C CG  . ASN A 1 167 ? -6.444  17.511  -4.472  1.00 19.77 ? 167 ASN A CG  1 
ATOM   1324 O OD1 . ASN A 1 167 ? -6.485  17.795  -5.667  1.00 23.03 ? 167 ASN A OD1 1 
ATOM   1325 N ND2 . ASN A 1 167 ? -7.536  17.240  -3.761  1.00 20.28 ? 167 ASN A ND2 1 
ATOM   1326 N N   . SER A 1 168 ? -2.005  15.966  -3.352  1.00 16.42 ? 168 SER A N   1 
ATOM   1327 C CA  . SER A 1 168 ? -0.666  16.177  -2.808  1.00 16.11 ? 168 SER A CA  1 
ATOM   1328 C C   . SER A 1 168 ? 0.416   15.729  -3.788  1.00 15.20 ? 168 SER A C   1 
ATOM   1329 O O   . SER A 1 168 ? 1.574   16.132  -3.669  1.00 16.61 ? 168 SER A O   1 
ATOM   1330 C CB  . SER A 1 168 ? -0.497  15.406  -1.493  1.00 15.92 ? 168 SER A CB  1 
ATOM   1331 O OG  . SER A 1 168 ? -1.433  15.834  -0.517  1.00 21.32 ? 168 SER A OG  1 
ATOM   1332 N N   . GLY A 1 169 ? 0.029   14.908  -4.760  1.00 11.97 ? 169 GLY A N   1 
ATOM   1333 C CA  . GLY A 1 169 ? 0.971   14.397  -5.742  1.00 11.51 ? 169 GLY A CA  1 
ATOM   1334 C C   . GLY A 1 169 ? 0.624   12.952  -6.055  1.00 12.31 ? 169 GLY A C   1 
ATOM   1335 O O   . GLY A 1 169 ? -0.547  12.576  -6.000  1.00 14.99 ? 169 GLY A O   1 
ATOM   1336 N N   . VAL A 1 170 ? 1.622   12.143  -6.399  1.00 11.18 ? 170 VAL A N   1 
ATOM   1337 C CA  . VAL A 1 170 ? 1.377   10.732  -6.693  1.00 11.17 ? 170 VAL A CA  1 
ATOM   1338 C C   . VAL A 1 170 ? 2.064   9.878   -5.633  1.00 10.29 ? 170 VAL A C   1 
ATOM   1339 O O   . VAL A 1 170 ? 3.173   10.202  -5.195  1.00 10.11 ? 170 VAL A O   1 
ATOM   1340 C CB  . VAL A 1 170 ? 1.873   10.338  -8.113  1.00 10.65 ? 170 VAL A CB  1 
ATOM   1341 C CG1 . VAL A 1 170 ? 0.966   10.977  -9.164  1.00 14.37 ? 170 VAL A CG1 1 
ATOM   1342 C CG2 . VAL A 1 170 ? 3.320   10.772  -8.330  1.00 13.39 ? 170 VAL A CG2 1 
ATOM   1343 N N   . HIS A 1 171 ? 1.399   8.797   -5.224  1.00 10.42 ? 171 HIS A N   1 
ATOM   1344 C CA  . HIS A 1 171 ? 1.925   7.918   -4.176  1.00 9.42  ? 171 HIS A CA  1 
ATOM   1345 C C   . HIS A 1 171 ? 1.896   6.424   -4.475  1.00 10.48 ? 171 HIS A C   1 
ATOM   1346 O O   . HIS A 1 171 ? 1.141   5.945   -5.314  1.00 9.53  ? 171 HIS A O   1 
ATOM   1347 C CB  . HIS A 1 171 ? 1.123   8.029   -2.864  1.00 11.74 ? 171 HIS A CB  1 
ATOM   1348 C CG  . HIS A 1 171 ? 0.537   9.377   -2.571  1.00 11.57 ? 171 HIS A CG  1 
ATOM   1349 N ND1 . HIS A 1 171 ? 0.668   9.974   -1.336  1.00 11.47 ? 171 HIS A ND1 1 
ATOM   1350 C CD2 . HIS A 1 171 ? -0.274  10.188  -3.295  1.00 11.83 ? 171 HIS A CD2 1 
ATOM   1351 C CE1 . HIS A 1 171 ? -0.036  11.093  -1.308  1.00 11.64 ? 171 HIS A CE1 1 
ATOM   1352 N NE2 . HIS A 1 171 ? -0.616  11.246  -2.485  1.00 12.28 ? 171 HIS A NE2 1 
ATOM   1353 N N   . ILE A 1 172 ? 2.719   5.696   -3.727  1.00 10.38 ? 172 ILE A N   1 
ATOM   1354 C CA  . ILE A 1 172 ? 2.723   4.244   -3.752  1.00 10.05 ? 172 ILE A CA  1 
ATOM   1355 C C   . ILE A 1 172 ? 2.496   3.961   -2.270  1.00 9.83  ? 172 ILE A C   1 
ATOM   1356 O O   . ILE A 1 172 ? 3.117   4.596   -1.413  1.00 10.40 ? 172 ILE A O   1 
ATOM   1357 C CB  . ILE A 1 172 ? 4.073   3.616   -4.140  1.00 10.53 ? 172 ILE A CB  1 
ATOM   1358 C CG1 . ILE A 1 172 ? 4.382   3.881   -5.614  1.00 13.22 ? 172 ILE A CG1 1 
ATOM   1359 C CG2 . ILE A 1 172 ? 4.007   2.096   -3.890  1.00 12.14 ? 172 ILE A CG2 1 
ATOM   1360 C CD1 . ILE A 1 172 ? 5.704   3.305   -6.059  1.00 11.19 ? 172 ILE A CD1 1 
ATOM   1361 N N   . LEU A 1 173 ? 1.592   3.042   -1.957  1.00 10.09 ? 173 LEU A N   1 
ATOM   1362 C CA  . LEU A 1 173 ? 1.324   2.712   -0.562  1.00 10.95 ? 173 LEU A CA  1 
ATOM   1363 C C   . LEU A 1 173 ? 1.643   1.262   -0.277  1.00 9.74  ? 173 LEU A C   1 
ATOM   1364 O O   . LEU A 1 173 ? 1.543   0.414   -1.159  1.00 11.01 ? 173 LEU A O   1 
ATOM   1365 C CB  . LEU A 1 173 ? -0.154  2.927   -0.208  1.00 10.83 ? 173 LEU A CB  1 
ATOM   1366 C CG  . LEU A 1 173 ? -0.743  4.330   -0.056  1.00 11.22 ? 173 LEU A CG  1 
ATOM   1367 C CD1 . LEU A 1 173 ? -0.655  5.069   -1.382  1.00 13.64 ? 173 LEU A CD1 1 
ATOM   1368 C CD2 . LEU A 1 173 ? -2.200  4.221   0.406   1.00 10.60 ? 173 LEU A CD2 1 
ATOM   1369 N N   . GLN A 1 174 ? 2.035   0.989   0.964   1.00 10.90 ? 174 GLN A N   1 
ATOM   1370 C CA  . GLN A 1 174 ? 2.277   -0.378  1.410   1.00 8.72  ? 174 GLN A CA  1 
ATOM   1371 C C   . GLN A 1 174 ? 1.562   -0.460  2.750   1.00 9.75  ? 174 GLN A C   1 
ATOM   1372 O O   . GLN A 1 174 ? 1.859   0.316   3.656   1.00 11.37 ? 174 GLN A O   1 
ATOM   1373 C CB  . GLN A 1 174 ? 3.757   -0.684  1.633   1.00 10.00 ? 174 GLN A CB  1 
ATOM   1374 C CG  . GLN A 1 174 ? 3.966   -2.121  2.104   1.00 11.63 ? 174 GLN A CG  1 
ATOM   1375 C CD  . GLN A 1 174 ? 5.413   -2.451  2.407   1.00 13.12 ? 174 GLN A CD  1 
ATOM   1376 O OE1 . GLN A 1 174 ? 6.321   -1.943  1.762   1.00 16.61 ? 174 GLN A OE1 1 
ATOM   1377 N NE2 . GLN A 1 174 ? 5.630   -3.327  3.381   1.00 14.56 ? 174 GLN A NE2 1 
ATOM   1378 N N   . ARG A 1 175 ? 0.607   -1.375  2.878   1.00 10.20 ? 175 ARG A N   1 
ATOM   1379 C CA  . ARG A 1 175 ? -0.107  -1.494  4.144   1.00 10.88 ? 175 ARG A CA  1 
ATOM   1380 C C   . ARG A 1 175 ? 0.710   -2.353  5.102   1.00 13.16 ? 175 ARG A C   1 
ATOM   1381 O O   . ARG A 1 175 ? 1.132   -3.452  4.759   1.00 13.91 ? 175 ARG A O   1 
ATOM   1382 C CB  . ARG A 1 175 ? -1.498  -2.102  3.946   1.00 12.32 ? 175 ARG A CB  1 
ATOM   1383 C CG  . ARG A 1 175 ? -2.250  -2.180  5.259   1.00 10.45 ? 175 ARG A CG  1 
ATOM   1384 C CD  . ARG A 1 175 ? -3.705  -2.593  5.135   1.00 11.29 ? 175 ARG A CD  1 
ATOM   1385 N NE  . ARG A 1 175 ? -4.248  -2.764  6.479   1.00 12.09 ? 175 ARG A NE  1 
ATOM   1386 C CZ  . ARG A 1 175 ? -5.407  -3.339  6.773   1.00 12.63 ? 175 ARG A CZ  1 
ATOM   1387 N NH1 . ARG A 1 175 ? -6.192  -3.814  5.815   1.00 12.50 ? 175 ARG A NH1 1 
ATOM   1388 N NH2 . ARG A 1 175 ? -5.761  -3.467  8.044   1.00 13.80 ? 175 ARG A NH2 1 
ATOM   1389 N N   . THR A 1 176 ? 0.920   -1.838  6.307   1.00 11.84 ? 176 THR A N   1 
ATOM   1390 C CA  . THR A 1 176 ? 1.717   -2.522  7.322   1.00 12.08 ? 176 THR A CA  1 
ATOM   1391 C C   . THR A 1 176 ? 0.941   -2.906  8.576   1.00 13.15 ? 176 THR A C   1 
ATOM   1392 O O   . THR A 1 176 ? 1.489   -3.558  9.468   1.00 13.70 ? 176 THR A O   1 
ATOM   1393 C CB  . THR A 1 176 ? 2.878   -1.630  7.769   1.00 13.20 ? 176 THR A CB  1 
ATOM   1394 O OG1 . THR A 1 176 ? 2.343   -0.411  8.300   1.00 12.38 ? 176 THR A OG1 1 
ATOM   1395 C CG2 . THR A 1 176 ? 3.789   -1.304  6.594   1.00 13.66 ? 176 THR A CG2 1 
ATOM   1396 N N   . GLY A 1 177 ? -0.317  -2.491  8.655   1.00 13.24 ? 177 GLY A N   1 
ATOM   1397 C CA  . GLY A 1 177 ? -1.117  -2.806  9.826   1.00 14.54 ? 177 GLY A CA  1 
ATOM   1398 C C   . GLY A 1 177 ? -2.604  -2.621  9.598   1.00 13.44 ? 177 GLY A C   1 
ATOM   1399 O O   . GLY A 1 177 ? -3.406  -3.244  10.325  1.00 13.97 ? 177 GLY A O   1 
ATOM   1400 O OXT . GLY A 1 177 ? -2.975  -1.835  8.707   1.00 15.17 ? 177 GLY A OXT 1 
HETATM 1401 O O   . HOH B 2 .   ? -0.484  24.785  -1.187  1.00 15.45 ? 178 HOH A O   1 
HETATM 1402 O O   . HOH B 2 .   ? 0.519   16.147  -20.058 1.00 12.34 ? 179 HOH A O   1 
HETATM 1403 O O   . HOH B 2 .   ? 12.843  9.824   -6.864  1.00 12.43 ? 180 HOH A O   1 
HETATM 1404 O O   . HOH B 2 .   ? 10.965  13.236  -4.806  1.00 9.93  ? 181 HOH A O   1 
HETATM 1405 O O   . HOH B 2 .   ? 7.783   1.632   6.588   1.00 12.14 ? 182 HOH A O   1 
HETATM 1406 O O   . HOH B 2 .   ? 11.726  16.645  -4.613  1.00 11.88 ? 183 HOH A O   1 
HETATM 1407 O O   . HOH B 2 .   ? 7.308   8.969   2.737   1.00 10.47 ? 184 HOH A O   1 
HETATM 1408 O O   . HOH B 2 .   ? 2.255   19.426  -14.022 1.00 13.32 ? 185 HOH A O   1 
HETATM 1409 O O   . HOH B 2 .   ? 4.012   1.781   8.240   1.00 11.75 ? 186 HOH A O   1 
HETATM 1410 O O   . HOH B 2 .   ? 14.143  3.478   -7.851  1.00 22.20 ? 187 HOH A O   1 
HETATM 1411 O O   . HOH B 2 .   ? 3.473   -7.132  -1.586  1.00 14.34 ? 188 HOH A O   1 
HETATM 1412 O O   . HOH B 2 .   ? 15.601  -2.185  0.568   1.00 20.26 ? 189 HOH A O   1 
HETATM 1413 O O   . HOH B 2 .   ? 14.857  16.937  -4.738  1.00 17.11 ? 190 HOH A O   1 
HETATM 1414 O O   . HOH B 2 .   ? 8.300   -2.591  0.099   1.00 12.29 ? 191 HOH A O   1 
HETATM 1415 O O   . HOH B 2 .   ? 10.346  11.577  -14.927 1.00 17.16 ? 192 HOH A O   1 
HETATM 1416 O O   . HOH B 2 .   ? 0.488   1.990   -11.130 1.00 19.41 ? 193 HOH A O   1 
HETATM 1417 O O   . HOH B 2 .   ? -12.398 -5.385  10.644  1.00 17.80 ? 194 HOH A O   1 
HETATM 1418 O O   . HOH B 2 .   ? 8.661   12.389  10.596  1.00 19.78 ? 195 HOH A O   1 
HETATM 1419 O O   . HOH B 2 .   ? -1.363  -10.344 2.683   1.00 15.40 ? 196 HOH A O   1 
HETATM 1420 O O   . HOH B 2 .   ? -0.579  -9.980  6.630   1.00 17.02 ? 197 HOH A O   1 
HETATM 1421 O O   . HOH B 2 .   ? -5.255  7.421   -8.653  1.00 24.41 ? 198 HOH A O   1 
HETATM 1422 O O   . HOH B 2 .   ? 2.553   -7.322  -9.630  1.00 22.28 ? 199 HOH A O   1 
HETATM 1423 O O   . HOH B 2 .   ? -11.822 4.427   13.377  1.00 23.08 ? 200 HOH A O   1 
HETATM 1424 O O   . HOH B 2 .   ? -11.612 -19.853 6.898   1.00 28.47 ? 201 HOH A O   1 
HETATM 1425 O O   . HOH B 2 .   ? 5.009   16.306  4.601   1.00 23.24 ? 202 HOH A O   1 
HETATM 1426 O O   . HOH B 2 .   ? 15.230  7.495   10.474  1.00 22.02 ? 203 HOH A O   1 
HETATM 1427 O O   . HOH B 2 .   ? -5.832  -13.420 11.029  1.00 19.82 ? 204 HOH A O   1 
HETATM 1428 O O   . HOH B 2 .   ? -0.400  14.815  -9.146  1.00 19.85 ? 205 HOH A O   1 
HETATM 1429 O O   . HOH B 2 .   ? 5.910   24.865  -8.049  1.00 24.09 ? 206 HOH A O   1 
HETATM 1430 O O   . HOH B 2 .   ? -5.067  -7.132  6.216   1.00 17.83 ? 207 HOH A O   1 
HETATM 1431 O O   . HOH B 2 .   ? 15.212  13.877  -6.690  1.00 22.18 ? 208 HOH A O   1 
HETATM 1432 O O   . HOH B 2 .   ? 8.888   17.393  3.218   1.00 16.76 ? 209 HOH A O   1 
HETATM 1433 O O   . HOH B 2 .   ? -0.232  12.176  -19.231 1.00 19.73 ? 210 HOH A O   1 
HETATM 1434 O O   . HOH B 2 .   ? -8.242  -20.504 -2.318  1.00 20.71 ? 211 HOH A O   1 
HETATM 1435 O O   . HOH B 2 .   ? 3.661   -4.615  5.000   1.00 18.71 ? 212 HOH A O   1 
HETATM 1436 O O   . HOH B 2 .   ? 2.171   -10.344 2.533   1.00 19.49 ? 213 HOH A O   1 
HETATM 1437 O O   . HOH B 2 .   ? -12.394 4.001   10.060  1.00 24.72 ? 214 HOH A O   1 
HETATM 1438 O O   . HOH B 2 .   ? 10.317  -5.192  -2.293  1.00 18.22 ? 215 HOH A O   1 
HETATM 1439 O O   . HOH B 2 .   ? 14.871  14.205  9.043   1.00 24.02 ? 216 HOH A O   1 
HETATM 1440 O O   . HOH B 2 .   ? 8.662   5.329   -15.950 1.00 26.30 ? 217 HOH A O   1 
HETATM 1441 O O   . HOH B 2 .   ? 12.540  15.841  -10.590 1.00 22.02 ? 218 HOH A O   1 
HETATM 1442 O O   . HOH B 2 .   ? 13.505  6.292   6.823   1.00 16.53 ? 219 HOH A O   1 
HETATM 1443 O O   . HOH B 2 .   ? 17.342  12.883  -1.220  1.00 21.97 ? 220 HOH A O   1 
HETATM 1444 O O   . HOH B 2 .   ? -3.116  -23.381 -6.427  1.00 27.53 ? 221 HOH A O   1 
HETATM 1445 O O   . HOH B 2 .   ? -5.190  2.202   16.060  1.00 18.49 ? 222 HOH A O   1 
HETATM 1446 O O   . HOH B 2 .   ? 18.668  -2.630  -8.007  1.00 31.56 ? 223 HOH A O   1 
HETATM 1447 O O   . HOH B 2 .   ? 4.494   10.280  9.670   1.00 20.08 ? 224 HOH A O   1 
HETATM 1448 O O   . HOH B 2 .   ? 5.950   -6.479  -2.468  1.00 21.91 ? 225 HOH A O   1 
HETATM 1449 O O   . HOH B 2 .   ? -3.832  11.817  2.071   1.00 20.92 ? 226 HOH A O   1 
HETATM 1450 O O   . HOH B 2 .   ? -7.032  -21.801 -11.820 1.00 23.12 ? 227 HOH A O   1 
HETATM 1451 O O   . HOH B 2 .   ? -12.292 -15.883 11.948  1.00 20.11 ? 228 HOH A O   1 
HETATM 1452 O O   . HOH B 2 .   ? 10.767  14.693  8.459   1.00 24.88 ? 229 HOH A O   1 
HETATM 1453 O O   . HOH B 2 .   ? 4.050   -24.040 4.301   1.00 23.21 ? 230 HOH A O   1 
HETATM 1454 O O   . HOH B 2 .   ? 8.067   -13.548 -3.702  1.00 28.15 ? 231 HOH A O   1 
HETATM 1455 O O   . HOH B 2 .   ? -6.069  -0.663  -2.813  1.00 21.04 ? 232 HOH A O   1 
HETATM 1456 O O   . HOH B 2 .   ? 17.705  2.481   -4.590  1.00 21.22 ? 233 HOH A O   1 
HETATM 1457 O O   . HOH B 2 .   ? 1.885   18.071  -1.579  1.00 23.55 ? 234 HOH A O   1 
HETATM 1458 O O   . HOH B 2 .   ? 12.671  6.723   -10.637 1.00 17.23 ? 235 HOH A O   1 
HETATM 1459 O O   . HOH B 2 .   ? 11.538  25.793  2.753   1.00 26.33 ? 236 HOH A O   1 
HETATM 1460 O O   . HOH B 2 .   ? -13.300 -0.295  -4.395  1.00 35.36 ? 237 HOH A O   1 
HETATM 1461 O O   . HOH B 2 .   ? 4.775   -7.913  1.623   1.00 22.51 ? 238 HOH A O   1 
HETATM 1462 O O   . HOH B 2 .   ? -0.222  15.711  -16.767 1.00 22.91 ? 239 HOH A O   1 
HETATM 1463 O O   . HOH B 2 .   ? 0.809   -9.346  8.945   1.00 27.45 ? 240 HOH A O   1 
HETATM 1464 O O   . HOH B 2 .   ? 5.440   -16.804 -7.195  1.00 22.59 ? 241 HOH A O   1 
HETATM 1465 O O   . HOH B 2 .   ? 0.418   10.699  9.675   1.00 27.52 ? 242 HOH A O   1 
HETATM 1466 O O   . HOH B 2 .   ? -3.377  -2.777  15.332  1.00 19.27 ? 243 HOH A O   1 
HETATM 1467 O O   . HOH B 2 .   ? 0.322   -5.901  -7.955  1.00 31.80 ? 244 HOH A O   1 
HETATM 1468 O O   . HOH B 2 .   ? 2.919   10.267  -17.493 1.00 25.07 ? 245 HOH A O   1 
HETATM 1469 O O   . HOH B 2 .   ? 0.123   24.191  -5.818  1.00 27.31 ? 246 HOH A O   1 
HETATM 1470 O O   . HOH B 2 .   ? 3.902   10.107  12.363  1.00 24.43 ? 247 HOH A O   1 
HETATM 1471 O O   . HOH B 2 .   ? 5.296   0.547   -12.547 1.00 23.36 ? 248 HOH A O   1 
HETATM 1472 O O   . HOH B 2 .   ? -9.235  -8.759  -1.766  1.00 20.88 ? 249 HOH A O   1 
HETATM 1473 O O   . HOH B 2 .   ? -6.125  -4.015  -3.187  1.00 28.08 ? 250 HOH A O   1 
HETATM 1474 O O   . HOH B 2 .   ? 10.052  -12.637 -5.928  1.00 25.52 ? 251 HOH A O   1 
HETATM 1475 O O   . HOH B 2 .   ? 6.031   -19.270 -0.961  1.00 28.49 ? 252 HOH A O   1 
HETATM 1476 O O   . HOH B 2 .   ? -14.670 8.147   4.574   1.00 32.05 ? 253 HOH A O   1 
HETATM 1477 O O   . HOH B 2 .   ? 1.326   -12.611 7.425   1.00 27.29 ? 254 HOH A O   1 
HETATM 1478 O O   . HOH B 2 .   ? -1.766  8.585   11.528  1.00 24.24 ? 255 HOH A O   1 
HETATM 1479 O O   . HOH B 2 .   ? 6.157   12.435  9.348   1.00 24.04 ? 256 HOH A O   1 
HETATM 1480 O O   . HOH B 2 .   ? -5.587  -15.051 -11.560 1.00 27.16 ? 257 HOH A O   1 
HETATM 1481 O O   . HOH B 2 .   ? 13.116  19.717  -6.996  1.00 22.34 ? 258 HOH A O   1 
HETATM 1482 O O   . HOH B 2 .   ? -12.807 1.159   9.087   1.00 25.46 ? 259 HOH A O   1 
HETATM 1483 O O   . HOH B 2 .   ? -6.687  -5.834  14.864  1.00 22.53 ? 260 HOH A O   1 
HETATM 1484 O O   . HOH B 2 .   ? 7.596   -14.297 0.175   1.00 31.02 ? 261 HOH A O   1 
HETATM 1485 O O   . HOH B 2 .   ? -9.270  -6.367  13.747  1.00 23.07 ? 262 HOH A O   1 
HETATM 1486 O O   . HOH B 2 .   ? -14.049 -1.158  8.323   1.00 21.73 ? 263 HOH A O   1 
HETATM 1487 O O   . HOH B 2 .   ? -11.255 -2.124  4.655   1.00 21.27 ? 264 HOH A O   1 
HETATM 1488 O O   . HOH B 2 .   ? 1.953   -1.457  13.524  1.00 28.39 ? 265 HOH A O   1 
HETATM 1489 O O   . HOH B 2 .   ? -12.722 7.071   -0.513  1.00 34.39 ? 266 HOH A O   1 
HETATM 1490 O O   . HOH B 2 .   ? -2.742  -4.082  13.068  1.00 19.17 ? 267 HOH A O   1 
HETATM 1491 O O   . HOH B 2 .   ? 2.040   -2.539  -10.859 1.00 25.54 ? 268 HOH A O   1 
HETATM 1492 O O   . HOH B 2 .   ? -3.635  0.035   -6.440  1.00 27.48 ? 269 HOH A O   1 
HETATM 1493 O O   . HOH B 2 .   ? 12.293  0.658   -12.546 1.00 23.55 ? 270 HOH A O   1 
HETATM 1494 O O   . HOH B 2 .   ? -8.696  8.255   5.824   1.00 20.00 ? 271 HOH A O   1 
HETATM 1495 O O   . HOH B 2 .   ? -2.373  -24.168 5.071   1.00 39.50 ? 272 HOH A O   1 
HETATM 1496 O O   . HOH B 2 .   ? 7.406   -18.335 2.099   1.00 29.94 ? 273 HOH A O   1 
HETATM 1497 O O   . HOH B 2 .   ? 16.709  11.796  -6.010  1.00 28.13 ? 274 HOH A O   1 
HETATM 1498 O O   . HOH B 2 .   ? -1.418  -7.047  11.185  1.00 23.93 ? 275 HOH A O   1 
HETATM 1499 O O   . HOH B 2 .   ? -12.272 4.629   -5.773  1.00 31.66 ? 276 HOH A O   1 
HETATM 1500 O O   . HOH B 2 .   ? 12.756  29.050  -0.247  1.00 43.33 ? 277 HOH A O   1 
HETATM 1501 O O   . HOH B 2 .   ? 0.499   -17.112 14.725  1.00 32.32 ? 278 HOH A O   1 
HETATM 1502 O O   . HOH B 2 .   ? 16.890  5.345   -1.133  1.00 27.96 ? 279 HOH A O   1 
HETATM 1503 O O   . HOH B 2 .   ? 9.037   -7.547  -3.732  1.00 28.19 ? 280 HOH A O   1 
HETATM 1504 O O   . HOH B 2 .   ? 6.337   17.201  -18.404 1.00 19.57 ? 281 HOH A O   1 
HETATM 1505 O O   . HOH B 2 .   ? 0.780   -22.950 -4.617  1.00 33.10 ? 282 HOH A O   1 
HETATM 1506 O O   . HOH B 2 .   ? 0.062   -18.133 -11.784 1.00 21.37 ? 283 HOH A O   1 
HETATM 1507 O O   . HOH B 2 .   ? 13.935  23.959  -5.428  1.00 34.40 ? 284 HOH A O   1 
HETATM 1508 O O   . HOH B 2 .   ? -1.603  -14.600 -12.079 1.00 23.56 ? 285 HOH A O   1 
HETATM 1509 O O   . HOH B 2 .   ? -4.284  19.047  -6.732  1.00 20.94 ? 286 HOH A O   1 
HETATM 1510 O O   . HOH B 2 .   ? 0.940   4.377   14.469  1.00 26.81 ? 287 HOH A O   1 
HETATM 1511 O O   . HOH B 2 .   ? 0.268   -21.073 -8.702  1.00 24.74 ? 288 HOH A O   1 
HETATM 1512 O O   . HOH B 2 .   ? 8.858   8.607   15.127  1.00 45.44 ? 289 HOH A O   1 
HETATM 1513 O O   . HOH B 2 .   ? 11.113  19.541  -8.926  1.00 20.91 ? 290 HOH A O   1 
HETATM 1514 O O   . HOH B 2 .   ? 3.523   -16.497 7.007   1.00 29.84 ? 291 HOH A O   1 
HETATM 1515 O O   . HOH B 2 .   ? -4.390  3.384   -8.993  1.00 31.98 ? 292 HOH A O   1 
HETATM 1516 O O   . HOH B 2 .   ? -9.876  -17.042 -11.588 1.00 35.31 ? 293 HOH A O   1 
HETATM 1517 O O   . HOH B 2 .   ? -9.647  -11.529 -9.475  1.00 30.64 ? 294 HOH A O   1 
HETATM 1518 O O   . HOH B 2 .   ? -2.930  16.666  -10.262 1.00 21.01 ? 295 HOH A O   1 
HETATM 1519 O O   . HOH B 2 .   ? -11.244 10.540  2.657   1.00 29.53 ? 296 HOH A O   1 
HETATM 1520 O O   . HOH B 2 .   ? 13.852  15.785  6.690   1.00 25.45 ? 297 HOH A O   1 
HETATM 1521 O O   . HOH B 2 .   ? -6.930  9.603   -8.078  1.00 40.10 ? 298 HOH A O   1 
HETATM 1522 O O   . HOH B 2 .   ? 2.850   6.153   -17.632 1.00 40.14 ? 299 HOH A O   1 
HETATM 1523 O O   . HOH B 2 .   ? -4.060  -6.413  13.912  1.00 21.51 ? 300 HOH A O   1 
HETATM 1524 O O   . HOH B 2 .   ? -10.099 -8.827  12.621  1.00 27.94 ? 301 HOH A O   1 
HETATM 1525 O O   . HOH B 2 .   ? 14.648  -7.188  -11.133 1.00 31.50 ? 302 HOH A O   1 
HETATM 1526 O O   . HOH B 2 .   ? 15.677  20.710  3.821   1.00 28.93 ? 303 HOH A O   1 
HETATM 1527 O O   . HOH B 2 .   ? 7.291   -6.296  1.410   1.00 24.34 ? 304 HOH A O   1 
HETATM 1528 O O   . HOH B 2 .   ? 18.216  5.278   2.238   1.00 35.60 ? 305 HOH A O   1 
HETATM 1529 O O   . HOH B 2 .   ? 6.834   -16.681 -1.589  1.00 30.19 ? 306 HOH A O   1 
HETATM 1530 O O   . HOH B 2 .   ? 0.892   -2.620  -7.371  1.00 28.19 ? 307 HOH A O   1 
HETATM 1531 O O   . HOH B 2 .   ? 1.304   -23.860 -1.907  1.00 25.61 ? 308 HOH A O   1 
HETATM 1532 O O   . HOH B 2 .   ? -8.147  -11.919 11.155  1.00 18.98 ? 309 HOH A O   1 
HETATM 1533 O O   . HOH B 2 .   ? 15.175  -9.181  -6.499  1.00 34.06 ? 310 HOH A O   1 
HETATM 1534 O O   . HOH B 2 .   ? -2.568  -3.340  -5.113  1.00 20.14 ? 311 HOH A O   1 
HETATM 1535 O O   . HOH B 2 .   ? 14.353  4.686   -10.441 1.00 28.92 ? 312 HOH A O   1 
HETATM 1536 O O   . HOH B 2 .   ? 14.042  8.967   -9.217  1.00 15.45 ? 313 HOH A O   1 
HETATM 1537 O O   . HOH B 2 .   ? 16.364  7.614   -8.404  1.00 28.35 ? 314 HOH A O   1 
HETATM 1538 O O   . HOH B 2 .   ? 15.531  -2.213  3.410   1.00 21.17 ? 315 HOH A O   1 
HETATM 1539 O O   . HOH B 2 .   ? 14.252  16.949  -7.578  1.00 27.04 ? 316 HOH A O   1 
HETATM 1540 O O   . HOH B 2 .   ? 16.559  20.110  -4.532  1.00 30.54 ? 317 HOH A O   1 
HETATM 1541 O O   . HOH B 2 .   ? 11.657  12.294  -7.340  1.00 11.80 ? 318 HOH A O   1 
HETATM 1542 O O   . HOH B 2 .   ? 13.685  13.551  -8.862  1.00 18.35 ? 319 HOH A O   1 
HETATM 1543 O O   . HOH B 2 .   ? 7.864   -4.981  -1.008  1.00 20.06 ? 320 HOH A O   1 
HETATM 1544 O O   . HOH B 2 .   ? 9.602   11.799  -17.631 1.00 21.23 ? 321 HOH A O   1 
HETATM 1545 O O   . HOH B 2 .   ? 11.420  9.067   -15.083 1.00 26.33 ? 322 HOH A O   1 
HETATM 1546 O O   . HOH B 2 .   ? 13.273  8.358   -13.025 1.00 21.46 ? 323 HOH A O   1 
HETATM 1547 O O   . HOH B 2 .   ? 12.367  15.373  -13.248 1.00 26.61 ? 324 HOH A O   1 
HETATM 1548 O O   . HOH B 2 .   ? 14.140  11.022  -13.099 1.00 32.92 ? 325 HOH A O   1 
HETATM 1549 O O   . HOH B 2 .   ? 12.502  12.994  -14.499 1.00 25.60 ? 326 HOH A O   1 
HETATM 1550 O O   . HOH B 2 .   ? 14.624  11.472  -10.631 1.00 20.41 ? 327 HOH A O   1 
HETATM 1551 O O   . HOH B 2 .   ? -0.499  7.456   -12.686 1.00 32.99 ? 328 HOH A O   1 
HETATM 1552 O O   . HOH B 2 .   ? -12.494 -7.794  11.577  1.00 22.25 ? 329 HOH A O   1 
HETATM 1553 O O   . HOH B 2 .   ? -11.408 -5.944  15.415  1.00 32.22 ? 330 HOH A O   1 
HETATM 1554 O O   . HOH B 2 .   ? -11.643 -5.528  17.954  1.00 37.48 ? 331 HOH A O   1 
HETATM 1555 O O   . HOH B 2 .   ? -6.702  5.456   -7.524  1.00 28.19 ? 332 HOH A O   1 
HETATM 1556 O O   . HOH B 2 .   ? -7.650  5.203   -4.997  1.00 18.67 ? 333 HOH A O   1 
HETATM 1557 O O   . HOH B 2 .   ? -7.206  2.538   -5.423  1.00 24.43 ? 334 HOH A O   1 
HETATM 1558 O O   . HOH B 2 .   ? -7.491  4.206   -11.377 1.00 29.08 ? 335 HOH A O   1 
HETATM 1559 O O   . HOH B 2 .   ? -2.533  -6.685  -9.017  1.00 46.86 ? 336 HOH A O   1 
HETATM 1560 O O   . HOH B 2 .   ? -0.511  -9.008  -11.660 1.00 34.78 ? 337 HOH A O   1 
HETATM 1561 O O   . HOH B 2 .   ? 5.985   -4.212  -11.868 1.00 17.89 ? 338 HOH A O   1 
HETATM 1562 O O   . HOH B 2 .   ? 4.631   -1.921  -11.839 1.00 21.96 ? 339 HOH A O   1 
HETATM 1563 O O   . HOH B 2 .   ? -14.241 5.471   14.751  1.00 30.67 ? 340 HOH A O   1 
HETATM 1564 O O   . HOH B 2 .   ? -7.738  8.915   11.817  1.00 25.56 ? 341 HOH A O   1 
HETATM 1565 O O   . HOH B 2 .   ? 3.968   19.427  5.942   1.00 32.33 ? 342 HOH A O   1 
HETATM 1566 O O   . HOH B 2 .   ? 3.979   17.359  7.558   1.00 42.38 ? 343 HOH A O   1 
HETATM 1567 O O   . HOH B 2 .   ? 0.101   18.549  0.480   1.00 32.40 ? 344 HOH A O   1 
HETATM 1568 O O   . HOH B 2 .   ? -9.119  -11.848 13.737  1.00 24.28 ? 345 HOH A O   1 
HETATM 1569 O O   . HOH B 2 .   ? -0.229  17.184  -8.368  1.00 47.51 ? 346 HOH A O   1 
HETATM 1570 O O   . HOH B 2 .   ? 11.558  27.202  -6.834  1.00 27.02 ? 347 HOH A O   1 
HETATM 1571 O O   . HOH B 2 .   ? 17.513  16.009  -4.283  1.00 26.89 ? 348 HOH A O   1 
HETATM 1572 O O   . HOH B 2 .   ? 9.343   17.264  5.790   1.00 24.78 ? 349 HOH A O   1 
HETATM 1573 O O   . HOH B 2 .   ? 11.515  16.885  7.239   1.00 24.16 ? 350 HOH A O   1 
HETATM 1574 O O   . HOH B 2 .   ? 3.466   17.003  16.893  1.00 28.19 ? 351 HOH A O   1 
HETATM 1575 O O   . HOH B 2 .   ? 14.101  -5.524  -0.944  1.00 25.96 ? 352 HOH A O   1 
HETATM 1576 O O   . HOH B 2 .   ? 19.232  13.753  9.086   1.00 35.42 ? 353 HOH A O   1 
HETATM 1577 O O   . HOH B 2 .   ? 12.508  18.675  -10.889 1.00 29.23 ? 354 HOH A O   1 
HETATM 1578 O O   . HOH B 2 .   ? 19.038  12.239  1.169   1.00 25.95 ? 355 HOH A O   1 
HETATM 1579 O O   . HOH B 2 .   ? 20.062  14.861  1.673   1.00 35.03 ? 356 HOH A O   1 
HETATM 1580 O O   . HOH B 2 .   ? -0.839  -23.412 -7.739  1.00 27.56 ? 357 HOH A O   1 
HETATM 1581 O O   . HOH B 2 .   ? 5.453   11.651  14.673  1.00 30.07 ? 358 HOH A O   1 
HETATM 1582 O O   . HOH B 2 .   ? 0.082   12.976  1.487   1.00 29.08 ? 359 HOH A O   1 
HETATM 1583 O O   . HOH B 2 .   ? -1.500  10.866  2.843   1.00 22.62 ? 360 HOH A O   1 
HETATM 1584 O O   . HOH B 2 .   ? 3.209   -25.528 2.134   1.00 29.47 ? 361 HOH A O   1 
HETATM 1585 O O   . HOH B 2 .   ? -5.046  0.871   -4.460  1.00 32.09 ? 362 HOH A O   1 
HETATM 1586 O O   . HOH B 2 .   ? 17.460  11.768  -9.714  1.00 33.48 ? 363 HOH A O   1 
HETATM 1587 O O   . HOH B 2 .   ? -0.748  12.546  5.226   1.00 29.93 ? 364 HOH A O   1 
HETATM 1588 O O   . HOH B 2 .   ? 0.244   8.818   -16.905 1.00 28.87 ? 365 HOH A O   1 
HETATM 1589 O O   . HOH B 2 .   ? -0.635  7.105   -15.255 1.00 33.11 ? 366 HOH A O   1 
HETATM 1590 O O   . HOH B 2 .   ? 2.676   1.881   -12.807 1.00 28.41 ? 367 HOH A O   1 
HETATM 1591 O O   . HOH B 2 .   ? -15.831 -9.055  -4.033  1.00 41.35 ? 368 HOH A O   1 
HETATM 1592 O O   . HOH B 2 .   ? 5.357   -23.947 -3.862  1.00 34.88 ? 369 HOH A O   1 
HETATM 1593 O O   . HOH B 2 .   ? 2.255   4.759   -21.863 1.00 39.53 ? 370 HOH A O   1 
HETATM 1594 O O   . HOH B 2 .   ? -4.425  -8.796  20.026  1.00 37.17 ? 371 HOH A O   1 
HETATM 1595 O O   . HOH B 2 .   ? -15.917 -2.055  4.954   1.00 38.57 ? 372 HOH A O   1 
HETATM 1596 O O   . HOH B 2 .   ? 0.694   -25.755 6.850   1.00 53.35 ? 373 HOH A O   1 
HETATM 1597 O O   . HOH B 2 .   ? -11.302 3.291   -7.892  1.00 25.46 ? 374 HOH A O   1 
HETATM 1598 O O   . HOH B 2 .   ? 5.111   -25.867 -5.777  1.00 32.21 ? 375 HOH A O   1 
HETATM 1599 O O   . HOH B 2 .   ? -0.972  6.090   14.416  1.00 29.27 ? 376 HOH A O   1 
HETATM 1600 O O   . HOH B 2 .   ? 10.379  9.527   -18.813 1.00 33.94 ? 377 HOH A O   1 
HETATM 1601 O O   . HOH B 2 .   ? 13.559  13.510  -17.162 1.00 41.28 ? 378 HOH A O   1 
HETATM 1602 O O   . HOH B 2 .   ? 7.052   12.442  -18.594 1.00 24.76 ? 379 HOH A O   1 
HETATM 1603 O O   . HOH B 2 .   ? 16.253  -4.651  0.064   1.00 25.32 ? 380 HOH A O   1 
HETATM 1604 O O   . HOH B 2 .   ? 18.133  11.240  3.673   1.00 43.47 ? 381 HOH A O   1 
HETATM 1605 O O   . HOH B 2 .   ? 17.457  5.046   -4.001  1.00 32.78 ? 382 HOH A O   1 
HETATM 1606 O O   . HOH B 2 .   ? -7.660  -13.679 15.153  1.00 21.40 ? 383 HOH A O   1 
HETATM 1607 O O   . HOH B 2 .   ? 9.906   -9.157  4.105   1.00 36.33 ? 384 HOH A O   1 
HETATM 1608 O O   . HOH B 2 .   ? -1.706  10.837  -17.147 1.00 27.83 ? 385 HOH A O   1 
HETATM 1609 O O   . HOH B 2 .   ? -7.012  14.165  -3.280  1.00 18.18 ? 386 HOH A O   1 
HETATM 1610 O O   . HOH B 2 .   ? 3.962   25.689  -0.606  1.00 37.65 ? 387 HOH A O   1 
HETATM 1611 O O   . HOH B 2 .   ? -0.767  4.064   -13.190 1.00 38.09 ? 388 HOH A O   1 
HETATM 1612 O O   . HOH B 2 .   ? -15.653 8.934   6.815   1.00 30.29 ? 389 HOH A O   1 
HETATM 1613 O O   . HOH B 2 .   ? -13.511 4.189   2.148   1.00 34.89 ? 390 HOH A O   1 
HETATM 1614 O O   . HOH B 2 .   ? 16.120  5.345   7.865   1.00 26.60 ? 391 HOH A O   1 
HETATM 1615 O O   . HOH B 2 .   ? -4.067  6.140   -17.697 1.00 42.18 ? 392 HOH A O   1 
HETATM 1616 O O   . HOH B 2 .   ? -1.510  -20.161 13.883  1.00 40.91 ? 393 HOH A O   1 
HETATM 1617 O O   . HOH B 2 .   ? 24.735  15.379  -0.861  1.00 45.91 ? 394 HOH A O   1 
HETATM 1618 O O   . HOH B 2 .   ? 6.149   -15.152 6.154   1.00 30.74 ? 395 HOH A O   1 
HETATM 1619 O O   . HOH B 2 .   ? -2.500  16.933  -7.403  1.00 23.09 ? 396 HOH A O   1 
HETATM 1620 O O   . HOH B 2 .   ? -5.333  -18.804 -8.680  1.00 30.37 ? 397 HOH A O   1 
HETATM 1621 O O   . HOH B 2 .   ? 15.877  5.511   -6.553  1.00 26.53 ? 398 HOH A O   1 
HETATM 1622 O O   . HOH B 2 .   ? 16.172  10.583  5.415   1.00 38.67 ? 399 HOH A O   1 
HETATM 1623 O O   . HOH B 2 .   ? 4.073   -21.474 -2.768  1.00 28.16 ? 400 HOH A O   1 
HETATM 1624 O O   . HOH B 2 .   ? -7.071  -17.122 -10.176 1.00 29.61 ? 401 HOH A O   1 
HETATM 1625 O O   . HOH B 2 .   ? -2.470  -6.720  16.129  1.00 32.06 ? 402 HOH A O   1 
HETATM 1626 O O   . HOH B 2 .   ? 12.314  -22.031 4.055   1.00 30.15 ? 403 HOH A O   1 
HETATM 1627 O O   . HOH B 2 .   ? 3.320   25.000  -8.392  1.00 27.42 ? 404 HOH A O   1 
HETATM 1628 O O   . HOH B 2 .   ? 19.661  1.364   -2.628  1.00 36.41 ? 405 HOH A O   1 
HETATM 1629 O O   . HOH B 2 .   ? -2.283  12.374  0.128   1.00 54.48 ? 406 HOH A O   1 
HETATM 1630 O O   . HOH B 2 .   ? -10.021 6.377   -5.739  1.00 34.95 ? 407 HOH A O   1 
HETATM 1631 O O   . HOH B 2 .   ? -19.869 -9.852  4.162   1.00 35.12 ? 408 HOH A O   1 
HETATM 1632 O O   . HOH B 2 .   ? 1.686   -23.415 5.251   1.00 29.22 ? 409 HOH A O   1 
HETATM 1633 O O   . HOH B 2 .   ? 3.572   -6.941  6.376   1.00 37.36 ? 410 HOH A O   1 
HETATM 1634 O O   . HOH B 2 .   ? 18.118  -1.365  3.629   1.00 32.73 ? 411 HOH A O   1 
HETATM 1635 O O   . HOH B 2 .   ? 18.212  7.232   8.144   1.00 32.92 ? 412 HOH A O   1 
HETATM 1636 O O   . HOH B 2 .   ? -14.134 7.498   10.806  1.00 31.91 ? 413 HOH A O   1 
HETATM 1637 O O   . HOH B 2 .   ? 11.089  -7.245  -0.904  1.00 35.79 ? 414 HOH A O   1 
HETATM 1638 O O   . HOH B 2 .   ? 5.473   -0.190  -15.079 1.00 26.61 ? 415 HOH A O   1 
HETATM 1639 O O   . HOH B 2 .   ? -9.157  0.904   -4.776  1.00 31.30 ? 416 HOH A O   1 
HETATM 1640 O O   . HOH B 2 .   ? -11.203 -6.942  -1.067  1.00 30.83 ? 417 HOH A O   1 
HETATM 1641 O O   . HOH B 2 .   ? 1.159   -10.709 4.939   1.00 32.12 ? 418 HOH A O   1 
HETATM 1642 O O   . HOH B 2 .   ? -16.075 -9.813  9.660   1.00 29.75 ? 419 HOH A O   1 
HETATM 1643 O O   . HOH B 2 .   ? 9.979   27.379  -0.349  1.00 35.74 ? 420 HOH A O   1 
HETATM 1644 O O   . HOH B 2 .   ? -5.586  -14.619 13.581  1.00 32.84 ? 421 HOH A O   1 
HETATM 1645 O O   . HOH B 2 .   ? -3.538  -18.108 15.329  1.00 41.64 ? 422 HOH A O   1 
HETATM 1646 O O   . HOH B 2 .   ? 5.821   -18.729 -9.988  1.00 43.40 ? 423 HOH A O   1 
HETATM 1647 O O   . HOH B 2 .   ? -14.786 -4.387  9.878   1.00 35.54 ? 424 HOH A O   1 
HETATM 1648 O O   . HOH B 2 .   ? 15.068  23.325  -3.098  1.00 35.93 ? 425 HOH A O   1 
HETATM 1649 O O   . HOH B 2 .   ? 8.505   18.900  -18.852 1.00 29.98 ? 426 HOH A O   1 
HETATM 1650 O O   . HOH B 2 .   ? -9.100  4.686   -9.044  1.00 32.28 ? 427 HOH A O   1 
HETATM 1651 O O   . HOH B 2 .   ? 0.463   25.551  -3.674  1.00 28.03 ? 428 HOH A O   1 
HETATM 1652 O O   . HOH B 2 .   ? 0.139   3.058   16.626  1.00 28.31 ? 429 HOH A O   1 
HETATM 1653 O O   . HOH B 2 .   ? -9.011  -22.857 -3.240  1.00 35.61 ? 430 HOH A O   1 
HETATM 1654 O O   . HOH B 2 .   ? 16.488  19.690  5.975   1.00 33.84 ? 431 HOH A O   1 
HETATM 1655 O O   . HOH B 2 .   ? -2.314  5.575   -11.375 1.00 39.24 ? 432 HOH A O   1 
HETATM 1656 O O   . HOH B 2 .   ? 2.722   3.577   -18.917 1.00 37.12 ? 433 HOH A O   1 
HETATM 1657 O O   . HOH B 2 .   ? -2.625  6.512   16.585  1.00 31.68 ? 434 HOH A O   1 
HETATM 1658 O O   . HOH B 2 .   ? -6.698  8.605   15.106  1.00 31.68 ? 435 HOH A O   1 
HETATM 1659 O O   . HOH B 2 .   ? 2.439   12.148  8.937   1.00 40.09 ? 436 HOH A O   1 
HETATM 1660 O O   . HOH B 2 .   ? -8.509  -20.426 0.425   1.00 34.26 ? 437 HOH A O   1 
HETATM 1661 O O   . HOH B 2 .   ? 18.027  12.341  -3.748  1.00 41.86 ? 438 HOH A O   1 
HETATM 1662 O O   . HOH B 2 .   ? -5.333  5.779   -11.772 1.00 44.58 ? 439 HOH A O   1 
HETATM 1663 O O   . HOH B 2 .   ? 1.992   26.771  -2.085  1.00 25.46 ? 440 HOH A O   1 
HETATM 1664 O O   . HOH B 2 .   ? -10.130 -9.339  -6.181  1.00 41.43 ? 441 HOH A O   1 
HETATM 1665 O O   . HOH B 2 .   ? -4.601  -22.119 17.982  1.00 39.74 ? 442 HOH A O   1 
HETATM 1666 O O   . HOH B 2 .   ? -4.441  14.235  6.295   1.00 44.25 ? 443 HOH A O   1 
HETATM 1667 O O   . HOH B 2 .   ? 4.305   13.967  15.479  1.00 40.68 ? 444 HOH A O   1 
HETATM 1668 O O   . HOH B 2 .   ? 7.189   -16.588 -5.238  1.00 41.14 ? 445 HOH A O   1 
HETATM 1669 O O   . HOH B 2 .   ? -16.163 3.844   3.307   1.00 42.11 ? 446 HOH A O   1 
HETATM 1670 O O   . HOH B 2 .   ? -13.429 -0.725  4.202   1.00 39.05 ? 447 HOH A O   1 
HETATM 1671 O O   . HOH B 2 .   ? 19.168  -0.186  -4.666  1.00 38.16 ? 448 HOH A O   1 
HETATM 1672 O O   . HOH B 2 .   ? 20.769  -3.300  -9.737  1.00 31.07 ? 449 HOH A O   1 
HETATM 1673 O O   . HOH B 2 .   ? -8.175  -1.492  -4.248  1.00 38.55 ? 450 HOH A O   1 
HETATM 1674 O O   . HOH B 2 .   ? -6.298  5.035   17.444  1.00 40.19 ? 451 HOH A O   1 
HETATM 1675 O O   . HOH B 2 .   ? 6.780   10.628  -20.640 1.00 38.45 ? 452 HOH A O   1 
HETATM 1676 O O   . HOH B 2 .   ? 18.033  15.401  -0.473  1.00 40.94 ? 453 HOH A O   1 
HETATM 1677 O O   . HOH B 2 .   ? -7.062  -24.783 -2.993  1.00 46.80 ? 454 HOH A O   1 
HETATM 1678 O O   . HOH B 2 .   ? -14.235 -18.815 5.657   1.00 35.54 ? 455 HOH A O   1 
HETATM 1679 O O   . HOH B 2 .   ? -4.549  -23.854 13.773  1.00 39.87 ? 456 HOH A O   1 
HETATM 1680 O O   . HOH B 2 .   ? 12.608  22.419  -8.495  1.00 36.61 ? 457 HOH A O   1 
HETATM 1681 O O   . HOH B 2 .   ? -13.856 1.252   -0.513  1.00 38.30 ? 458 HOH A O   1 
HETATM 1682 O O   . HOH B 2 .   ? -5.686  -9.648  -9.266  1.00 41.62 ? 459 HOH A O   1 
HETATM 1683 O O   . HOH B 2 .   ? 18.236  17.863  -1.722  1.00 38.05 ? 460 HOH A O   1 
HETATM 1684 O O   . HOH B 2 .   ? 11.859  -0.089  -15.000 1.00 38.81 ? 461 HOH A O   1 
HETATM 1685 O O   . HOH B 2 .   ? 0.061   -4.377  13.308  1.00 34.85 ? 462 HOH A O   1 
HETATM 1686 O O   . HOH B 2 .   ? 0.783   -24.289 2.020   1.00 36.97 ? 463 HOH A O   1 
HETATM 1687 O O   . HOH B 2 .   ? 17.669  13.157  5.598   1.00 37.31 ? 464 HOH A O   1 
HETATM 1688 O O   . HOH B 2 .   ? -8.520  -7.042  -4.134  1.00 35.88 ? 465 HOH A O   1 
HETATM 1689 O O   . HOH B 2 .   ? -9.565  10.472  12.651  1.00 44.74 ? 466 HOH A O   1 
HETATM 1690 O O   . HOH B 2 .   ? -2.863  9.059   -12.230 1.00 35.15 ? 467 HOH A O   1 
HETATM 1691 O O   . HOH B 2 .   ? 8.118   -16.877 4.759   1.00 30.86 ? 468 HOH A O   1 
HETATM 1692 O O   . HOH B 2 .   ? -13.921 7.803   13.591  1.00 38.29 ? 469 HOH A O   1 
HETATM 1693 O O   . HOH B 2 .   ? 4.099   -15.757 -12.805 1.00 40.44 ? 470 HOH A O   1 
HETATM 1694 O O   . HOH B 2 .   ? -8.749  -22.891 10.381  1.00 50.09 ? 471 HOH A O   1 
HETATM 1695 O O   . HOH B 2 .   ? 1.075   -7.680  10.905  1.00 44.77 ? 472 HOH A O   1 
HETATM 1696 O O   . HOH B 2 .   ? -12.339 10.604  10.573  1.00 39.23 ? 473 HOH A O   1 
HETATM 1697 O O   . HOH B 2 .   ? -2.133  -17.280 -13.559 1.00 36.89 ? 474 HOH A O   1 
HETATM 1698 O O   . HOH B 2 .   ? 2.868   -21.486 -5.046  1.00 37.20 ? 475 HOH A O   1 
HETATM 1699 O O   . HOH B 2 .   ? 1.796   -19.159 16.097  1.00 43.03 ? 476 HOH A O   1 
HETATM 1700 O O   . HOH B 2 .   ? -3.355  8.549   -18.693 1.00 40.93 ? 477 HOH A O   1 
HETATM 1701 O O   . HOH B 2 .   ? 14.514  20.768  -10.245 1.00 34.89 ? 478 HOH A O   1 
HETATM 1702 O O   . HOH B 2 .   ? 2.134   -1.846  15.997  1.00 48.45 ? 479 HOH A O   1 
HETATM 1703 O O   . HOH B 2 .   ? -9.239  17.569  1.002   1.00 46.09 ? 480 HOH A O   1 
HETATM 1704 O O   . HOH B 2 .   ? -2.717  -3.846  -7.629  1.00 41.39 ? 481 HOH A O   1 
HETATM 1705 O O   . HOH B 2 .   ? -1.485  -1.598  16.696  1.00 37.31 ? 482 HOH A O   1 
HETATM 1706 O O   . HOH B 2 .   ? 1.829   16.427  1.219   1.00 36.10 ? 483 HOH A O   1 
HETATM 1707 O O   . HOH B 2 .   ? 15.877  8.893   7.980   1.00 41.46 ? 484 HOH A O   1 
HETATM 1708 O O   . HOH B 2 .   ? 9.789   -18.805 1.292   1.00 36.33 ? 485 HOH A O   1 
HETATM 1709 O O   . HOH B 2 .   ? -8.250  -20.511 11.913  1.00 45.13 ? 486 HOH A O   1 
HETATM 1710 O O   . HOH B 2 .   ? 2.093   13.609  3.075   1.00 42.65 ? 487 HOH A O   1 
HETATM 1711 O O   . HOH B 2 .   ? -1.678  -4.244  -10.627 1.00 41.10 ? 488 HOH A O   1 
HETATM 1712 O O   . HOH B 2 .   ? -9.665  -9.134  19.820  1.00 35.18 ? 489 HOH A O   1 
HETATM 1713 O O   . HOH B 2 .   ? 15.303  21.090  -6.689  1.00 40.66 ? 490 HOH A O   1 
HETATM 1714 O O   . HOH B 2 .   ? -4.104  7.433   -15.059 1.00 44.72 ? 491 HOH A O   1 
HETATM 1715 O O   . HOH B 2 .   ? 18.419  -2.491  -2.742  1.00 38.03 ? 492 HOH A O   1 
HETATM 1716 O O   . HOH B 2 .   ? 9.302   9.130   -21.116 1.00 46.85 ? 493 HOH A O   1 
HETATM 1717 O O   . HOH B 2 .   ? 3.790   -21.796 7.902   1.00 41.48 ? 494 HOH A O   1 
HETATM 1718 O O   . HOH B 2 .   ? -6.783  1.839   -12.304 1.00 44.81 ? 495 HOH A O   1 
HETATM 1719 O O   . HOH B 2 .   ? 20.922  11.297  -0.911  1.00 50.90 ? 496 HOH A O   1 
HETATM 1720 O O   . HOH B 2 .   ? -9.508  -15.543 15.447  1.00 38.51 ? 497 HOH A O   1 
HETATM 1721 O O   . HOH B 2 .   ? -3.729  -20.596 -10.207 1.00 36.67 ? 498 HOH A O   1 
HETATM 1722 O O   . HOH B 2 .   ? 11.301  13.798  -18.461 1.00 45.54 ? 499 HOH A O   1 
HETATM 1723 O O   . HOH B 2 .   ? 3.500   17.740  2.838   1.00 39.04 ? 500 HOH A O   1 
HETATM 1724 O O   . HOH B 2 .   ? -14.942 -15.295 12.066  1.00 35.64 ? 501 HOH A O   1 
HETATM 1725 O O   . HOH B 2 .   ? 5.698   4.868   -19.806 1.00 49.54 ? 502 HOH A O   1 
HETATM 1726 O O   . HOH B 2 .   ? 11.695  28.449  2.899   1.00 39.43 ? 503 HOH A O   1 
HETATM 1727 O O   . HOH B 2 .   ? -12.304 -21.253 9.213   1.00 40.23 ? 504 HOH A O   1 
HETATM 1728 O O   . HOH B 2 .   ? -2.018  -2.858  19.222  1.00 36.01 ? 505 HOH A O   1 
HETATM 1729 O O   . HOH B 2 .   ? 19.702  6.613   5.515   1.00 37.56 ? 506 HOH A O   1 
HETATM 1730 O O   . HOH B 2 .   ? -11.573 -18.481 13.166  1.00 35.18 ? 507 HOH A O   1 
HETATM 1731 O O   . HOH B 2 .   ? 1.209   -20.937 -11.555 1.00 36.77 ? 508 HOH A O   1 
HETATM 1732 O O   . HOH B 2 .   ? -5.617  1.600   -7.358  1.00 41.87 ? 509 HOH A O   1 
HETATM 1733 O O   . HOH B 2 .   ? 17.492  18.274  1.669   1.00 34.73 ? 510 HOH A O   1 
HETATM 1734 O O   . HOH B 2 .   ? -9.824  -6.203  19.721  1.00 32.06 ? 511 HOH A O   1 
HETATM 1735 O O   . HOH B 2 .   ? 19.980  16.115  7.516   1.00 41.22 ? 512 HOH A O   1 
HETATM 1736 O O   . HOH B 2 .   ? -13.603 -2.717  6.325   1.00 34.46 ? 513 HOH A O   1 
HETATM 1737 O O   . HOH B 2 .   ? -7.643  15.997  -0.960  1.00 30.53 ? 514 HOH A O   1 
HETATM 1738 O O   . HOH B 2 .   ? 14.027  9.071   12.051  1.00 30.21 ? 515 HOH A O   1 
HETATM 1739 O O   . HOH B 2 .   ? -10.883 -20.245 11.226  1.00 38.27 ? 516 HOH A O   1 
HETATM 1740 O O   . HOH B 2 .   ? 13.805  -22.348 1.967   1.00 34.14 ? 517 HOH A O   1 
HETATM 1741 O O   . HOH B 2 .   ? -9.576  -3.964  -4.360  1.00 36.46 ? 518 HOH A O   1 
HETATM 1742 O O   . HOH B 2 .   ? -5.609  -17.408 13.980  1.00 34.97 ? 519 HOH A O   1 
HETATM 1743 O O   . HOH B 2 .   ? -10.611 -4.523  -2.016  1.00 40.62 ? 520 HOH A O   1 
HETATM 1744 O O   . HOH B 2 .   ? 5.118   7.974   -20.758 1.00 34.74 ? 521 HOH A O   1 
HETATM 1745 O O   . HOH B 2 .   ? 17.331  3.222   6.737   1.00 33.51 ? 522 HOH A O   1 
HETATM 1746 O O   . HOH B 2 .   ? -7.602  13.680  -5.773  1.00 43.39 ? 523 HOH A O   1 
HETATM 1747 O O   . HOH B 2 .   ? -8.264  19.231  2.918   1.00 34.36 ? 524 HOH A O   1 
HETATM 1748 O O   . HOH B 2 .   ? -2.338  4.590   -16.255 1.00 44.80 ? 525 HOH A O   1 
HETATM 1749 O O   . HOH B 2 .   ? -11.228 -14.128 -11.305 1.00 45.95 ? 526 HOH A O   1 
HETATM 1750 O O   . HOH B 2 .   ? 2.304   -28.013 3.801   1.00 40.29 ? 527 HOH A O   1 
HETATM 1751 O O   . HOH B 2 .   ? 3.187   -1.509  11.262  1.00 35.65 ? 528 HOH A O   1 
HETATM 1752 O O   . HOH B 2 .   ? 19.738  3.973   5.757   1.00 31.73 ? 529 HOH A O   1 
HETATM 1753 O O   . HOH B 2 .   ? -6.266  -22.079 4.140   1.00 43.13 ? 530 HOH A O   1 
HETATM 1754 O O   . HOH B 2 .   ? -10.774 -20.528 4.334   1.00 43.93 ? 531 HOH A O   1 
HETATM 1755 O O   . HOH B 2 .   ? 12.984  -8.994  -1.534  1.00 45.66 ? 532 HOH A O   1 
HETATM 1756 O O   . HOH B 2 .   ? -14.629 -16.826 -11.421 1.00 48.13 ? 533 HOH A O   1 
HETATM 1757 O O   . HOH B 2 .   ? 4.224   -20.264 10.383  1.00 45.45 ? 534 HOH A O   1 
HETATM 1758 O O   . HOH B 2 .   ? -13.670 -15.104 -0.549  1.00 46.14 ? 535 HOH A O   1 
HETATM 1759 O O   . HOH B 2 .   ? 19.201  4.172   -0.210  1.00 44.12 ? 536 HOH A O   1 
HETATM 1760 O O   . HOH B 2 .   ? 2.286   -5.259  -11.425 1.00 41.03 ? 537 HOH A O   1 
HETATM 1761 O O   . HOH B 2 .   ? -10.732 -12.067 17.324  1.00 38.87 ? 538 HOH A O   1 
HETATM 1762 O O   . HOH B 2 .   ? -8.305  11.753  -7.327  1.00 34.27 ? 539 HOH A O   1 
HETATM 1763 O O   . HOH B 2 .   ? 3.201   13.869  6.869   1.00 40.83 ? 540 HOH A O   1 
HETATM 1764 O O   . HOH B 2 .   ? 18.811  9.916   -4.641  1.00 38.65 ? 541 HOH A O   1 
HETATM 1765 O O   . HOH B 2 .   ? -0.767  9.015   -19.447 1.00 44.83 ? 542 HOH A O   1 
HETATM 1766 O O   . HOH B 2 .   ? -17.029 -11.691 11.306  1.00 44.99 ? 543 HOH A O   1 
HETATM 1767 O O   . HOH B 2 .   ? 1.363   4.419   -16.236 1.00 40.38 ? 544 HOH A O   1 
HETATM 1768 O O   . HOH B 2 .   ? 2.379   14.452  10.439  1.00 42.47 ? 545 HOH A O   1 
HETATM 1769 O O   . HOH B 2 .   ? 12.084  18.075  -13.872 1.00 49.18 ? 546 HOH A O   1 
# 
